data_7KSL
#
_entry.id   7KSL
#
_cell.length_a   1.00
_cell.length_b   1.00
_cell.length_c   1.00
_cell.angle_alpha   90.00
_cell.angle_beta   90.00
_cell.angle_gamma   90.00
#
_symmetry.space_group_name_H-M   'P 1'
#
loop_
_entity.id
_entity.type
_entity.pdbx_description
1 polymer 'Lon protease homolog, mitochondrial'
2 non-polymer "ADENOSINE-5'-DIPHOSPHATE"
#
_entity_poly.entity_id   1
_entity_poly.type   'polypeptide(L)'
_entity_poly.pdbx_seq_one_letter_code
;FRERLKELVVPKHVMDVVDEELSKLGLLDNHSSEFNVTRNYLDWLTSIPWGKYSNENLDLARAQAVLEEDHYGMEDVKKR
ILEFIAVSQLRGSTQGKILCFYGPPGVGKTSIARSIARALNREYFRFSVGGMTDVAEIKGHRRTYVGAMPGKIIQCLKKT
KTENPLILIDEVDKIGRGYQGDPSSALLELLDPEQNANFLDHYLDVPVDLSKVLFICTANVTDTIPEPLRDRMEMINVSG
YVAQEKLAIAERYLVPQARALCGLDESKAKLSSDVLTLLIKQYCRESGVRNLQKQVEKVLRKSAYKIVSGEAESVEVTPE
NLQDFVGKPVFTVERMYDVTPPGVVMGLAWTAMGGSTLFVETSLRRPQDKDAKGDKDGSLEVTGQLGEVMKESARIAYTF
ARAFLMQHAPANDYLVTSHIHLHVPEGATPKDGPSAGCTIVTALLSLAMGRPVRQNLAMTGEVSLTGKILPVGGIKEKTI
AAKRAGVTCIVLPAENKKDFYDLAAFITEGLEVHFVEHYREIFDIAF
;
_entity_poly.pdbx_strand_id   C,B,A,F,E
#
# COMPACT_ATOMS: atom_id res chain seq x y z
N PHE A 1 -50.64 2.00 -31.90
CA PHE A 1 -51.13 2.27 -33.24
C PHE A 1 -51.21 3.78 -33.53
N ARG A 2 -51.26 4.11 -34.81
CA ARG A 2 -51.33 5.51 -35.23
C ARG A 2 -52.60 6.20 -34.73
N GLU A 3 -53.66 5.44 -34.45
CA GLU A 3 -54.86 6.03 -33.87
C GLU A 3 -54.56 6.67 -32.52
N ARG A 4 -54.02 5.87 -31.60
CA ARG A 4 -53.64 6.40 -30.29
C ARG A 4 -52.51 7.43 -30.41
N LEU A 5 -51.63 7.27 -31.40
CA LEU A 5 -50.62 8.30 -31.65
C LEU A 5 -51.27 9.65 -31.91
N LYS A 6 -52.18 9.69 -32.89
CA LYS A 6 -52.88 10.93 -33.22
C LYS A 6 -53.69 11.45 -32.04
N GLU A 7 -54.29 10.54 -31.27
CA GLU A 7 -55.01 10.97 -30.07
C GLU A 7 -54.09 11.55 -29.02
N LEU A 8 -52.79 11.22 -29.07
CA LEU A 8 -51.80 11.87 -28.24
C LEU A 8 -51.35 13.17 -28.91
N VAL A 9 -50.42 13.86 -28.25
CA VAL A 9 -49.84 15.09 -28.77
C VAL A 9 -48.33 14.96 -28.67
N VAL A 10 -47.72 14.47 -29.75
CA VAL A 10 -46.27 14.27 -29.80
C VAL A 10 -45.58 15.58 -30.19
N PRO A 11 -44.33 15.80 -29.76
CA PRO A 11 -43.60 17.00 -30.21
C PRO A 11 -42.96 16.81 -31.58
N LYS A 12 -42.17 17.80 -32.01
CA LYS A 12 -41.62 17.79 -33.37
C LYS A 12 -40.62 16.65 -33.57
N HIS A 13 -39.55 16.63 -32.76
CA HIS A 13 -38.51 15.62 -32.94
C HIS A 13 -39.04 14.21 -32.67
N VAL A 14 -39.83 14.05 -31.60
CA VAL A 14 -40.39 12.75 -31.29
C VAL A 14 -41.33 12.28 -32.39
N MET A 15 -42.16 13.19 -32.92
CA MET A 15 -43.07 12.83 -34.00
C MET A 15 -42.31 12.44 -35.26
N ASP A 16 -41.23 13.15 -35.56
CA ASP A 16 -40.43 12.83 -36.74
C ASP A 16 -39.79 11.45 -36.59
N VAL A 17 -39.20 11.18 -35.42
CA VAL A 17 -38.60 9.87 -35.19
C VAL A 17 -39.67 8.78 -35.22
N VAL A 18 -40.86 9.09 -34.72
CA VAL A 18 -41.95 8.10 -34.70
C VAL A 18 -42.36 7.75 -36.12
N ASP A 19 -42.61 8.76 -36.96
CA ASP A 19 -43.00 8.52 -38.33
C ASP A 19 -41.90 7.81 -39.12
N GLU A 20 -40.65 8.21 -38.90
CA GLU A 20 -39.52 7.56 -39.58
C GLU A 20 -39.47 6.08 -39.22
N GLU A 21 -39.48 5.76 -37.91
CA GLU A 21 -39.38 4.37 -37.49
C GLU A 21 -40.62 3.58 -37.87
N LEU A 22 -41.77 4.25 -38.01
CA LEU A 22 -42.99 3.55 -38.44
C LEU A 22 -42.90 3.16 -39.91
N SER A 23 -42.48 4.10 -40.77
CA SER A 23 -42.28 3.75 -42.17
C SER A 23 -41.13 2.77 -42.35
N LYS A 24 -40.18 2.75 -41.41
CA LYS A 24 -39.11 1.76 -41.44
C LYS A 24 -39.62 0.37 -41.07
N LEU A 25 -40.45 0.29 -40.04
CA LEU A 25 -41.12 -0.96 -39.71
C LEU A 25 -41.97 -1.46 -40.87
N GLY A 26 -42.67 -0.53 -41.54
CA GLY A 26 -43.41 -0.88 -42.75
C GLY A 26 -42.52 -1.21 -43.93
N LEU A 27 -41.25 -0.79 -43.89
CA LEU A 27 -40.28 -1.13 -44.92
C LEU A 27 -39.55 -2.43 -44.60
N LEU A 28 -40.14 -3.30 -43.79
CA LEU A 28 -39.59 -4.60 -43.44
C LEU A 28 -40.59 -5.70 -43.78
N ASP A 29 -40.13 -6.94 -43.67
CA ASP A 29 -40.99 -8.11 -43.78
C ASP A 29 -41.37 -8.56 -42.37
N ASN A 30 -42.00 -9.73 -42.27
CA ASN A 30 -42.20 -10.39 -41.00
C ASN A 30 -41.11 -11.45 -40.80
N HIS A 31 -41.23 -12.26 -39.75
CA HIS A 31 -40.32 -13.38 -39.50
C HIS A 31 -38.87 -12.92 -39.40
N SER A 32 -38.65 -11.89 -38.59
CA SER A 32 -37.30 -11.36 -38.40
C SER A 32 -37.23 -10.65 -37.06
N SER A 33 -36.09 -10.81 -36.39
CA SER A 33 -35.87 -10.06 -35.16
C SER A 33 -35.84 -8.56 -35.42
N GLU A 34 -35.44 -8.16 -36.63
CA GLU A 34 -35.53 -6.75 -37.00
C GLU A 34 -36.98 -6.30 -37.04
N PHE A 35 -37.85 -7.11 -37.63
CA PHE A 35 -39.29 -6.81 -37.61
C PHE A 35 -39.85 -6.78 -36.20
N ASN A 36 -39.37 -7.67 -35.33
CA ASN A 36 -39.85 -7.69 -33.95
C ASN A 36 -39.42 -6.43 -33.20
N VAL A 37 -38.17 -6.00 -33.40
CA VAL A 37 -37.69 -4.77 -32.78
C VAL A 37 -38.39 -3.54 -33.36
N THR A 38 -38.76 -3.58 -34.64
CA THR A 38 -39.49 -2.46 -35.23
C THR A 38 -40.90 -2.38 -34.66
N ARG A 39 -41.59 -3.52 -34.55
CA ARG A 39 -42.89 -3.54 -33.90
C ARG A 39 -42.78 -3.12 -32.44
N ASN A 40 -41.65 -3.44 -31.79
CA ASN A 40 -41.42 -3.01 -30.42
C ASN A 40 -41.31 -1.49 -30.34
N TYR A 41 -40.50 -0.90 -31.22
CA TYR A 41 -40.37 0.56 -31.25
C TYR A 41 -41.71 1.21 -31.55
N LEU A 42 -42.51 0.59 -32.42
CA LEU A 42 -43.83 1.13 -32.73
C LEU A 42 -44.73 1.08 -31.49
N ASP A 43 -44.77 -0.08 -30.82
CA ASP A 43 -45.60 -0.22 -29.64
C ASP A 43 -45.17 0.76 -28.54
N TRP A 44 -43.86 0.97 -28.40
CA TRP A 44 -43.39 1.91 -27.39
C TRP A 44 -43.74 3.34 -27.75
N LEU A 45 -43.53 3.72 -29.02
CA LEU A 45 -43.87 5.08 -29.47
C LEU A 45 -45.37 5.35 -29.37
N THR A 46 -46.20 4.31 -29.47
CA THR A 46 -47.63 4.49 -29.28
C THR A 46 -47.99 4.53 -27.80
N SER A 47 -47.61 3.50 -27.04
CA SER A 47 -47.93 3.38 -25.62
C SER A 47 -47.14 4.33 -24.75
N ILE A 48 -46.39 5.27 -25.32
CA ILE A 48 -45.82 6.35 -24.52
C ILE A 48 -46.81 7.50 -24.52
N PRO A 49 -47.15 8.05 -23.36
CA PRO A 49 -47.97 9.28 -23.32
C PRO A 49 -47.13 10.52 -23.54
N TRP A 50 -47.27 11.13 -24.70
CA TRP A 50 -46.69 12.46 -24.93
C TRP A 50 -47.51 13.56 -24.27
N GLY A 51 -48.66 13.22 -23.69
CA GLY A 51 -49.43 14.13 -22.85
C GLY A 51 -49.61 13.54 -21.47
N LYS A 52 -50.87 13.28 -21.10
CA LYS A 52 -51.22 12.60 -19.85
C LYS A 52 -50.89 13.44 -18.62
N TYR A 53 -51.16 14.74 -18.70
CA TYR A 53 -51.15 15.59 -17.52
C TYR A 53 -52.46 15.34 -16.76
N SER A 54 -52.53 14.15 -16.15
CA SER A 54 -53.70 13.72 -15.40
C SER A 54 -54.09 14.77 -14.38
N ASN A 55 -55.34 15.22 -14.47
CA ASN A 55 -55.74 16.42 -13.75
C ASN A 55 -55.63 16.23 -12.24
N GLU A 56 -54.64 16.89 -11.66
CA GLU A 56 -54.43 16.83 -10.23
C GLU A 56 -55.51 17.62 -9.51
N ASN A 57 -55.76 17.26 -8.27
CA ASN A 57 -56.72 18.01 -7.48
C ASN A 57 -56.15 19.37 -7.12
N LEU A 58 -57.03 20.25 -6.66
CA LEU A 58 -56.63 21.53 -6.11
C LEU A 58 -57.37 21.90 -4.84
N ASP A 59 -58.45 21.20 -4.49
CA ASP A 59 -59.21 21.53 -3.30
C ASP A 59 -58.48 21.09 -2.04
N LEU A 60 -58.03 22.04 -1.24
CA LEU A 60 -57.29 21.68 -0.03
C LEU A 60 -58.21 21.01 0.98
N ALA A 61 -59.48 21.41 1.04
CA ALA A 61 -60.43 20.73 1.90
C ALA A 61 -60.55 19.26 1.51
N ARG A 62 -60.75 18.99 0.22
CA ARG A 62 -60.85 17.63 -0.26
C ARG A 62 -59.58 16.83 -0.07
N ALA A 63 -58.41 17.49 -0.19
CA ALA A 63 -57.15 16.77 -0.01
C ALA A 63 -56.93 16.42 1.45
N GLN A 64 -57.15 17.38 2.34
CA GLN A 64 -57.14 17.09 3.77
C GLN A 64 -58.07 15.91 4.08
N ALA A 65 -59.27 15.91 3.50
CA ALA A 65 -60.23 14.85 3.78
C ALA A 65 -59.72 13.51 3.26
N VAL A 66 -59.24 13.46 2.02
CA VAL A 66 -58.87 12.18 1.42
C VAL A 66 -57.65 11.59 2.14
N LEU A 67 -56.74 12.45 2.58
CA LEU A 67 -55.61 11.95 3.38
C LEU A 67 -56.10 11.42 4.71
N GLU A 68 -56.77 12.28 5.48
CA GLU A 68 -57.13 11.93 6.86
C GLU A 68 -58.02 10.70 6.91
N GLU A 69 -59.00 10.59 6.03
CA GLU A 69 -59.92 9.46 6.10
C GLU A 69 -59.27 8.14 5.70
N ASP A 70 -58.08 8.18 5.11
CA ASP A 70 -57.37 6.96 4.75
C ASP A 70 -56.22 6.63 5.68
N HIS A 71 -55.63 7.60 6.37
CA HIS A 71 -54.52 7.35 7.26
C HIS A 71 -54.71 8.05 8.60
N TYR A 72 -54.07 7.50 9.62
CA TYR A 72 -54.17 8.05 10.97
C TYR A 72 -52.89 8.78 11.36
N GLY A 73 -53.05 9.82 12.16
CA GLY A 73 -51.89 10.57 12.63
C GLY A 73 -51.14 11.18 11.49
N MET A 74 -49.81 11.16 11.58
CA MET A 74 -48.93 11.59 10.49
C MET A 74 -49.26 13.01 10.04
N GLU A 75 -49.43 13.91 11.02
CA GLU A 75 -49.82 15.28 10.70
C GLU A 75 -48.73 16.02 9.97
N ASP A 76 -47.47 15.70 10.25
CA ASP A 76 -46.37 16.36 9.55
C ASP A 76 -46.38 16.01 8.08
N VAL A 77 -46.45 14.72 7.75
CA VAL A 77 -46.49 14.31 6.36
C VAL A 77 -47.74 14.84 5.68
N LYS A 78 -48.86 14.84 6.39
CA LYS A 78 -50.08 15.37 5.80
C LYS A 78 -49.91 16.85 5.46
N LYS A 79 -49.30 17.61 6.37
CA LYS A 79 -49.04 19.02 6.10
C LYS A 79 -48.13 19.19 4.90
N ARG A 80 -47.12 18.33 4.76
CA ARG A 80 -46.20 18.47 3.66
C ARG A 80 -46.87 18.16 2.32
N ILE A 81 -47.71 17.13 2.30
CA ILE A 81 -48.42 16.82 1.06
C ILE A 81 -49.39 17.94 0.72
N LEU A 82 -50.06 18.50 1.74
CA LEU A 82 -50.92 19.64 1.49
C LEU A 82 -50.14 20.82 0.96
N GLU A 83 -48.89 20.98 1.39
CA GLU A 83 -48.09 22.11 0.90
C GLU A 83 -47.63 21.88 -0.53
N PHE A 84 -47.25 20.65 -0.87
CA PHE A 84 -46.94 20.32 -2.26
C PHE A 84 -48.14 20.60 -3.15
N ILE A 85 -49.33 20.18 -2.71
CA ILE A 85 -50.56 20.48 -3.44
C ILE A 85 -50.75 21.99 -3.56
N ALA A 86 -50.60 22.70 -2.45
CA ALA A 86 -50.84 24.14 -2.43
C ALA A 86 -49.94 24.88 -3.41
N VAL A 87 -48.65 24.50 -3.44
CA VAL A 87 -47.72 25.21 -4.30
C VAL A 87 -47.89 24.76 -5.74
N SER A 88 -48.32 23.51 -5.96
CA SER A 88 -48.60 23.06 -7.31
C SER A 88 -49.83 23.76 -7.88
N GLN A 89 -50.74 24.20 -7.01
CA GLN A 89 -51.90 24.94 -7.49
C GLN A 89 -51.52 26.38 -7.84
N LEU A 90 -50.64 27.00 -7.05
CA LEU A 90 -50.20 28.36 -7.34
C LEU A 90 -49.35 28.39 -8.60
N ARG A 91 -48.25 27.65 -8.61
CA ARG A 91 -47.49 27.45 -9.82
C ARG A 91 -48.37 26.81 -10.89
N GLY A 92 -48.10 27.13 -12.16
CA GLY A 92 -48.97 26.69 -13.23
C GLY A 92 -49.21 25.19 -13.25
N SER A 93 -48.21 24.41 -12.86
CA SER A 93 -48.32 22.96 -12.94
C SER A 93 -47.41 22.34 -11.88
N THR A 94 -47.37 21.01 -11.87
CA THR A 94 -46.61 20.29 -10.85
C THR A 94 -45.14 20.66 -10.91
N GLN A 95 -44.55 20.83 -9.73
CA GLN A 95 -43.14 21.22 -9.62
C GLN A 95 -42.19 20.03 -9.72
N GLY A 96 -42.68 18.82 -9.45
CA GLY A 96 -41.81 17.66 -9.48
C GLY A 96 -40.98 17.48 -8.23
N LYS A 97 -41.53 17.87 -7.07
CA LYS A 97 -40.76 17.85 -5.84
C LYS A 97 -40.40 16.43 -5.44
N ILE A 98 -39.12 16.22 -5.16
CA ILE A 98 -38.59 14.89 -4.85
C ILE A 98 -38.60 14.73 -3.34
N LEU A 99 -39.45 13.84 -2.83
CA LEU A 99 -39.61 13.64 -1.40
C LEU A 99 -39.03 12.30 -0.99
N CYS A 100 -38.42 12.25 0.19
CA CYS A 100 -37.92 11.01 0.77
C CYS A 100 -38.52 10.86 2.16
N PHE A 101 -38.85 9.62 2.51
CA PHE A 101 -39.51 9.30 3.77
C PHE A 101 -38.58 8.41 4.58
N TYR A 102 -38.02 8.95 5.65
CA TYR A 102 -37.17 8.20 6.55
C TYR A 102 -37.99 7.74 7.73
N GLY A 103 -37.74 6.51 8.20
CA GLY A 103 -38.46 6.02 9.34
C GLY A 103 -38.20 4.57 9.68
N PRO A 104 -38.75 4.11 10.81
CA PRO A 104 -38.56 2.73 11.21
C PRO A 104 -39.29 1.79 10.25
N PRO A 105 -38.99 0.49 10.30
CA PRO A 105 -39.59 -0.42 9.31
C PRO A 105 -41.04 -0.73 9.65
N GLY A 106 -41.86 -0.82 8.60
CA GLY A 106 -43.27 -1.11 8.78
C GLY A 106 -43.96 -0.10 9.68
N VAL A 107 -44.00 1.16 9.25
CA VAL A 107 -44.56 2.23 10.05
C VAL A 107 -45.54 3.09 9.25
N GLY A 108 -45.62 2.89 7.94
CA GLY A 108 -46.64 3.49 7.12
C GLY A 108 -46.15 4.26 5.90
N LYS A 109 -44.91 4.06 5.46
CA LYS A 109 -44.37 4.88 4.39
C LYS A 109 -44.96 4.55 3.02
N THR A 110 -45.02 3.28 2.65
CA THR A 110 -45.49 2.94 1.31
C THR A 110 -46.98 3.21 1.16
N SER A 111 -47.76 2.97 2.21
CA SER A 111 -49.19 3.26 2.14
C SER A 111 -49.47 4.75 2.02
N ILE A 112 -48.68 5.60 2.69
CA ILE A 112 -48.90 7.04 2.55
C ILE A 112 -48.44 7.48 1.16
N ALA A 113 -47.44 6.82 0.60
CA ALA A 113 -47.13 7.05 -0.81
C ALA A 113 -48.35 6.79 -1.68
N ARG A 114 -48.99 5.64 -1.49
CA ARG A 114 -50.17 5.30 -2.27
C ARG A 114 -51.27 6.33 -2.10
N SER A 115 -51.55 6.71 -0.85
CA SER A 115 -52.66 7.63 -0.59
C SER A 115 -52.37 9.01 -1.14
N ILE A 116 -51.09 9.41 -1.17
CA ILE A 116 -50.74 10.69 -1.76
C ILE A 116 -50.92 10.64 -3.27
N ALA A 117 -50.57 9.51 -3.89
CA ALA A 117 -50.92 9.30 -5.29
C ALA A 117 -52.41 9.50 -5.51
N ARG A 118 -53.22 8.83 -4.68
CA ARG A 118 -54.66 8.89 -4.85
C ARG A 118 -55.17 10.32 -4.71
N ALA A 119 -54.64 11.06 -3.75
CA ALA A 119 -55.04 12.44 -3.54
C ALA A 119 -54.66 13.32 -4.72
N LEU A 120 -53.51 13.05 -5.34
CA LEU A 120 -53.11 13.77 -6.54
C LEU A 120 -53.88 13.31 -7.76
N ASN A 121 -54.58 12.18 -7.68
CA ASN A 121 -55.45 11.59 -8.69
C ASN A 121 -54.66 10.95 -9.83
N ARG A 122 -53.35 11.09 -9.89
CA ARG A 122 -52.57 10.36 -10.87
C ARG A 122 -52.30 8.95 -10.35
N GLU A 123 -51.71 8.12 -11.20
CA GLU A 123 -51.50 6.71 -10.89
C GLU A 123 -50.38 6.53 -9.89
N TYR A 124 -50.35 5.35 -9.28
CA TYR A 124 -49.34 4.97 -8.31
C TYR A 124 -48.47 3.84 -8.85
N PHE A 125 -47.25 3.75 -8.33
CA PHE A 125 -46.35 2.67 -8.69
C PHE A 125 -45.32 2.48 -7.59
N ARG A 126 -44.89 1.23 -7.41
CA ARG A 126 -43.92 0.88 -6.38
C ARG A 126 -42.95 -0.17 -6.91
N PHE A 127 -41.73 -0.12 -6.37
CA PHE A 127 -40.71 -1.13 -6.63
C PHE A 127 -39.51 -0.89 -5.72
N SER A 128 -38.82 -1.93 -5.35
CA SER A 128 -37.66 -1.77 -4.47
C SER A 128 -36.39 -1.59 -5.27
N VAL A 129 -35.36 -1.09 -4.59
CA VAL A 129 -34.00 -1.03 -5.12
C VAL A 129 -33.07 -1.61 -4.07
N GLY A 130 -33.61 -2.47 -3.21
CA GLY A 130 -32.85 -2.99 -2.09
C GLY A 130 -31.57 -3.70 -2.47
N GLY A 131 -31.49 -4.22 -3.70
CA GLY A 131 -30.30 -4.92 -4.11
C GLY A 131 -29.91 -4.76 -5.57
N MET A 132 -30.58 -3.85 -6.28
CA MET A 132 -30.28 -3.69 -7.70
C MET A 132 -28.85 -3.23 -7.87
N THR A 133 -28.16 -3.85 -8.84
CA THR A 133 -26.72 -3.63 -9.02
C THR A 133 -26.35 -2.94 -10.32
N ASP A 134 -27.17 -3.06 -11.36
CA ASP A 134 -26.84 -2.42 -12.63
C ASP A 134 -27.21 -0.94 -12.57
N VAL A 135 -27.19 -0.28 -13.73
CA VAL A 135 -27.51 1.14 -13.84
C VAL A 135 -28.65 1.40 -14.81
N ALA A 136 -28.69 0.68 -15.94
CA ALA A 136 -29.57 1.06 -17.03
C ALA A 136 -31.02 0.65 -16.78
N GLU A 137 -31.24 -0.57 -16.30
CA GLU A 137 -32.59 -1.14 -16.28
C GLU A 137 -33.56 -0.36 -15.41
N ILE A 138 -33.08 0.56 -14.58
CA ILE A 138 -33.97 1.31 -13.71
C ILE A 138 -34.38 2.62 -14.38
N GLY A 151 -36.52 1.50 -17.65
CA GLY A 151 -36.87 0.09 -17.62
C GLY A 151 -38.16 -0.19 -16.89
N LYS A 152 -38.06 -0.42 -15.58
CA LYS A 152 -39.25 -0.53 -14.75
C LYS A 152 -40.17 0.67 -14.97
N ILE A 153 -39.56 1.86 -15.03
CA ILE A 153 -40.31 3.09 -15.31
C ILE A 153 -41.08 2.98 -16.61
N ILE A 154 -40.51 2.30 -17.62
CA ILE A 154 -41.12 2.26 -18.94
C ILE A 154 -42.47 1.56 -18.87
N GLN A 155 -42.47 0.28 -18.49
CA GLN A 155 -43.70 -0.47 -18.31
C GLN A 155 -44.62 0.18 -17.28
N CYS A 156 -44.06 0.80 -16.24
CA CYS A 156 -44.85 1.53 -15.28
C CYS A 156 -45.70 2.59 -15.95
N LEU A 157 -45.06 3.60 -16.54
CA LEU A 157 -45.78 4.67 -17.19
C LEU A 157 -46.65 4.18 -18.33
N LYS A 158 -46.30 3.03 -18.92
CA LYS A 158 -47.22 2.39 -19.85
C LYS A 158 -48.54 2.06 -19.17
N LYS A 159 -48.46 1.23 -18.11
CA LYS A 159 -49.66 0.85 -17.36
C LYS A 159 -50.36 2.05 -16.74
N THR A 160 -49.65 3.16 -16.55
CA THR A 160 -50.18 4.29 -15.80
C THR A 160 -50.86 5.34 -16.68
N LYS A 161 -50.25 5.67 -17.83
CA LYS A 161 -50.79 6.67 -18.74
C LYS A 161 -50.97 8.01 -18.04
N THR A 162 -50.00 8.38 -17.21
CA THR A 162 -50.00 9.64 -16.51
C THR A 162 -48.59 10.23 -16.55
N GLU A 163 -48.51 11.56 -16.64
CA GLU A 163 -47.20 12.20 -16.67
C GLU A 163 -46.44 11.94 -15.37
N ASN A 164 -47.12 12.11 -14.24
CA ASN A 164 -46.55 11.77 -12.94
C ASN A 164 -47.18 10.50 -12.43
N PRO A 165 -46.60 9.33 -12.71
CA PRO A 165 -47.08 8.08 -12.10
C PRO A 165 -46.63 7.89 -10.66
N LEU A 166 -46.14 8.95 -10.02
CA LEU A 166 -45.66 8.93 -8.63
C LEU A 166 -44.72 7.74 -8.42
N ILE A 167 -43.59 7.79 -9.11
CA ILE A 167 -42.67 6.66 -9.09
C ILE A 167 -42.10 6.51 -7.69
N LEU A 168 -42.58 5.53 -6.95
CA LEU A 168 -41.97 5.23 -5.67
C LEU A 168 -40.73 4.40 -5.90
N ILE A 169 -39.71 4.65 -5.10
CA ILE A 169 -38.48 3.87 -5.13
C ILE A 169 -38.24 3.40 -3.71
N ASP A 170 -38.72 2.21 -3.40
CA ASP A 170 -38.69 1.71 -2.03
C ASP A 170 -37.26 1.38 -1.62
N GLU A 171 -36.90 1.80 -0.41
CA GLU A 171 -35.61 1.47 0.21
C GLU A 171 -34.44 1.95 -0.65
N VAL A 172 -34.37 3.27 -0.83
CA VAL A 172 -33.19 3.87 -1.48
C VAL A 172 -31.96 3.79 -0.59
N ASP A 173 -32.11 3.41 0.67
CA ASP A 173 -31.00 3.30 1.61
C ASP A 173 -30.23 2.00 1.46
N LYS A 174 -30.53 1.20 0.45
CA LYS A 174 -29.97 -0.13 0.26
C LYS A 174 -29.38 -0.29 -1.13
N ILE A 175 -28.57 0.68 -1.54
CA ILE A 175 -27.85 0.55 -2.80
C ILE A 175 -26.37 0.79 -2.56
N PRO A 183 -24.49 2.55 -10.56
CA PRO A 183 -25.50 2.13 -9.58
C PRO A 183 -26.36 3.29 -9.12
N SER A 184 -26.02 3.87 -7.96
CA SER A 184 -26.75 5.03 -7.45
C SER A 184 -26.65 6.23 -8.37
N SER A 185 -25.79 6.18 -9.38
CA SER A 185 -25.70 7.28 -10.33
C SER A 185 -26.95 7.38 -11.19
N ALA A 186 -27.59 6.25 -11.47
CA ALA A 186 -28.88 6.28 -12.16
C ALA A 186 -29.92 7.02 -11.33
N LEU A 187 -29.95 6.77 -10.01
CA LEU A 187 -30.88 7.49 -9.15
C LEU A 187 -30.50 8.96 -9.02
N LEU A 188 -29.19 9.25 -9.08
CA LEU A 188 -28.76 10.64 -9.15
C LEU A 188 -29.34 11.33 -10.37
N GLU A 189 -29.22 10.68 -11.54
CA GLU A 189 -29.82 11.20 -12.76
C GLU A 189 -31.32 11.43 -12.59
N LEU A 190 -32.04 10.38 -12.19
CA LEU A 190 -33.49 10.45 -12.02
C LEU A 190 -33.89 11.63 -11.14
N LEU A 191 -33.26 11.75 -9.96
CA LEU A 191 -33.61 12.82 -9.02
C LEU A 191 -32.57 13.93 -9.09
N ASP A 192 -32.63 14.72 -10.17
CA ASP A 192 -31.72 15.84 -10.32
C ASP A 192 -32.29 16.87 -11.28
N PRO A 193 -32.58 18.10 -10.82
CA PRO A 193 -33.21 19.09 -11.72
C PRO A 193 -32.57 19.23 -13.09
N GLU A 194 -31.24 19.11 -13.18
CA GLU A 194 -30.59 19.18 -14.48
C GLU A 194 -31.01 18.03 -15.39
N GLN A 195 -30.98 16.80 -14.88
CA GLN A 195 -31.39 15.64 -15.65
C GLN A 195 -32.90 15.41 -15.63
N ASN A 196 -33.66 16.32 -15.01
CA ASN A 196 -35.11 16.29 -15.08
C ASN A 196 -35.65 17.32 -16.05
N ALA A 197 -34.88 18.37 -16.31
CA ALA A 197 -35.08 19.15 -17.53
C ALA A 197 -35.10 18.26 -18.75
N ASN A 198 -34.42 17.11 -18.69
CA ASN A 198 -34.50 16.08 -19.73
C ASN A 198 -34.08 14.74 -19.14
N PHE A 199 -35.02 13.80 -19.03
CA PHE A 199 -34.72 12.50 -18.44
C PHE A 199 -33.68 11.75 -19.27
N LEU A 200 -33.95 11.54 -20.56
CA LEU A 200 -33.02 10.90 -21.48
C LEU A 200 -32.63 9.50 -20.99
N ASP A 201 -33.62 8.63 -20.96
CA ASP A 201 -33.37 7.25 -20.59
C ASP A 201 -32.63 6.52 -21.72
N HIS A 202 -32.20 5.29 -21.43
CA HIS A 202 -31.40 4.53 -22.37
C HIS A 202 -32.20 3.92 -23.51
N TYR A 203 -33.44 3.53 -23.25
CA TYR A 203 -34.27 2.95 -24.30
C TYR A 203 -34.74 4.02 -25.26
N LEU A 204 -35.51 4.98 -24.78
CA LEU A 204 -35.99 6.08 -25.61
C LEU A 204 -34.87 7.09 -25.77
N ASP A 205 -34.39 7.25 -27.00
CA ASP A 205 -33.39 8.28 -27.29
C ASP A 205 -33.99 9.67 -27.32
N VAL A 206 -35.31 9.78 -27.22
CA VAL A 206 -35.98 11.07 -27.09
C VAL A 206 -35.96 11.46 -25.62
N PRO A 207 -35.35 12.59 -25.25
CA PRO A 207 -35.27 12.96 -23.83
C PRO A 207 -36.62 13.32 -23.24
N VAL A 208 -37.15 12.44 -22.39
CA VAL A 208 -38.42 12.67 -21.74
C VAL A 208 -38.23 13.66 -20.58
N ASP A 209 -39.33 14.22 -20.11
CA ASP A 209 -39.28 15.16 -19.01
C ASP A 209 -39.64 14.46 -17.70
N LEU A 210 -39.05 14.96 -16.62
CA LEU A 210 -39.35 14.46 -15.28
C LEU A 210 -39.79 15.57 -14.34
N SER A 211 -39.89 16.80 -14.83
CA SER A 211 -40.11 17.99 -14.00
C SER A 211 -41.46 17.99 -13.30
N LYS A 212 -42.28 16.95 -13.45
CA LYS A 212 -43.58 16.90 -12.78
C LYS A 212 -43.88 15.54 -12.15
N VAL A 213 -42.98 14.56 -12.29
CA VAL A 213 -43.21 13.21 -11.78
C VAL A 213 -42.93 13.23 -10.29
N LEU A 214 -43.99 13.17 -9.49
CA LEU A 214 -43.85 13.33 -8.05
C LEU A 214 -43.12 12.11 -7.50
N PHE A 215 -41.81 12.25 -7.30
CA PHE A 215 -40.99 11.15 -6.80
C PHE A 215 -41.18 11.02 -5.30
N ILE A 216 -41.56 9.82 -4.87
CA ILE A 216 -41.77 9.51 -3.45
C ILE A 216 -40.88 8.31 -3.14
N CYS A 217 -39.66 8.58 -2.66
CA CYS A 217 -38.73 7.52 -2.32
C CYS A 217 -38.66 7.37 -0.81
N THR A 218 -38.38 6.15 -0.38
CA THR A 218 -38.40 5.82 1.04
C THR A 218 -37.06 5.22 1.45
N ALA A 219 -36.61 5.59 2.65
CA ALA A 219 -35.40 5.05 3.22
C ALA A 219 -35.68 4.61 4.65
N ASN A 220 -34.63 4.28 5.40
CA ASN A 220 -34.81 4.02 6.83
C ASN A 220 -33.96 4.98 7.64
N VAL A 221 -32.72 5.20 7.21
CA VAL A 221 -31.83 6.15 7.85
C VAL A 221 -31.34 7.16 6.83
N THR A 222 -31.03 8.36 7.31
CA THR A 222 -30.54 9.43 6.46
C THR A 222 -29.02 9.45 6.37
N ASP A 223 -28.33 8.55 7.06
CA ASP A 223 -26.87 8.61 7.13
C ASP A 223 -26.20 7.70 6.11
N THR A 224 -26.95 7.05 5.22
CA THR A 224 -26.38 6.11 4.27
C THR A 224 -26.72 6.43 2.82
N ILE A 225 -27.67 7.32 2.57
CA ILE A 225 -27.97 7.69 1.19
C ILE A 225 -26.75 8.37 0.58
N PRO A 226 -26.35 8.04 -0.65
CA PRO A 226 -25.21 8.73 -1.26
C PRO A 226 -25.37 10.23 -1.19
N GLU A 227 -24.32 10.90 -0.71
CA GLU A 227 -24.37 12.34 -0.41
C GLU A 227 -25.06 13.19 -1.48
N PRO A 228 -24.78 13.05 -2.78
CA PRO A 228 -25.50 13.87 -3.76
C PRO A 228 -27.00 13.60 -3.79
N LEU A 229 -27.41 12.34 -3.65
CA LEU A 229 -28.83 12.04 -3.47
C LEU A 229 -29.35 12.69 -2.20
N ARG A 230 -28.78 12.34 -1.06
CA ARG A 230 -29.26 12.80 0.23
C ARG A 230 -29.35 14.30 0.31
N ASP A 231 -28.58 15.02 -0.51
CA ASP A 231 -28.61 16.48 -0.53
C ASP A 231 -29.46 17.04 -1.67
N ARG A 232 -30.31 16.21 -2.28
CA ARG A 232 -31.13 16.64 -3.41
C ARG A 232 -32.62 16.59 -3.15
N MET A 233 -33.08 15.64 -2.32
CA MET A 233 -34.50 15.46 -2.07
C MET A 233 -34.86 15.88 -0.66
N GLU A 234 -36.09 16.36 -0.48
CA GLU A 234 -36.53 16.83 0.83
C GLU A 234 -36.84 15.64 1.73
N MET A 235 -36.17 15.56 2.87
CA MET A 235 -36.30 14.42 3.76
C MET A 235 -37.35 14.71 4.82
N ILE A 236 -38.40 13.91 4.85
CA ILE A 236 -39.43 13.94 5.89
C ILE A 236 -39.31 12.65 6.69
N ASN A 237 -39.35 12.78 8.00
CA ASN A 237 -39.27 11.63 8.88
C ASN A 237 -40.63 11.36 9.49
N VAL A 238 -40.98 10.08 9.61
CA VAL A 238 -42.18 9.63 10.28
C VAL A 238 -41.75 8.84 11.51
N SER A 239 -42.62 8.81 12.51
CA SER A 239 -42.29 8.24 13.80
C SER A 239 -43.17 7.04 14.11
N GLY A 240 -42.67 6.19 15.00
CA GLY A 240 -43.46 5.10 15.53
C GLY A 240 -44.61 5.62 16.36
N TYR A 241 -45.47 4.69 16.77
CA TYR A 241 -46.69 5.06 17.46
C TYR A 241 -46.72 4.50 18.87
N VAL A 242 -47.30 5.28 19.78
CA VAL A 242 -47.59 4.81 21.13
C VAL A 242 -48.75 3.83 21.08
N ALA A 243 -48.81 2.95 22.09
CA ALA A 243 -49.86 1.94 22.16
C ALA A 243 -51.24 2.47 21.80
N GLN A 244 -51.56 3.70 22.17
CA GLN A 244 -52.86 4.28 21.81
C GLN A 244 -53.02 4.35 20.30
N GLU A 245 -52.05 4.95 19.62
CA GLU A 245 -52.15 5.11 18.16
C GLU A 245 -52.00 3.78 17.44
N LYS A 246 -51.21 2.86 17.99
CA LYS A 246 -51.12 1.53 17.40
C LYS A 246 -52.45 0.80 17.50
N LEU A 247 -53.12 0.92 18.65
CA LEU A 247 -54.45 0.37 18.83
C LEU A 247 -55.42 0.96 17.82
N ALA A 248 -55.44 2.29 17.70
CA ALA A 248 -56.38 2.93 16.79
C ALA A 248 -56.13 2.52 15.35
N ILE A 249 -54.86 2.39 14.96
CA ILE A 249 -54.54 1.99 13.60
C ILE A 249 -55.01 0.56 13.34
N ALA A 250 -54.67 -0.36 14.24
CA ALA A 250 -55.04 -1.75 14.04
C ALA A 250 -56.55 -1.94 14.12
N GLU A 251 -57.24 -1.03 14.81
CA GLU A 251 -58.69 -1.11 14.88
C GLU A 251 -59.33 -0.62 13.58
N ARG A 252 -59.05 0.63 13.21
CA ARG A 252 -59.77 1.25 12.11
C ARG A 252 -59.26 0.87 10.73
N TYR A 253 -58.04 0.36 10.61
CA TYR A 253 -57.60 0.05 9.26
C TYR A 253 -57.07 -1.37 9.12
N LEU A 254 -56.34 -1.87 10.11
CA LEU A 254 -55.62 -3.13 9.93
C LEU A 254 -56.58 -4.32 10.01
N VAL A 255 -57.44 -4.36 11.01
CA VAL A 255 -58.41 -5.44 11.11
C VAL A 255 -59.40 -5.43 9.94
N PRO A 256 -59.99 -4.30 9.55
CA PRO A 256 -60.82 -4.32 8.34
C PRO A 256 -60.08 -4.75 7.08
N GLN A 257 -58.84 -4.28 6.89
CA GLN A 257 -58.09 -4.68 5.70
C GLN A 257 -57.83 -6.19 5.70
N ALA A 258 -57.46 -6.73 6.86
CA ALA A 258 -57.14 -8.15 6.92
C ALA A 258 -58.39 -9.02 6.77
N ARG A 259 -59.51 -8.58 7.34
CA ARG A 259 -60.78 -9.26 7.10
C ARG A 259 -61.11 -9.27 5.62
N ALA A 260 -60.98 -8.10 4.98
CA ALA A 260 -61.30 -7.99 3.56
C ALA A 260 -60.42 -8.93 2.73
N LEU A 261 -59.14 -9.04 3.07
CA LEU A 261 -58.27 -9.90 2.27
C LEU A 261 -58.52 -11.38 2.57
N CYS A 262 -58.91 -11.72 3.80
CA CYS A 262 -59.04 -13.12 4.19
C CYS A 262 -60.42 -13.71 3.92
N GLY A 263 -61.43 -12.87 3.70
CA GLY A 263 -62.77 -13.32 3.38
C GLY A 263 -63.76 -13.16 4.52
N LEU A 264 -63.28 -13.27 5.77
CA LEU A 264 -64.17 -13.17 6.92
C LEU A 264 -64.84 -11.81 6.94
N ASP A 265 -66.11 -11.80 7.36
CA ASP A 265 -66.89 -10.58 7.45
C ASP A 265 -66.88 -10.08 8.90
N GLU A 266 -67.68 -9.05 9.16
CA GLU A 266 -67.85 -8.57 10.53
C GLU A 266 -68.58 -9.59 11.40
N SER A 267 -68.99 -10.73 10.84
CA SER A 267 -69.65 -11.78 11.59
C SER A 267 -68.66 -12.60 12.40
N SER A 272 -61.10 -7.87 19.24
CA SER A 272 -61.71 -6.87 20.11
C SER A 272 -60.67 -5.89 20.62
N SER A 273 -60.96 -5.25 21.76
CA SER A 273 -60.07 -4.22 22.30
C SER A 273 -58.92 -4.83 23.09
N ASP A 274 -59.24 -5.52 24.18
CA ASP A 274 -58.20 -5.91 25.13
C ASP A 274 -57.27 -6.96 24.53
N VAL A 275 -57.77 -7.79 23.61
CA VAL A 275 -56.88 -8.72 22.94
C VAL A 275 -55.81 -7.97 22.16
N LEU A 276 -56.21 -6.91 21.45
CA LEU A 276 -55.25 -6.12 20.71
C LEU A 276 -54.31 -5.36 21.65
N THR A 277 -54.86 -4.82 22.74
CA THR A 277 -54.03 -4.10 23.71
C THR A 277 -52.95 -5.01 24.27
N LEU A 278 -53.34 -6.16 24.80
CA LEU A 278 -52.36 -7.12 25.28
C LEU A 278 -51.43 -7.59 24.17
N LEU A 279 -51.94 -7.65 22.94
CA LEU A 279 -51.08 -8.02 21.82
C LEU A 279 -49.94 -7.04 21.66
N ILE A 280 -50.27 -5.75 21.54
CA ILE A 280 -49.25 -4.71 21.43
C ILE A 280 -48.31 -4.77 22.62
N LYS A 281 -48.86 -4.96 23.81
CA LYS A 281 -48.06 -4.87 25.03
C LYS A 281 -47.12 -6.04 25.19
N GLN A 282 -47.48 -7.22 24.67
CA GLN A 282 -46.69 -8.42 24.94
C GLN A 282 -46.04 -9.00 23.69
N TYR A 283 -46.81 -9.30 22.64
CA TYR A 283 -46.29 -10.02 21.49
C TYR A 283 -45.87 -9.08 20.36
N CYS A 284 -45.50 -7.86 20.69
CA CYS A 284 -44.99 -6.90 19.72
C CYS A 284 -43.95 -6.02 20.40
N ARG A 285 -42.75 -5.94 19.84
CA ARG A 285 -41.64 -5.28 20.49
C ARG A 285 -41.15 -4.02 19.78
N GLU A 286 -41.47 -3.84 18.50
CA GLU A 286 -40.91 -2.74 17.73
C GLU A 286 -41.79 -1.50 17.86
N SER A 287 -41.40 -0.45 17.14
CA SER A 287 -42.16 0.80 17.12
C SER A 287 -43.07 0.94 15.91
N GLY A 288 -42.98 0.04 14.95
CA GLY A 288 -43.91 -0.03 13.84
C GLY A 288 -45.02 -1.01 14.10
N VAL A 289 -45.72 -1.38 13.04
CA VAL A 289 -46.88 -2.27 13.17
C VAL A 289 -46.81 -3.43 12.18
N ARG A 290 -45.60 -3.77 11.71
CA ARG A 290 -45.50 -4.86 10.74
C ARG A 290 -45.71 -6.22 11.41
N ASN A 291 -44.98 -6.50 12.48
CA ASN A 291 -45.19 -7.75 13.20
C ASN A 291 -46.58 -7.79 13.83
N LEU A 292 -47.10 -6.62 14.20
CA LEU A 292 -48.48 -6.56 14.68
C LEU A 292 -49.45 -6.96 13.57
N GLN A 293 -49.19 -6.51 12.35
CA GLN A 293 -50.02 -6.90 11.22
C GLN A 293 -49.94 -8.40 10.99
N LYS A 294 -48.73 -8.95 11.02
CA LYS A 294 -48.56 -10.39 10.88
C LYS A 294 -49.38 -11.14 11.94
N GLN A 295 -49.26 -10.70 13.19
CA GLN A 295 -50.00 -11.32 14.29
C GLN A 295 -51.50 -11.27 14.03
N VAL A 296 -52.03 -10.09 13.74
CA VAL A 296 -53.48 -9.97 13.60
C VAL A 296 -53.96 -10.76 12.39
N GLU A 297 -53.15 -10.83 11.34
CA GLU A 297 -53.55 -11.59 10.16
C GLU A 297 -53.57 -13.09 10.47
N LYS A 298 -52.57 -13.59 11.19
CA LYS A 298 -52.54 -15.01 11.51
C LYS A 298 -53.68 -15.38 12.45
N VAL A 299 -53.93 -14.56 13.48
CA VAL A 299 -55.03 -14.86 14.39
C VAL A 299 -56.36 -14.73 13.68
N LEU A 300 -56.46 -13.82 12.70
CA LEU A 300 -57.68 -13.72 11.90
C LEU A 300 -57.90 -15.00 11.11
N ARG A 301 -56.87 -15.47 10.42
CA ARG A 301 -57.01 -16.70 9.64
C ARG A 301 -57.39 -17.87 10.53
N LYS A 302 -56.76 -17.97 11.70
CA LYS A 302 -57.09 -19.02 12.67
C LYS A 302 -58.57 -18.95 13.05
N SER A 303 -59.00 -17.79 13.56
CA SER A 303 -60.37 -17.65 14.03
C SER A 303 -61.37 -17.90 12.91
N ALA A 304 -61.07 -17.45 11.70
CA ALA A 304 -62.04 -17.54 10.61
C ALA A 304 -62.18 -18.98 10.13
N TYR A 305 -61.06 -19.68 9.94
CA TYR A 305 -61.16 -21.09 9.57
C TYR A 305 -61.82 -21.90 10.67
N LYS A 306 -61.64 -21.48 11.94
CA LYS A 306 -62.34 -22.16 13.02
C LYS A 306 -63.84 -21.90 12.98
N ILE A 307 -64.23 -20.68 12.63
CA ILE A 307 -65.66 -20.34 12.51
C ILE A 307 -66.30 -21.14 11.39
N VAL A 308 -65.57 -21.31 10.28
CA VAL A 308 -66.13 -22.09 9.17
C VAL A 308 -66.07 -23.58 9.46
N SER A 309 -65.18 -24.00 10.36
CA SER A 309 -65.08 -25.39 10.77
C SER A 309 -65.59 -25.62 12.19
N GLY A 310 -66.60 -24.87 12.62
CA GLY A 310 -67.14 -25.00 13.95
C GLY A 310 -67.84 -23.76 14.46
N GLU A 320 -59.45 -14.64 25.94
CA GLU A 320 -59.07 -15.95 26.45
C GLU A 320 -58.88 -16.95 25.33
N ASN A 321 -59.79 -16.94 24.35
CA ASN A 321 -59.61 -17.75 23.15
C ASN A 321 -58.40 -17.26 22.35
N LEU A 322 -57.99 -16.02 22.57
CA LEU A 322 -56.74 -15.51 22.04
C LEU A 322 -55.59 -16.46 22.32
N GLN A 323 -55.62 -17.14 23.47
CA GLN A 323 -54.61 -18.15 23.75
C GLN A 323 -54.74 -19.34 22.81
N ASP A 324 -55.98 -19.71 22.48
CA ASP A 324 -56.17 -20.85 21.58
C ASP A 324 -55.66 -20.55 20.18
N PHE A 325 -55.97 -19.36 19.66
CA PHE A 325 -55.61 -19.06 18.26
C PHE A 325 -54.10 -19.09 18.05
N VAL A 326 -53.32 -18.68 19.03
CA VAL A 326 -51.86 -18.79 18.93
C VAL A 326 -51.30 -19.61 20.07
N GLY A 327 -51.47 -19.12 21.29
CA GLY A 327 -50.78 -19.65 22.45
C GLY A 327 -50.45 -18.55 23.42
N LYS A 328 -49.77 -18.88 24.50
CA LYS A 328 -49.35 -17.87 25.45
C LYS A 328 -48.50 -16.81 24.76
N PRO A 329 -48.59 -15.55 25.16
CA PRO A 329 -47.79 -14.51 24.50
C PRO A 329 -46.30 -14.75 24.69
N VAL A 330 -45.50 -14.15 23.80
CA VAL A 330 -44.06 -14.36 23.82
C VAL A 330 -43.43 -13.80 25.09
N PHE A 331 -43.84 -12.60 25.52
CA PHE A 331 -43.46 -12.06 26.81
C PHE A 331 -44.70 -12.04 27.69
N THR A 332 -44.83 -13.04 28.56
CA THR A 332 -45.99 -13.14 29.43
C THR A 332 -45.90 -12.26 30.67
N VAL A 333 -44.70 -12.06 31.20
CA VAL A 333 -44.54 -11.22 32.39
C VAL A 333 -44.21 -9.79 32.00
N GLU A 334 -43.47 -9.60 30.91
CA GLU A 334 -42.96 -8.28 30.51
C GLU A 334 -42.16 -7.65 31.64
N ARG A 335 -41.06 -8.31 32.00
CA ARG A 335 -40.18 -7.88 33.08
C ARG A 335 -38.74 -7.89 32.59
N MET A 336 -37.98 -6.86 32.94
CA MET A 336 -36.56 -6.77 32.63
C MET A 336 -35.91 -5.77 33.57
N TYR A 337 -35.00 -6.24 34.42
CA TYR A 337 -34.20 -5.37 35.28
C TYR A 337 -35.08 -4.42 36.07
N ASP A 338 -36.24 -4.90 36.51
CA ASP A 338 -37.23 -4.02 37.12
C ASP A 338 -36.69 -3.31 38.35
N VAL A 339 -35.64 -3.84 38.97
CA VAL A 339 -34.86 -3.11 39.96
C VAL A 339 -33.40 -3.27 39.55
N THR A 340 -32.80 -2.19 39.10
CA THR A 340 -31.43 -2.25 38.60
C THR A 340 -30.46 -2.34 39.76
N PRO A 341 -29.49 -3.25 39.72
CA PRO A 341 -28.47 -3.29 40.75
C PRO A 341 -27.54 -2.10 40.62
N PRO A 342 -26.61 -1.90 41.56
CA PRO A 342 -25.61 -0.86 41.37
C PRO A 342 -24.78 -1.12 40.14
N GLY A 343 -24.64 -0.09 39.31
CA GLY A 343 -23.82 -0.18 38.13
C GLY A 343 -24.52 -0.58 36.85
N VAL A 344 -25.83 -0.38 36.77
CA VAL A 344 -26.59 -0.69 35.56
C VAL A 344 -27.58 0.44 35.35
N VAL A 345 -27.47 1.13 34.22
CA VAL A 345 -28.31 2.30 33.97
C VAL A 345 -28.97 2.14 32.62
N MET A 346 -30.11 2.80 32.46
CA MET A 346 -30.96 2.65 31.30
C MET A 346 -30.75 3.82 30.34
N GLY A 347 -30.42 3.51 29.09
CA GLY A 347 -30.21 4.53 28.09
C GLY A 347 -31.18 4.38 26.93
N LEU A 348 -31.32 5.42 26.12
CA LEU A 348 -32.30 5.44 25.04
C LEU A 348 -31.55 5.53 23.73
N ALA A 349 -31.40 4.41 23.04
CA ALA A 349 -30.69 4.38 21.78
C ALA A 349 -31.67 4.63 20.64
N TRP A 350 -31.15 5.18 19.55
CA TRP A 350 -31.93 5.48 18.36
C TRP A 350 -31.26 4.79 17.19
N THR A 351 -31.67 3.54 16.92
CA THR A 351 -31.04 2.76 15.89
C THR A 351 -31.89 2.73 14.62
N ALA A 352 -31.43 1.95 13.65
CA ALA A 352 -32.12 1.89 12.36
C ALA A 352 -33.54 1.39 12.50
N MET A 353 -33.77 0.40 13.37
CA MET A 353 -35.11 -0.11 13.58
C MET A 353 -35.93 0.76 14.52
N GLY A 354 -35.50 2.00 14.76
CA GLY A 354 -36.25 2.92 15.58
C GLY A 354 -35.63 3.10 16.96
N GLY A 355 -36.44 3.61 17.87
CA GLY A 355 -36.01 3.77 19.24
C GLY A 355 -35.74 2.43 19.89
N SER A 356 -35.09 2.48 21.05
CA SER A 356 -34.80 1.27 21.79
C SER A 356 -34.30 1.64 23.17
N THR A 357 -34.54 0.74 24.11
CA THR A 357 -34.00 0.87 25.45
C THR A 357 -32.78 -0.03 25.59
N LEU A 358 -31.70 0.52 26.13
CA LEU A 358 -30.46 -0.19 26.33
C LEU A 358 -30.09 -0.15 27.79
N PHE A 359 -29.24 -1.09 28.20
CA PHE A 359 -28.73 -1.10 29.57
C PHE A 359 -27.21 -1.07 29.52
N VAL A 360 -26.65 0.01 30.04
CA VAL A 360 -25.21 0.11 30.24
C VAL A 360 -24.89 -0.65 31.52
N GLU A 361 -24.09 -1.71 31.39
CA GLU A 361 -23.72 -2.57 32.49
C GLU A 361 -22.25 -2.36 32.83
N THR A 362 -21.95 -2.27 34.10
CA THR A 362 -20.56 -2.17 34.54
C THR A 362 -20.27 -3.27 35.55
N SER A 363 -19.01 -3.65 35.65
CA SER A 363 -18.67 -4.73 36.56
C SER A 363 -17.22 -4.64 36.98
N LEU A 364 -16.96 -4.97 38.24
CA LEU A 364 -15.59 -5.15 38.68
C LEU A 364 -14.98 -6.34 37.97
N ARG A 365 -13.69 -6.24 37.66
CA ARG A 365 -13.02 -7.27 36.86
C ARG A 365 -11.84 -7.92 37.56
N ARG A 366 -11.21 -7.25 38.52
CA ARG A 366 -10.09 -7.80 39.24
C ARG A 366 -10.20 -7.26 40.64
N PRO A 367 -10.14 -8.10 41.68
CA PRO A 367 -10.43 -7.64 43.04
C PRO A 367 -9.51 -6.50 43.47
N GLN A 368 -10.04 -5.66 44.34
CA GLN A 368 -9.31 -4.51 44.87
C GLN A 368 -10.13 -3.83 45.96
N ASP A 375 2.32 3.61 42.21
CA ASP A 375 1.27 4.16 41.37
C ASP A 375 0.05 3.26 41.38
N LYS A 376 0.08 2.22 40.55
CA LYS A 376 -0.98 1.24 40.45
C LYS A 376 -2.32 1.91 40.11
N ASP A 377 -2.35 2.52 38.93
CA ASP A 377 -3.56 3.19 38.49
C ASP A 377 -4.65 2.17 38.14
N GLY A 378 -5.85 2.68 37.92
CA GLY A 378 -6.95 1.83 37.51
C GLY A 378 -6.85 1.39 36.07
N SER A 379 -7.98 0.97 35.53
CA SER A 379 -8.11 0.62 34.12
C SER A 379 -9.59 0.48 33.80
N LEU A 380 -9.88 0.32 32.51
CA LEU A 380 -11.26 0.16 32.06
C LEU A 380 -11.24 -0.66 30.79
N GLU A 381 -12.01 -1.73 30.78
CA GLU A 381 -12.15 -2.56 29.59
C GLU A 381 -13.55 -2.39 29.02
N VAL A 382 -13.63 -1.90 27.81
CA VAL A 382 -14.91 -1.64 27.18
C VAL A 382 -15.27 -2.83 26.30
N THR A 383 -16.57 -3.07 26.13
CA THR A 383 -17.00 -4.08 25.19
C THR A 383 -18.33 -3.67 24.58
N GLY A 384 -18.62 -4.26 23.42
CA GLY A 384 -19.79 -3.89 22.65
C GLY A 384 -19.46 -3.70 21.20
N GLN A 385 -18.23 -4.08 20.81
CA GLN A 385 -17.74 -3.96 19.44
C GLN A 385 -17.92 -2.53 18.94
N LEU A 386 -17.22 -1.62 19.60
CA LEU A 386 -17.40 -0.19 19.40
C LEU A 386 -16.30 0.39 18.52
N GLY A 387 -16.68 1.37 17.70
CA GLY A 387 -15.75 2.06 16.84
C GLY A 387 -14.86 3.03 17.58
N GLU A 388 -13.99 3.71 16.82
CA GLU A 388 -13.04 4.62 17.41
C GLU A 388 -13.74 5.79 18.09
N VAL A 389 -14.82 6.29 17.49
CA VAL A 389 -15.51 7.45 18.06
C VAL A 389 -16.15 7.08 19.40
N MET A 390 -16.82 5.94 19.45
CA MET A 390 -17.44 5.53 20.71
C MET A 390 -16.40 5.14 21.75
N LYS A 391 -15.22 4.67 21.34
CA LYS A 391 -14.21 4.38 22.34
C LYS A 391 -13.60 5.66 22.90
N GLU A 392 -13.41 6.67 22.05
CA GLU A 392 -13.01 7.98 22.55
C GLU A 392 -14.05 8.53 23.53
N SER A 393 -15.33 8.31 23.23
CA SER A 393 -16.37 8.78 24.14
C SER A 393 -16.32 8.05 25.47
N ALA A 394 -16.06 6.74 25.43
CA ALA A 394 -15.88 6.02 26.69
C ALA A 394 -14.68 6.55 27.46
N ARG A 395 -13.63 6.94 26.76
CA ARG A 395 -12.47 7.54 27.44
C ARG A 395 -12.85 8.84 28.13
N ILE A 396 -13.54 9.72 27.42
CA ILE A 396 -13.94 11.01 27.97
C ILE A 396 -14.87 10.80 29.16
N ALA A 397 -15.74 9.79 29.08
CA ALA A 397 -16.66 9.50 30.18
C ALA A 397 -15.92 8.96 31.38
N TYR A 398 -14.96 8.06 31.16
CA TYR A 398 -14.15 7.57 32.26
C TYR A 398 -13.39 8.70 32.94
N THR A 399 -12.83 9.61 32.14
CA THR A 399 -12.06 10.70 32.72
C THR A 399 -12.94 11.64 33.51
N PHE A 400 -14.12 12.00 32.98
CA PHE A 400 -14.95 12.92 33.73
C PHE A 400 -15.52 12.25 34.97
N ALA A 401 -15.93 10.99 34.86
CA ALA A 401 -16.43 10.27 36.02
C ALA A 401 -15.38 10.22 37.12
N ARG A 402 -14.15 9.85 36.75
CA ARG A 402 -13.03 9.91 37.68
C ARG A 402 -12.94 11.26 38.35
N ALA A 403 -12.85 12.32 37.54
CA ALA A 403 -12.62 13.65 38.09
C ALA A 403 -13.82 14.13 38.89
N PHE A 404 -15.03 13.85 38.42
CA PHE A 404 -16.22 14.31 39.14
C PHE A 404 -16.31 13.64 40.50
N LEU A 405 -15.77 12.43 40.63
CA LEU A 405 -15.75 11.78 41.93
C LEU A 405 -14.53 12.21 42.73
N MET A 406 -13.44 12.53 42.04
CA MET A 406 -12.21 12.94 42.70
C MET A 406 -12.40 14.22 43.50
N GLN A 407 -13.47 14.96 43.24
CA GLN A 407 -13.71 16.23 43.91
C GLN A 407 -14.97 16.26 44.73
N HIS A 408 -15.92 15.37 44.47
CA HIS A 408 -17.17 15.33 45.21
C HIS A 408 -17.10 14.43 46.43
N ALA A 409 -16.44 13.28 46.29
CA ALA A 409 -16.15 12.40 47.42
C ALA A 409 -14.69 11.99 47.31
N PRO A 410 -13.77 12.84 47.78
CA PRO A 410 -12.34 12.57 47.58
C PRO A 410 -11.91 11.20 48.06
N ALA A 411 -12.43 10.74 49.21
CA ALA A 411 -11.93 9.52 49.82
C ALA A 411 -12.07 8.32 48.91
N ASN A 412 -13.03 8.33 48.00
CA ASN A 412 -13.33 7.15 47.21
C ASN A 412 -12.30 7.02 46.10
N ASP A 413 -11.32 6.15 46.33
CA ASP A 413 -10.30 5.85 45.34
C ASP A 413 -10.69 4.69 44.45
N TYR A 414 -11.99 4.54 44.19
CA TYR A 414 -12.47 3.37 43.45
C TYR A 414 -12.03 3.42 42.00
N LEU A 415 -12.50 4.41 41.24
CA LEU A 415 -12.24 4.41 39.80
C LEU A 415 -10.78 4.62 39.48
N VAL A 416 -10.05 5.33 40.33
CA VAL A 416 -8.66 5.64 40.04
C VAL A 416 -7.74 4.44 40.21
N THR A 417 -8.13 3.46 41.04
CA THR A 417 -7.37 2.24 41.25
C THR A 417 -8.38 1.10 41.25
N SER A 418 -8.66 0.54 40.10
CA SER A 418 -9.61 -0.55 39.97
C SER A 418 -9.35 -1.25 38.64
N HIS A 419 -10.27 -2.11 38.25
CA HIS A 419 -10.21 -2.76 36.95
C HIS A 419 -11.65 -3.05 36.56
N ILE A 420 -12.21 -2.19 35.70
CA ILE A 420 -13.64 -2.15 35.48
C ILE A 420 -13.93 -2.56 34.04
N HIS A 421 -15.07 -3.20 33.85
CA HIS A 421 -15.50 -3.67 32.54
C HIS A 421 -16.86 -3.09 32.24
N LEU A 422 -16.95 -2.32 31.16
CA LEU A 422 -18.17 -1.64 30.77
C LEU A 422 -18.74 -2.29 29.52
N HIS A 423 -20.06 -2.33 29.43
CA HIS A 423 -20.76 -2.95 28.31
C HIS A 423 -21.92 -2.05 27.92
N VAL A 424 -21.82 -1.46 26.74
CA VAL A 424 -22.92 -0.76 26.08
C VAL A 424 -23.34 -1.62 24.88
N PRO A 425 -24.56 -2.12 24.84
CA PRO A 425 -24.97 -2.98 23.73
C PRO A 425 -24.90 -2.25 22.39
N GLU A 426 -24.95 -3.03 21.31
CA GLU A 426 -24.64 -2.54 19.98
C GLU A 426 -25.78 -1.81 19.32
N GLY A 427 -26.76 -1.33 20.07
CA GLY A 427 -27.94 -0.75 19.48
C GLY A 427 -27.72 0.44 18.57
N ALA A 428 -27.23 1.54 19.12
CA ALA A 428 -27.28 2.83 18.44
C ALA A 428 -26.43 2.84 17.18
N THR A 429 -26.91 3.60 16.19
CA THR A 429 -26.14 3.94 15.01
C THR A 429 -24.92 4.77 15.39
N PRO A 430 -23.85 4.73 14.58
CA PRO A 430 -22.63 5.45 14.97
C PRO A 430 -22.84 6.92 15.28
N LYS A 431 -23.69 7.62 14.53
CA LYS A 431 -23.95 9.02 14.83
C LYS A 431 -24.47 9.18 16.25
N ASP A 432 -25.38 8.32 16.67
CA ASP A 432 -25.99 8.42 17.99
C ASP A 432 -25.11 7.80 19.08
N GLY A 433 -24.09 7.02 18.68
CA GLY A 433 -23.24 6.33 19.62
C GLY A 433 -22.82 7.11 20.84
N PRO A 434 -22.08 8.22 20.69
CA PRO A 434 -21.60 8.97 21.85
C PRO A 434 -22.68 9.56 22.74
N SER A 435 -23.95 9.51 22.34
CA SER A 435 -25.01 10.05 23.16
C SER A 435 -25.28 9.21 24.40
N ALA A 436 -24.46 8.20 24.63
CA ALA A 436 -24.56 7.38 25.83
C ALA A 436 -23.64 7.87 26.94
N GLY A 437 -22.96 8.99 26.73
CA GLY A 437 -22.01 9.50 27.68
C GLY A 437 -22.54 9.70 29.08
N CYS A 438 -23.67 10.37 29.23
CA CYS A 438 -24.22 10.59 30.56
C CYS A 438 -24.62 9.27 31.20
N THR A 439 -25.07 8.31 30.40
CA THR A 439 -25.40 7.01 30.96
C THR A 439 -24.17 6.29 31.45
N ILE A 440 -23.05 6.41 30.72
CA ILE A 440 -21.81 5.77 31.16
C ILE A 440 -21.30 6.41 32.44
N VAL A 441 -21.35 7.73 32.52
CA VAL A 441 -20.96 8.40 33.75
C VAL A 441 -21.83 7.94 34.91
N THR A 442 -23.14 7.85 34.69
CA THR A 442 -24.04 7.43 35.75
C THR A 442 -23.74 6.01 36.20
N ALA A 443 -23.51 5.11 35.24
CA ALA A 443 -23.18 3.73 35.57
C ALA A 443 -21.90 3.67 36.42
N LEU A 444 -20.88 4.40 35.99
CA LEU A 444 -19.60 4.37 36.70
C LEU A 444 -19.74 4.91 38.12
N LEU A 445 -20.40 6.05 38.28
CA LEU A 445 -20.54 6.62 39.62
C LEU A 445 -21.43 5.77 40.50
N SER A 446 -22.44 5.11 39.93
CA SER A 446 -23.27 4.22 40.72
C SER A 446 -22.47 3.02 41.22
N LEU A 447 -21.67 2.42 40.33
CA LEU A 447 -20.83 1.32 40.78
C LEU A 447 -19.88 1.76 41.86
N ALA A 448 -19.26 2.93 41.69
CA ALA A 448 -18.32 3.42 42.69
C ALA A 448 -19.00 3.64 44.03
N MET A 449 -19.94 4.58 44.08
CA MET A 449 -20.59 4.91 45.34
C MET A 449 -21.43 3.77 45.90
N GLY A 450 -21.66 2.72 45.13
CA GLY A 450 -22.50 1.62 45.56
C GLY A 450 -23.98 1.89 45.50
N ARG A 451 -24.40 3.12 45.69
CA ARG A 451 -25.82 3.45 45.70
C ARG A 451 -26.44 3.13 44.36
N PRO A 452 -27.39 2.20 44.28
CA PRO A 452 -28.02 1.89 42.98
C PRO A 452 -28.84 3.06 42.48
N VAL A 453 -29.04 3.08 41.17
CA VAL A 453 -29.63 4.22 40.49
C VAL A 453 -31.15 4.21 40.68
N ARG A 454 -31.71 5.41 40.84
CA ARG A 454 -33.16 5.62 40.85
C ARG A 454 -33.82 4.83 39.72
N GLN A 455 -34.95 4.19 40.05
CA GLN A 455 -35.39 3.01 39.30
C GLN A 455 -35.90 3.36 37.90
N ASN A 456 -36.93 4.20 37.81
CA ASN A 456 -37.53 4.50 36.53
C ASN A 456 -36.82 5.61 35.77
N LEU A 457 -35.54 5.84 36.07
CA LEU A 457 -34.79 6.89 35.40
C LEU A 457 -34.24 6.39 34.06
N ALA A 458 -34.23 7.28 33.09
CA ALA A 458 -33.70 6.98 31.76
C ALA A 458 -33.11 8.26 31.22
N MET A 459 -31.90 8.18 30.67
CA MET A 459 -31.16 9.38 30.33
C MET A 459 -30.49 9.20 28.98
N THR A 460 -30.37 10.32 28.26
CA THR A 460 -29.63 10.36 27.01
C THR A 460 -28.92 11.70 26.91
N GLY A 461 -27.83 11.72 26.14
CA GLY A 461 -27.09 12.95 25.97
C GLY A 461 -25.62 12.76 26.26
N GLU A 462 -24.78 13.30 25.39
CA GLU A 462 -23.34 13.12 25.52
C GLU A 462 -22.73 14.17 26.43
N VAL A 463 -21.59 13.82 27.01
CA VAL A 463 -20.92 14.63 28.01
C VAL A 463 -19.53 14.99 27.50
N SER A 464 -19.05 16.16 27.90
CA SER A 464 -17.73 16.62 27.53
C SER A 464 -16.75 16.29 28.63
N LEU A 465 -15.48 16.65 28.42
CA LEU A 465 -14.46 16.37 29.40
C LEU A 465 -14.66 17.16 30.69
N THR A 466 -15.51 18.19 30.65
CA THR A 466 -15.76 19.03 31.80
C THR A 466 -17.20 18.93 32.30
N GLY A 467 -17.98 18.00 31.78
CA GLY A 467 -19.29 17.70 32.29
C GLY A 467 -20.43 18.35 31.54
N LYS A 468 -20.16 19.37 30.72
CA LYS A 468 -21.24 20.00 29.97
C LYS A 468 -21.93 18.96 29.10
N ILE A 469 -23.26 18.98 29.11
CA ILE A 469 -24.06 17.99 28.42
C ILE A 469 -24.54 18.59 27.11
N LEU A 470 -24.30 17.89 26.04
CA LEU A 470 -24.49 18.34 24.67
C LEU A 470 -25.81 17.85 24.12
N PRO A 471 -26.34 18.51 23.09
CA PRO A 471 -27.62 18.11 22.53
C PRO A 471 -27.51 16.87 21.66
N VAL A 472 -28.63 16.14 21.57
CA VAL A 472 -28.71 14.92 20.78
C VAL A 472 -29.90 15.03 19.83
N GLY A 473 -29.94 14.11 18.88
CA GLY A 473 -31.07 14.00 17.98
C GLY A 473 -31.62 12.60 17.97
N GLY A 474 -32.94 12.51 17.79
CA GLY A 474 -33.64 11.24 17.85
C GLY A 474 -34.63 11.23 19.00
N ILE A 475 -35.11 12.41 19.37
CA ILE A 475 -35.86 12.55 20.61
C ILE A 475 -37.24 11.89 20.48
N LYS A 476 -37.88 11.98 19.32
CA LYS A 476 -39.17 11.31 19.15
C LYS A 476 -39.04 9.82 19.41
N GLU A 477 -38.12 9.17 18.71
CA GLU A 477 -37.95 7.73 18.86
C GLU A 477 -37.56 7.38 20.29
N LYS A 478 -36.62 8.14 20.87
CA LYS A 478 -36.17 7.81 22.22
C LYS A 478 -37.28 7.97 23.23
N THR A 479 -38.13 8.99 23.08
CA THR A 479 -39.23 9.19 24.01
C THR A 479 -40.29 8.11 23.85
N ILE A 480 -40.57 7.73 22.61
CA ILE A 480 -41.51 6.64 22.37
C ILE A 480 -41.03 5.37 23.03
N ALA A 481 -39.73 5.08 22.90
CA ALA A 481 -39.19 3.87 23.50
C ALA A 481 -39.18 3.96 25.03
N ALA A 482 -38.94 5.15 25.58
CA ALA A 482 -38.98 5.28 27.03
C ALA A 482 -40.39 5.08 27.57
N LYS A 483 -41.39 5.61 26.87
CA LYS A 483 -42.77 5.37 27.27
C LYS A 483 -43.12 3.89 27.13
N ARG A 484 -42.58 3.24 26.09
CA ARG A 484 -42.85 1.81 25.89
C ARG A 484 -42.26 0.97 27.02
N ALA A 485 -41.03 1.27 27.42
CA ALA A 485 -40.33 0.42 28.37
C ALA A 485 -40.76 0.62 29.80
N GLY A 486 -41.89 1.28 30.03
CA GLY A 486 -42.37 1.48 31.39
C GLY A 486 -41.47 2.40 32.17
N VAL A 487 -41.38 3.66 31.75
CA VAL A 487 -40.53 4.65 32.39
C VAL A 487 -41.42 5.77 32.91
N THR A 488 -41.07 6.30 34.07
CA THR A 488 -41.81 7.41 34.65
C THR A 488 -41.01 8.69 34.76
N CYS A 489 -39.74 8.69 34.38
CA CYS A 489 -38.91 9.89 34.49
C CYS A 489 -37.78 9.82 33.48
N ILE A 490 -37.55 10.93 32.79
CA ILE A 490 -36.57 10.98 31.71
C ILE A 490 -35.72 12.23 31.88
N VAL A 491 -34.49 12.16 31.37
CA VAL A 491 -33.51 13.24 31.47
C VAL A 491 -32.98 13.54 30.07
N LEU A 492 -32.90 14.80 29.72
CA LEU A 492 -32.55 15.23 28.37
C LEU A 492 -31.60 16.42 28.43
N PRO A 493 -30.88 16.68 27.35
CA PRO A 493 -30.09 17.91 27.27
C PRO A 493 -31.01 19.11 27.10
N ALA A 494 -30.68 20.19 27.82
CA ALA A 494 -31.53 21.38 27.78
C ALA A 494 -31.77 21.86 26.36
N GLU A 495 -30.73 21.82 25.52
CA GLU A 495 -30.90 22.28 24.15
C GLU A 495 -31.73 21.32 23.30
N ASN A 496 -32.31 20.29 23.89
CA ASN A 496 -33.27 19.43 23.19
C ASN A 496 -34.70 19.66 23.65
N LYS A 497 -34.94 20.69 24.45
CA LYS A 497 -36.31 21.03 24.84
C LYS A 497 -37.18 21.24 23.61
N LYS A 498 -36.68 21.96 22.64
CA LYS A 498 -37.40 22.23 21.40
C LYS A 498 -37.62 21.00 20.57
N ASP A 499 -37.22 19.82 21.03
CA ASP A 499 -37.54 18.57 20.36
C ASP A 499 -38.48 17.71 21.17
N PHE A 500 -38.75 18.09 22.41
CA PHE A 500 -39.63 17.35 23.31
C PHE A 500 -41.04 17.90 23.29
N TYR A 501 -41.19 19.20 23.55
CA TYR A 501 -42.49 19.84 23.44
C TYR A 501 -42.96 19.94 22.01
N ASP A 502 -42.05 19.85 21.03
CA ASP A 502 -42.46 19.84 19.64
C ASP A 502 -42.90 18.44 19.24
N LEU A 503 -43.82 17.87 20.03
CA LEU A 503 -44.39 16.56 19.77
C LEU A 503 -45.79 16.55 20.36
N ALA A 504 -46.52 15.46 20.11
CA ALA A 504 -47.86 15.34 20.65
C ALA A 504 -47.80 15.21 22.18
N ALA A 505 -48.95 15.40 22.82
CA ALA A 505 -49.07 15.14 24.23
C ALA A 505 -49.39 13.68 24.52
N PHE A 506 -49.90 12.96 23.53
CA PHE A 506 -50.16 11.53 23.66
C PHE A 506 -48.90 10.76 24.07
N ILE A 507 -47.73 11.32 23.78
CA ILE A 507 -46.51 10.64 24.17
C ILE A 507 -45.88 11.29 25.38
N THR A 508 -46.19 12.55 25.64
CA THR A 508 -45.53 13.31 26.70
C THR A 508 -46.21 13.19 28.04
N GLU A 509 -47.53 12.96 28.07
CA GLU A 509 -48.35 13.21 29.24
C GLU A 509 -47.98 12.39 30.47
N GLY A 510 -47.09 11.41 30.38
CA GLY A 510 -46.80 10.56 31.51
C GLY A 510 -45.37 10.53 32.02
N LEU A 511 -44.58 11.58 31.82
CA LEU A 511 -43.17 11.55 32.14
C LEU A 511 -42.76 12.81 32.89
N GLU A 512 -42.12 12.62 34.05
CA GLU A 512 -41.50 13.70 34.80
C GLU A 512 -40.18 14.02 34.14
N VAL A 513 -40.20 14.95 33.18
CA VAL A 513 -39.03 15.24 32.36
C VAL A 513 -38.09 16.17 33.11
N HIS A 514 -36.80 16.06 32.81
CA HIS A 514 -35.76 16.84 33.46
C HIS A 514 -34.78 17.33 32.42
N PHE A 515 -34.69 18.65 32.26
CA PHE A 515 -33.81 19.26 31.27
C PHE A 515 -32.55 19.78 31.97
N VAL A 516 -31.41 19.22 31.60
CA VAL A 516 -30.15 19.48 32.27
C VAL A 516 -29.18 20.11 31.30
N GLU A 517 -28.18 20.78 31.85
CA GLU A 517 -27.07 21.33 31.10
C GLU A 517 -25.73 20.76 31.53
N HIS A 518 -25.49 20.61 32.82
CA HIS A 518 -24.27 20.04 33.35
C HIS A 518 -24.59 18.70 34.02
N TYR A 519 -23.58 17.86 34.15
CA TYR A 519 -23.81 16.57 34.80
C TYR A 519 -24.14 16.72 36.27
N ARG A 520 -23.88 17.88 36.85
CA ARG A 520 -24.16 18.07 38.27
C ARG A 520 -25.62 17.77 38.60
N GLU A 521 -26.54 18.30 37.80
CA GLU A 521 -27.93 18.06 38.12
C GLU A 521 -28.40 16.65 37.73
N ILE A 522 -27.76 15.99 36.78
CA ILE A 522 -28.09 14.58 36.58
C ILE A 522 -27.66 13.77 37.79
N PHE A 523 -26.52 14.12 38.38
CA PHE A 523 -26.10 13.44 39.59
C PHE A 523 -26.98 13.80 40.77
N ASP A 524 -27.65 14.95 40.72
CA ASP A 524 -28.62 15.27 41.75
C ASP A 524 -29.91 14.48 41.58
N ILE A 525 -30.35 14.29 40.33
CA ILE A 525 -31.61 13.61 40.08
C ILE A 525 -31.48 12.11 40.30
N ALA A 526 -30.38 11.51 39.87
CA ALA A 526 -30.25 10.07 39.96
C ALA A 526 -30.08 9.58 41.39
N PHE A 527 -30.00 10.47 42.37
CA PHE A 527 -29.83 10.07 43.76
C PHE A 527 -30.61 10.99 44.70
N PHE B 1 -27.24 14.97 -41.90
CA PHE B 1 -27.43 15.31 -43.30
C PHE B 1 -26.14 15.84 -43.90
N ARG B 2 -25.90 15.52 -45.18
CA ARG B 2 -24.76 16.10 -45.88
C ARG B 2 -24.83 17.62 -45.90
N GLU B 3 -26.04 18.17 -45.83
CA GLU B 3 -26.20 19.62 -45.71
C GLU B 3 -25.52 20.15 -44.46
N ARG B 4 -25.69 19.44 -43.33
CA ARG B 4 -25.10 19.90 -42.07
C ARG B 4 -23.57 19.92 -42.15
N LEU B 5 -22.97 18.77 -42.48
CA LEU B 5 -21.51 18.71 -42.57
C LEU B 5 -20.99 19.73 -43.58
N LYS B 6 -21.65 19.84 -44.74
CA LYS B 6 -21.25 20.84 -45.72
C LYS B 6 -21.30 22.24 -45.13
N GLU B 7 -22.30 22.52 -44.31
CA GLU B 7 -22.40 23.82 -43.67
C GLU B 7 -21.22 24.05 -42.73
N LEU B 8 -20.78 23.01 -42.03
CA LEU B 8 -19.67 23.14 -41.09
C LEU B 8 -18.42 23.66 -41.79
N VAL B 9 -17.50 24.19 -40.98
CA VAL B 9 -16.37 25.00 -41.50
C VAL B 9 -15.06 24.25 -41.28
N VAL B 10 -14.67 23.46 -42.28
CA VAL B 10 -13.32 22.95 -42.45
C VAL B 10 -12.85 22.04 -41.31
N PRO B 11 -13.50 20.89 -41.05
CA PRO B 11 -12.87 19.84 -40.24
C PRO B 11 -12.09 18.84 -41.07
N LYS B 12 -11.26 19.34 -42.00
CA LYS B 12 -10.82 18.55 -43.16
C LYS B 12 -10.21 17.21 -42.75
N HIS B 13 -9.33 17.24 -41.75
CA HIS B 13 -8.79 15.99 -41.20
C HIS B 13 -9.90 15.01 -40.84
N VAL B 14 -10.86 15.48 -40.07
CA VAL B 14 -12.01 14.64 -39.70
C VAL B 14 -12.80 14.25 -40.93
N MET B 15 -12.88 15.15 -41.90
CA MET B 15 -13.72 14.94 -43.09
C MET B 15 -13.18 13.80 -43.94
N ASP B 16 -11.87 13.60 -43.92
CA ASP B 16 -11.29 12.46 -44.61
C ASP B 16 -11.93 11.15 -44.13
N VAL B 17 -11.84 10.88 -42.82
CA VAL B 17 -12.48 9.72 -42.25
C VAL B 17 -13.99 9.81 -42.39
N VAL B 18 -14.54 11.02 -42.38
CA VAL B 18 -15.98 11.19 -42.51
C VAL B 18 -16.46 10.61 -43.84
N ASP B 19 -15.79 10.97 -44.92
CA ASP B 19 -16.07 10.35 -46.21
C ASP B 19 -15.84 8.85 -46.14
N GLU B 20 -14.62 8.45 -45.75
CA GLU B 20 -14.22 7.03 -45.77
C GLU B 20 -15.15 6.13 -44.96
N GLU B 21 -15.94 6.69 -44.05
CA GLU B 21 -16.94 5.92 -43.31
C GLU B 21 -18.37 6.19 -43.76
N LEU B 22 -18.69 7.40 -44.18
CA LEU B 22 -20.06 7.77 -44.51
C LEU B 22 -20.47 7.24 -45.87
N SER B 23 -19.54 7.25 -46.84
CA SER B 23 -19.82 6.62 -48.12
C SER B 23 -20.01 5.12 -47.96
N LYS B 24 -19.32 4.51 -46.99
CA LYS B 24 -19.52 3.09 -46.71
C LYS B 24 -20.85 2.85 -46.01
N LEU B 25 -21.20 3.72 -45.06
CA LEU B 25 -22.51 3.64 -44.42
C LEU B 25 -23.62 3.70 -45.45
N GLY B 26 -23.72 4.81 -46.18
CA GLY B 26 -24.69 4.93 -47.24
C GLY B 26 -24.56 3.88 -48.32
N LEU B 27 -23.40 3.23 -48.41
CA LEU B 27 -23.24 2.15 -49.37
C LEU B 27 -24.03 0.91 -48.94
N LEU B 28 -24.08 0.65 -47.65
CA LEU B 28 -24.78 -0.53 -47.13
C LEU B 28 -26.19 -0.17 -46.74
N ASP B 29 -27.14 -1.01 -47.14
CA ASP B 29 -28.56 -0.79 -46.88
C ASP B 29 -28.86 -0.94 -45.38
N ASN B 30 -30.11 -0.65 -45.02
CA ASN B 30 -30.57 -0.87 -43.67
C ASN B 30 -30.83 -2.37 -43.44
N HIS B 31 -31.29 -2.70 -42.24
CA HIS B 31 -31.34 -4.09 -41.77
C HIS B 31 -29.94 -4.71 -41.75
N SER B 32 -28.94 -3.93 -41.37
CA SER B 32 -27.57 -4.39 -41.27
C SER B 32 -27.05 -4.10 -39.87
N SER B 33 -26.53 -5.13 -39.21
CA SER B 33 -26.06 -4.98 -37.83
C SER B 33 -25.05 -3.84 -37.72
N GLU B 34 -24.19 -3.69 -38.72
CA GLU B 34 -23.21 -2.62 -38.69
C GLU B 34 -23.81 -1.29 -39.12
N PHE B 35 -24.69 -1.30 -40.14
CA PHE B 35 -25.15 -0.04 -40.70
C PHE B 35 -26.10 0.68 -39.77
N ASN B 36 -26.96 -0.06 -39.07
CA ASN B 36 -27.91 0.57 -38.15
C ASN B 36 -27.19 1.55 -37.22
N VAL B 37 -26.02 1.15 -36.74
CA VAL B 37 -25.30 1.94 -35.74
C VAL B 37 -24.24 2.80 -36.39
N THR B 38 -23.81 2.47 -37.61
CA THR B 38 -22.87 3.37 -38.28
C THR B 38 -23.60 4.60 -38.81
N ARG B 39 -24.93 4.55 -38.88
CA ARG B 39 -25.68 5.79 -39.08
C ARG B 39 -25.55 6.70 -37.85
N ASN B 40 -25.51 6.11 -36.66
CA ASN B 40 -25.25 6.90 -35.46
C ASN B 40 -23.83 7.43 -35.45
N TYR B 41 -22.88 6.58 -35.85
CA TYR B 41 -21.49 7.00 -35.93
C TYR B 41 -21.30 8.19 -36.87
N LEU B 42 -22.26 8.45 -37.74
CA LEU B 42 -22.28 9.61 -38.62
C LEU B 42 -23.05 10.77 -38.00
N ASP B 43 -24.24 10.48 -37.45
CA ASP B 43 -25.08 11.53 -36.90
C ASP B 43 -24.39 12.25 -35.75
N TRP B 44 -23.62 11.51 -34.94
CA TRP B 44 -22.92 12.12 -33.82
C TRP B 44 -21.90 13.14 -34.29
N LEU B 45 -21.02 12.74 -35.21
CA LEU B 45 -20.01 13.66 -35.72
C LEU B 45 -20.67 14.82 -36.45
N THR B 46 -21.76 14.55 -37.18
CA THR B 46 -22.45 15.63 -37.87
C THR B 46 -23.03 16.64 -36.90
N SER B 47 -23.52 16.19 -35.75
CA SER B 47 -24.03 17.09 -34.73
C SER B 47 -22.92 17.86 -34.04
N ILE B 48 -21.78 17.22 -33.79
CA ILE B 48 -20.66 17.88 -33.15
C ILE B 48 -20.08 18.93 -34.09
N PRO B 49 -20.19 20.21 -33.76
CA PRO B 49 -19.67 21.25 -34.65
C PRO B 49 -18.14 21.22 -34.69
N TRP B 50 -17.58 21.99 -35.62
CA TRP B 50 -16.13 21.95 -35.75
C TRP B 50 -15.49 23.33 -35.82
N GLY B 51 -16.18 24.31 -36.38
CA GLY B 51 -15.55 25.58 -36.63
C GLY B 51 -16.25 26.78 -36.03
N LYS B 52 -17.39 26.56 -35.38
CA LYS B 52 -18.18 27.65 -34.83
C LYS B 52 -17.77 27.92 -33.39
N TYR B 53 -17.21 29.10 -33.15
CA TYR B 53 -16.90 29.57 -31.80
C TYR B 53 -17.83 30.74 -31.54
N SER B 54 -18.91 30.46 -30.81
CA SER B 54 -19.97 31.44 -30.57
C SER B 54 -19.39 32.78 -30.13
N ASN B 55 -20.08 33.85 -30.50
CA ASN B 55 -19.63 35.20 -30.17
C ASN B 55 -19.40 35.33 -28.67
N GLU B 56 -18.29 35.96 -28.31
CA GLU B 56 -18.00 36.31 -26.92
C GLU B 56 -17.96 37.83 -26.83
N ASN B 57 -18.61 38.36 -25.81
CA ASN B 57 -18.57 39.80 -25.57
C ASN B 57 -17.28 40.19 -24.88
N LEU B 58 -16.65 41.24 -25.37
CA LEU B 58 -15.43 41.77 -24.80
C LEU B 58 -15.63 43.15 -24.20
N ASP B 59 -16.85 43.49 -23.81
CA ASP B 59 -17.13 44.78 -23.21
C ASP B 59 -16.87 44.69 -21.71
N LEU B 60 -15.81 45.34 -21.24
CA LEU B 60 -15.52 45.32 -19.83
C LEU B 60 -16.62 45.98 -19.02
N ALA B 61 -17.15 47.10 -19.52
CA ALA B 61 -18.20 47.80 -18.78
C ALA B 61 -19.44 46.94 -18.64
N ARG B 62 -19.88 46.33 -19.74
CA ARG B 62 -21.10 45.53 -19.67
C ARG B 62 -20.88 44.25 -18.89
N ALA B 63 -19.68 43.67 -18.99
CA ALA B 63 -19.38 42.48 -18.21
C ALA B 63 -19.35 42.77 -16.73
N GLN B 64 -18.77 43.91 -16.33
CA GLN B 64 -18.82 44.30 -14.93
C GLN B 64 -20.25 44.52 -14.48
N ALA B 65 -21.05 45.21 -15.31
CA ALA B 65 -22.42 45.51 -14.90
C ALA B 65 -23.23 44.22 -14.72
N VAL B 66 -23.01 43.23 -15.58
CA VAL B 66 -23.78 41.99 -15.44
C VAL B 66 -23.23 41.14 -14.30
N LEU B 67 -21.93 41.19 -14.03
CA LEU B 67 -21.39 40.44 -12.92
C LEU B 67 -21.89 40.97 -11.58
N GLU B 68 -21.84 42.29 -11.41
CA GLU B 68 -22.26 42.87 -10.14
C GLU B 68 -23.76 42.97 -9.98
N GLU B 69 -24.55 42.31 -10.81
CA GLU B 69 -26.00 42.42 -10.69
C GLU B 69 -26.65 41.23 -10.02
N ASP B 70 -26.08 40.02 -10.15
CA ASP B 70 -26.75 38.84 -9.64
C ASP B 70 -25.84 37.99 -8.78
N HIS B 71 -24.85 38.61 -8.14
CA HIS B 71 -24.04 37.93 -7.13
C HIS B 71 -23.37 38.95 -6.23
N TYR B 72 -23.73 38.92 -4.95
CA TYR B 72 -23.09 39.76 -3.97
C TYR B 72 -21.67 39.29 -3.72
N GLY B 73 -20.77 40.24 -3.50
CA GLY B 73 -19.40 39.89 -3.15
C GLY B 73 -18.72 39.07 -4.23
N MET B 74 -17.85 38.17 -3.82
CA MET B 74 -17.10 37.31 -4.73
C MET B 74 -16.20 38.13 -5.66
N GLU B 75 -15.67 39.23 -5.13
CA GLU B 75 -14.88 40.13 -5.96
C GLU B 75 -13.60 39.50 -6.45
N ASP B 76 -13.09 38.46 -5.80
CA ASP B 76 -11.94 37.76 -6.35
C ASP B 76 -12.27 37.13 -7.68
N VAL B 77 -13.35 36.34 -7.72
CA VAL B 77 -13.80 35.74 -8.96
C VAL B 77 -14.13 36.81 -9.99
N LYS B 78 -14.74 37.90 -9.55
CA LYS B 78 -15.12 38.93 -10.52
C LYS B 78 -13.91 39.61 -11.12
N LYS B 79 -12.89 39.92 -10.31
CA LYS B 79 -11.65 40.48 -10.85
C LYS B 79 -10.98 39.50 -11.79
N ARG B 80 -10.96 38.22 -11.43
CA ARG B 80 -10.31 37.25 -12.29
C ARG B 80 -11.00 37.18 -13.64
N ILE B 81 -12.33 37.19 -13.65
CA ILE B 81 -13.03 37.10 -14.93
C ILE B 81 -12.85 38.39 -15.73
N LEU B 82 -12.79 39.53 -15.07
CA LEU B 82 -12.54 40.77 -15.81
C LEU B 82 -11.16 40.75 -16.44
N GLU B 83 -10.15 40.31 -15.71
CA GLU B 83 -8.82 40.17 -16.29
C GLU B 83 -8.84 39.18 -17.45
N PHE B 84 -9.61 38.11 -17.30
CA PHE B 84 -9.76 37.14 -18.39
C PHE B 84 -10.30 37.81 -19.64
N ILE B 85 -11.37 38.59 -19.50
CA ILE B 85 -11.96 39.25 -20.67
C ILE B 85 -10.98 40.24 -21.28
N ALA B 86 -10.29 41.00 -20.44
CA ALA B 86 -9.32 41.96 -20.95
C ALA B 86 -8.24 41.27 -21.76
N VAL B 87 -7.74 40.14 -21.28
CA VAL B 87 -6.69 39.43 -21.99
C VAL B 87 -7.23 38.83 -23.29
N SER B 88 -8.40 38.20 -23.23
CA SER B 88 -9.00 37.63 -24.43
C SER B 88 -9.40 38.69 -25.43
N GLN B 89 -9.41 39.96 -25.04
CA GLN B 89 -9.62 41.03 -26.00
C GLN B 89 -8.32 41.62 -26.52
N LEU B 90 -7.27 41.68 -25.70
CA LEU B 90 -5.95 42.05 -26.20
C LEU B 90 -5.43 41.07 -27.23
N ARG B 91 -5.63 39.78 -27.00
CA ARG B 91 -5.40 38.82 -28.06
C ARG B 91 -6.62 38.77 -28.95
N GLY B 92 -6.42 38.87 -30.26
CA GLY B 92 -7.52 38.95 -31.20
C GLY B 92 -8.44 37.75 -31.22
N SER B 93 -8.19 36.76 -30.36
CA SER B 93 -8.98 35.54 -30.35
C SER B 93 -9.46 35.22 -28.95
N THR B 94 -10.37 34.25 -28.87
CA THR B 94 -10.72 33.64 -27.60
C THR B 94 -9.52 32.83 -27.09
N GLN B 95 -9.43 32.69 -25.76
CA GLN B 95 -8.29 31.99 -25.20
C GLN B 95 -8.67 30.71 -24.46
N GLY B 96 -9.47 30.80 -23.40
CA GLY B 96 -9.78 29.61 -22.62
C GLY B 96 -8.77 29.29 -21.53
N LYS B 97 -9.19 29.32 -20.27
CA LYS B 97 -8.34 29.05 -19.12
C LYS B 97 -8.91 27.87 -18.32
N ILE B 98 -8.30 27.57 -17.18
CA ILE B 98 -8.71 26.47 -16.32
C ILE B 98 -8.71 26.98 -14.89
N LEU B 99 -9.88 27.36 -14.39
CA LEU B 99 -10.03 27.94 -13.07
C LEU B 99 -10.75 26.98 -12.13
N CYS B 100 -10.44 27.06 -10.84
CA CYS B 100 -11.07 26.22 -9.84
C CYS B 100 -11.40 27.06 -8.62
N PHE B 101 -12.68 27.15 -8.29
CA PHE B 101 -13.15 27.87 -7.11
C PHE B 101 -13.30 26.90 -5.95
N TYR B 102 -12.66 27.21 -4.84
CA TYR B 102 -12.82 26.40 -3.65
C TYR B 102 -13.40 27.23 -2.52
N GLY B 103 -14.16 26.58 -1.66
CA GLY B 103 -14.79 27.26 -0.55
C GLY B 103 -15.78 26.37 0.17
N PRO B 104 -16.33 26.88 1.26
CA PRO B 104 -17.31 26.11 2.02
C PRO B 104 -18.57 25.85 1.21
N PRO B 105 -19.46 25.00 1.70
CA PRO B 105 -20.70 24.75 0.95
C PRO B 105 -21.67 25.91 1.06
N GLY B 106 -22.21 26.30 -0.09
CA GLY B 106 -23.24 27.31 -0.13
C GLY B 106 -22.72 28.72 -0.22
N VAL B 107 -21.68 28.94 -0.99
CA VAL B 107 -21.11 30.27 -1.16
C VAL B 107 -21.36 30.83 -2.55
N GLY B 108 -21.95 30.06 -3.44
CA GLY B 108 -22.34 30.56 -4.74
C GLY B 108 -21.47 30.16 -5.91
N LYS B 109 -20.71 29.08 -5.80
CA LYS B 109 -19.73 28.76 -6.85
C LYS B 109 -20.42 28.37 -8.14
N THR B 110 -21.38 27.45 -8.07
CA THR B 110 -22.10 27.04 -9.28
C THR B 110 -22.90 28.19 -9.86
N SER B 111 -23.55 28.97 -9.00
CA SER B 111 -24.39 30.05 -9.49
C SER B 111 -23.56 31.12 -10.17
N ILE B 112 -22.38 31.42 -9.64
CA ILE B 112 -21.54 32.38 -10.33
C ILE B 112 -20.91 31.78 -11.57
N ALA B 113 -20.78 30.45 -11.65
CA ALA B 113 -20.41 29.87 -12.94
C ALA B 113 -21.46 30.17 -13.99
N ARG B 114 -22.74 30.01 -13.62
CA ARG B 114 -23.82 30.39 -14.52
C ARG B 114 -23.72 31.85 -14.92
N SER B 115 -23.45 32.72 -13.95
CA SER B 115 -23.40 34.15 -14.24
C SER B 115 -22.22 34.49 -15.15
N ILE B 116 -21.08 33.83 -14.95
CA ILE B 116 -19.94 34.03 -15.84
C ILE B 116 -20.31 33.63 -17.26
N ALA B 117 -20.97 32.48 -17.41
CA ALA B 117 -21.35 32.04 -18.74
C ALA B 117 -22.22 33.08 -19.43
N ARG B 118 -23.28 33.52 -18.76
CA ARG B 118 -24.17 34.48 -19.41
C ARG B 118 -23.51 35.86 -19.55
N ALA B 119 -22.42 36.11 -18.84
CA ALA B 119 -21.75 37.39 -18.94
C ALA B 119 -20.76 37.43 -20.09
N LEU B 120 -20.07 36.33 -20.34
CA LEU B 120 -19.21 36.23 -21.51
C LEU B 120 -19.96 35.80 -22.75
N ASN B 121 -21.24 35.49 -22.64
CA ASN B 121 -22.10 35.08 -23.75
C ASN B 121 -21.71 33.71 -24.29
N ARG B 122 -20.74 33.05 -23.67
CA ARG B 122 -20.48 31.66 -23.99
C ARG B 122 -21.67 30.81 -23.59
N GLU B 123 -21.74 29.61 -24.15
CA GLU B 123 -22.76 28.67 -23.72
C GLU B 123 -22.44 28.21 -22.29
N TYR B 124 -23.26 27.32 -21.77
CA TYR B 124 -23.07 26.84 -20.42
C TYR B 124 -23.35 25.35 -20.39
N PHE B 125 -22.60 24.65 -19.53
CA PHE B 125 -22.82 23.22 -19.34
C PHE B 125 -22.09 22.79 -18.10
N ARG B 126 -22.79 22.16 -17.17
CA ARG B 126 -22.21 21.70 -15.92
C ARG B 126 -22.42 20.21 -15.77
N PHE B 127 -21.53 19.59 -15.00
CA PHE B 127 -21.77 18.22 -14.57
C PHE B 127 -20.92 17.92 -13.36
N SER B 128 -21.29 16.86 -12.65
CA SER B 128 -20.63 16.49 -11.42
C SER B 128 -19.73 15.28 -11.65
N VAL B 129 -18.68 15.21 -10.85
CA VAL B 129 -17.78 14.06 -10.85
C VAL B 129 -17.60 13.58 -9.43
N GLY B 130 -18.57 13.87 -8.57
CA GLY B 130 -18.45 13.54 -7.17
C GLY B 130 -18.17 12.07 -6.92
N GLY B 131 -19.14 11.21 -7.21
CA GLY B 131 -19.01 9.80 -6.98
C GLY B 131 -18.74 8.95 -8.21
N MET B 132 -18.41 9.57 -9.34
CA MET B 132 -18.12 8.79 -10.53
C MET B 132 -16.79 8.06 -10.38
N THR B 133 -16.76 6.82 -10.85
CA THR B 133 -15.56 5.99 -10.81
C THR B 133 -15.12 5.55 -12.19
N ASP B 134 -16.05 5.09 -13.02
CA ASP B 134 -15.70 4.59 -14.34
C ASP B 134 -15.22 5.75 -15.23
N VAL B 135 -14.37 5.41 -16.20
CA VAL B 135 -13.96 6.38 -17.21
C VAL B 135 -14.97 6.29 -18.34
N ALA B 136 -15.99 5.45 -18.15
CA ALA B 136 -16.99 5.25 -19.20
C ALA B 136 -17.79 6.51 -19.46
N GLU B 137 -17.87 7.41 -18.48
CA GLU B 137 -18.72 8.58 -18.59
C GLU B 137 -17.96 9.85 -18.91
N ILE B 138 -16.74 10.00 -18.41
CA ILE B 138 -15.99 11.21 -18.70
C ILE B 138 -15.38 11.16 -20.09
N LYS B 139 -15.16 9.97 -20.64
CA LYS B 139 -14.55 9.83 -21.97
C LYS B 139 -15.41 9.04 -22.95
N GLY B 140 -16.44 8.35 -22.48
CA GLY B 140 -17.26 7.54 -23.36
C GLY B 140 -16.68 6.17 -23.65
N HIS B 141 -17.50 5.29 -24.22
CA HIS B 141 -17.09 3.94 -24.59
C HIS B 141 -16.81 3.87 -26.09
N ARG B 142 -16.50 2.67 -26.56
CA ARG B 142 -16.21 2.45 -27.97
C ARG B 142 -17.26 1.52 -28.56
N ARG B 143 -17.31 1.51 -29.90
CA ARG B 143 -18.37 0.81 -30.62
C ARG B 143 -18.48 -0.66 -30.25
N THR B 144 -17.36 -1.29 -29.90
CA THR B 144 -17.39 -2.72 -29.53
C THR B 144 -18.31 -2.95 -28.34
N TYR B 145 -18.37 -2.02 -27.41
CA TYR B 145 -19.28 -2.14 -26.28
C TYR B 145 -20.72 -2.17 -26.78
N VAL B 146 -21.57 -2.89 -26.03
CA VAL B 146 -22.97 -3.01 -26.41
C VAL B 146 -23.66 -1.65 -26.35
N GLY B 147 -23.40 -0.90 -25.29
CA GLY B 147 -23.92 0.46 -25.21
C GLY B 147 -23.26 1.38 -26.21
N ALA B 148 -23.80 2.60 -26.29
CA ALA B 148 -23.26 3.63 -27.19
C ALA B 148 -23.46 4.98 -26.52
N MET B 149 -22.43 5.46 -25.84
CA MET B 149 -22.49 6.77 -25.21
C MET B 149 -21.13 7.46 -25.32
N PRO B 150 -21.06 8.59 -26.04
CA PRO B 150 -19.79 9.31 -26.22
C PRO B 150 -19.43 10.25 -25.08
N GLY B 151 -19.54 9.76 -23.85
CA GLY B 151 -19.01 10.50 -22.71
C GLY B 151 -19.85 11.70 -22.31
N LYS B 152 -19.17 12.75 -21.88
CA LYS B 152 -19.82 14.00 -21.47
C LYS B 152 -19.37 15.20 -22.27
N ILE B 153 -18.10 15.25 -22.69
CA ILE B 153 -17.63 16.43 -23.42
C ILE B 153 -18.26 16.49 -24.80
N ILE B 154 -18.33 15.36 -25.50
CA ILE B 154 -19.03 15.31 -26.78
C ILE B 154 -20.50 15.64 -26.59
N GLN B 155 -21.09 15.14 -25.50
CA GLN B 155 -22.48 15.48 -25.17
C GLN B 155 -22.65 16.98 -25.02
N CYS B 156 -21.70 17.63 -24.36
CA CYS B 156 -21.75 19.09 -24.21
C CYS B 156 -21.63 19.78 -25.55
N LEU B 157 -20.69 19.33 -26.38
CA LEU B 157 -20.51 19.95 -27.68
C LEU B 157 -21.79 19.85 -28.51
N LYS B 158 -22.48 18.72 -28.41
CA LYS B 158 -23.76 18.60 -29.11
C LYS B 158 -24.79 19.54 -28.52
N LYS B 159 -24.93 19.52 -27.19
CA LYS B 159 -26.00 20.27 -26.54
C LYS B 159 -25.85 21.78 -26.74
N THR B 160 -24.61 22.27 -26.82
CA THR B 160 -24.38 23.71 -26.92
C THR B 160 -24.09 24.19 -28.33
N LYS B 161 -23.41 23.39 -29.16
CA LYS B 161 -23.06 23.76 -30.54
C LYS B 161 -22.10 24.96 -30.56
N THR B 162 -21.04 24.85 -29.77
CA THR B 162 -19.95 25.81 -29.83
C THR B 162 -18.73 25.19 -29.18
N GLU B 163 -17.57 25.73 -29.51
CA GLU B 163 -16.29 25.20 -29.03
C GLU B 163 -15.73 26.00 -27.87
N ASN B 164 -16.53 26.85 -27.22
CA ASN B 164 -16.13 27.55 -26.00
C ASN B 164 -17.29 27.57 -25.01
N PRO B 165 -17.78 26.41 -24.60
CA PRO B 165 -19.03 26.40 -23.83
C PRO B 165 -18.86 26.61 -22.33
N LEU B 166 -17.66 26.84 -21.83
CA LEU B 166 -17.46 27.05 -20.40
C LEU B 166 -17.99 25.86 -19.60
N ILE B 167 -17.36 24.71 -19.74
CA ILE B 167 -17.76 23.55 -18.97
C ILE B 167 -17.48 23.79 -17.49
N LEU B 168 -18.33 23.25 -16.64
CA LEU B 168 -18.23 23.44 -15.19
C LEU B 168 -18.29 22.06 -14.51
N ILE B 169 -17.14 21.59 -14.07
CA ILE B 169 -17.07 20.35 -13.32
C ILE B 169 -17.25 20.66 -11.84
N ASP B 170 -18.14 19.92 -11.19
CA ASP B 170 -18.45 20.16 -9.78
C ASP B 170 -17.89 19.03 -8.92
N GLU B 171 -17.56 19.39 -7.68
CA GLU B 171 -17.09 18.44 -6.68
C GLU B 171 -15.83 17.71 -7.13
N VAL B 172 -14.95 18.42 -7.84
CA VAL B 172 -13.73 17.82 -8.35
C VAL B 172 -12.82 17.32 -7.25
N ASP B 173 -13.01 17.79 -6.01
CA ASP B 173 -12.21 17.30 -4.89
C ASP B 173 -12.78 16.04 -4.29
N LYS B 174 -13.72 15.38 -4.98
CA LYS B 174 -14.35 14.18 -4.45
C LYS B 174 -14.27 13.00 -5.40
N ILE B 175 -13.62 13.15 -6.56
CA ILE B 175 -13.33 12.01 -7.42
C ILE B 175 -12.51 10.97 -6.67
N PRO B 183 -9.74 7.08 -12.60
CA PRO B 183 -10.82 8.04 -12.84
C PRO B 183 -10.32 9.47 -12.95
N SER B 184 -9.21 9.77 -12.28
CA SER B 184 -8.62 11.11 -12.34
C SER B 184 -7.69 11.29 -13.53
N SER B 185 -7.24 10.20 -14.15
CA SER B 185 -6.41 10.32 -15.33
C SER B 185 -7.14 11.04 -16.46
N ALA B 186 -8.43 10.75 -16.62
CA ALA B 186 -9.18 11.39 -17.70
C ALA B 186 -9.39 12.87 -17.41
N LEU B 187 -9.73 13.21 -16.17
CA LEU B 187 -9.82 14.61 -15.80
C LEU B 187 -8.52 15.34 -16.10
N LEU B 188 -7.40 14.68 -15.80
CA LEU B 188 -6.09 15.23 -16.14
C LEU B 188 -5.99 15.47 -17.64
N GLU B 189 -6.16 14.41 -18.43
CA GLU B 189 -6.04 14.51 -19.89
C GLU B 189 -7.00 15.52 -20.47
N LEU B 190 -8.04 15.86 -19.73
CA LEU B 190 -9.02 16.83 -20.19
C LEU B 190 -8.58 18.25 -19.89
N LEU B 191 -8.08 18.50 -18.68
CA LEU B 191 -7.69 19.82 -18.24
C LEU B 191 -6.19 20.07 -18.34
N ASP B 192 -5.50 19.38 -19.25
CA ASP B 192 -4.05 19.53 -19.38
C ASP B 192 -3.73 20.20 -20.70
N PRO B 193 -3.28 21.46 -20.69
CA PRO B 193 -2.97 22.14 -21.97
C PRO B 193 -1.94 21.41 -22.81
N GLU B 194 -1.18 20.48 -22.22
CA GLU B 194 -0.33 19.61 -23.02
C GLU B 194 -1.18 18.64 -23.83
N GLN B 195 -2.04 17.89 -23.14
CA GLN B 195 -2.92 16.92 -23.77
C GLN B 195 -4.28 17.50 -24.12
N ASN B 196 -4.36 18.81 -24.38
CA ASN B 196 -5.63 19.49 -24.58
C ASN B 196 -5.99 19.68 -26.04
N ALA B 197 -5.04 20.18 -26.85
CA ALA B 197 -5.31 20.51 -28.24
C ALA B 197 -6.02 19.38 -28.99
N ASN B 198 -5.77 18.13 -28.57
CA ASN B 198 -6.47 16.98 -29.10
C ASN B 198 -6.97 16.12 -27.95
N PHE B 199 -8.20 15.65 -28.04
CA PHE B 199 -8.83 14.93 -26.93
C PHE B 199 -8.92 13.43 -27.17
N LEU B 200 -9.47 13.01 -28.31
CA LEU B 200 -9.61 11.59 -28.67
C LEU B 200 -10.45 10.83 -27.64
N ASP B 201 -11.74 11.18 -27.61
CA ASP B 201 -12.72 10.36 -26.92
C ASP B 201 -12.75 8.95 -27.50
N HIS B 202 -13.51 8.04 -26.87
CA HIS B 202 -13.54 6.66 -27.35
C HIS B 202 -14.51 6.49 -28.50
N TYR B 203 -15.78 6.86 -28.29
CA TYR B 203 -16.80 6.70 -29.32
C TYR B 203 -16.47 7.46 -30.60
N LEU B 204 -15.63 8.50 -30.52
CA LEU B 204 -15.13 9.20 -31.69
C LEU B 204 -13.62 9.14 -31.67
N ASP B 205 -13.05 8.47 -32.64
CA ASP B 205 -11.60 8.47 -32.68
C ASP B 205 -11.02 9.76 -33.22
N VAL B 206 -11.83 10.81 -33.31
CA VAL B 206 -11.40 12.08 -33.90
C VAL B 206 -11.02 13.05 -32.78
N PRO B 207 -9.94 13.82 -32.93
CA PRO B 207 -9.57 14.79 -31.90
C PRO B 207 -10.40 16.06 -32.00
N VAL B 208 -10.53 16.74 -30.86
CA VAL B 208 -11.26 18.00 -30.76
C VAL B 208 -10.35 19.03 -30.11
N ASP B 209 -10.58 20.30 -30.45
CA ASP B 209 -9.74 21.40 -29.99
C ASP B 209 -10.40 22.08 -28.79
N LEU B 210 -10.22 21.46 -27.62
CA LEU B 210 -10.71 22.01 -26.37
C LEU B 210 -9.82 23.11 -25.82
N SER B 211 -8.90 23.64 -26.61
CA SER B 211 -7.94 24.63 -26.12
C SER B 211 -8.59 26.00 -26.05
N LYS B 212 -9.91 26.06 -26.13
CA LYS B 212 -10.63 27.31 -26.10
C LYS B 212 -11.79 27.35 -25.10
N VAL B 213 -12.21 26.21 -24.56
CA VAL B 213 -13.30 26.25 -23.60
C VAL B 213 -12.77 26.77 -22.27
N LEU B 214 -13.65 27.34 -21.46
CA LEU B 214 -13.27 27.90 -20.18
C LEU B 214 -13.68 26.90 -19.09
N PHE B 215 -12.76 26.03 -18.70
CA PHE B 215 -13.04 25.06 -17.66
C PHE B 215 -13.12 25.74 -16.31
N ILE B 216 -14.22 25.49 -15.60
CA ILE B 216 -14.33 25.83 -14.18
C ILE B 216 -14.47 24.53 -13.42
N CYS B 217 -13.82 24.46 -12.27
CA CYS B 217 -14.00 23.37 -11.32
C CYS B 217 -14.45 23.97 -10.01
N THR B 218 -15.25 23.23 -9.27
CA THR B 218 -15.64 23.65 -7.93
C THR B 218 -15.23 22.57 -6.93
N ALA B 219 -14.58 22.98 -5.85
CA ALA B 219 -14.15 22.05 -4.82
C ALA B 219 -14.40 22.67 -3.47
N ASN B 220 -14.58 21.82 -2.46
CA ASN B 220 -14.77 22.32 -1.11
C ASN B 220 -13.45 22.51 -0.38
N VAL B 221 -12.56 21.53 -0.49
CA VAL B 221 -11.23 21.59 0.11
C VAL B 221 -10.22 21.27 -0.98
N THR B 222 -9.22 22.14 -1.13
CA THR B 222 -8.26 21.95 -2.21
C THR B 222 -7.34 20.77 -1.97
N ASP B 223 -7.16 20.35 -0.72
CA ASP B 223 -6.14 19.34 -0.42
C ASP B 223 -6.49 17.99 -1.01
N THR B 224 -7.77 17.68 -1.15
CA THR B 224 -8.16 16.42 -1.75
C THR B 224 -7.93 16.38 -3.25
N ILE B 225 -7.84 17.53 -3.90
CA ILE B 225 -7.60 17.61 -5.34
C ILE B 225 -6.23 17.03 -5.62
N PRO B 226 -6.14 15.91 -6.34
CA PRO B 226 -4.85 15.28 -6.58
C PRO B 226 -3.86 16.24 -7.22
N GLU B 227 -2.58 16.07 -6.86
CA GLU B 227 -1.57 17.05 -7.23
C GLU B 227 -1.43 17.30 -8.73
N PRO B 228 -1.48 16.29 -9.62
CA PRO B 228 -1.36 16.59 -11.05
C PRO B 228 -2.42 17.53 -11.57
N LEU B 229 -3.54 17.65 -10.86
CA LEU B 229 -4.57 18.63 -11.18
C LEU B 229 -4.37 19.93 -10.41
N ARG B 230 -4.11 19.81 -9.11
CA ARG B 230 -3.97 20.98 -8.26
C ARG B 230 -2.92 21.93 -8.80
N ASP B 231 -1.84 21.42 -9.38
CA ASP B 231 -0.86 22.35 -9.94
C ASP B 231 -1.25 22.87 -11.30
N ARG B 232 -2.26 22.28 -11.94
CA ARG B 232 -2.66 22.70 -13.28
C ARG B 232 -3.75 23.76 -13.24
N MET B 233 -4.79 23.55 -12.46
CA MET B 233 -5.86 24.54 -12.37
C MET B 233 -5.44 25.71 -11.49
N GLU B 234 -5.95 26.89 -11.82
CA GLU B 234 -5.68 28.09 -11.04
C GLU B 234 -6.69 28.18 -9.92
N MET B 235 -6.21 28.16 -8.67
CA MET B 235 -7.07 28.01 -7.51
C MET B 235 -7.48 29.39 -6.98
N ILE B 236 -8.78 29.67 -7.03
CA ILE B 236 -9.35 30.90 -6.51
C ILE B 236 -10.25 30.55 -5.33
N ASN B 237 -10.14 31.33 -4.27
CA ASN B 237 -10.92 31.09 -3.06
C ASN B 237 -12.18 31.93 -3.07
N VAL B 238 -13.28 31.31 -2.67
CA VAL B 238 -14.54 32.01 -2.42
C VAL B 238 -14.88 31.79 -0.95
N SER B 239 -14.98 32.89 -0.21
CA SER B 239 -15.04 32.80 1.24
C SER B 239 -16.48 32.69 1.73
N GLY B 240 -16.63 32.58 3.05
CA GLY B 240 -17.93 32.50 3.68
C GLY B 240 -18.56 33.87 3.77
N TYR B 241 -19.57 33.98 4.62
CA TYR B 241 -20.40 35.18 4.67
C TYR B 241 -20.65 35.59 6.11
N VAL B 242 -20.30 36.81 6.45
CA VAL B 242 -20.60 37.40 7.74
C VAL B 242 -22.11 37.63 7.80
N ALA B 243 -22.64 37.97 8.97
CA ALA B 243 -24.10 38.01 9.13
C ALA B 243 -24.74 39.08 8.27
N GLN B 244 -24.16 40.27 8.19
CA GLN B 244 -24.79 41.32 7.40
C GLN B 244 -24.73 41.00 5.91
N GLU B 245 -23.67 40.33 5.46
CA GLU B 245 -23.61 39.90 4.08
C GLU B 245 -24.64 38.80 3.81
N LYS B 246 -24.82 37.89 4.76
CA LYS B 246 -25.86 36.88 4.62
C LYS B 246 -27.23 37.53 4.50
N LEU B 247 -27.48 38.55 5.31
CA LEU B 247 -28.75 39.27 5.23
C LEU B 247 -28.92 39.91 3.86
N ALA B 248 -27.88 40.57 3.37
CA ALA B 248 -27.96 41.18 2.04
C ALA B 248 -28.29 40.14 0.98
N ILE B 249 -27.63 38.99 1.03
CA ILE B 249 -27.86 37.94 0.04
C ILE B 249 -29.28 37.44 0.13
N ALA B 250 -29.78 37.22 1.34
CA ALA B 250 -31.15 36.72 1.49
C ALA B 250 -32.16 37.72 0.98
N GLU B 251 -31.98 38.99 1.34
CA GLU B 251 -32.93 40.02 0.94
C GLU B 251 -32.95 40.18 -0.57
N ARG B 252 -31.78 40.24 -1.18
CA ARG B 252 -31.71 40.63 -2.58
C ARG B 252 -31.86 39.46 -3.53
N TYR B 253 -31.51 38.24 -3.12
CA TYR B 253 -31.54 37.09 -4.02
C TYR B 253 -32.40 35.93 -3.52
N LEU B 254 -32.23 35.52 -2.26
CA LEU B 254 -32.83 34.25 -1.83
C LEU B 254 -34.34 34.33 -1.74
N VAL B 255 -34.87 35.40 -1.16
CA VAL B 255 -36.31 35.54 -1.04
C VAL B 255 -36.94 35.71 -2.42
N PRO B 256 -36.39 36.52 -3.32
CA PRO B 256 -36.92 36.52 -4.70
C PRO B 256 -36.90 35.16 -5.37
N GLN B 257 -35.81 34.41 -5.26
CA GLN B 257 -35.77 33.09 -5.87
C GLN B 257 -36.82 32.18 -5.28
N ALA B 258 -36.98 32.18 -3.95
CA ALA B 258 -37.97 31.29 -3.34
C ALA B 258 -39.39 31.73 -3.69
N ARG B 259 -39.63 33.05 -3.77
CA ARG B 259 -40.92 33.50 -4.26
C ARG B 259 -41.19 32.94 -5.64
N ALA B 260 -40.36 33.32 -6.62
CA ALA B 260 -40.57 32.88 -8.00
C ALA B 260 -40.49 31.36 -8.11
N LEU B 261 -40.14 30.70 -7.02
CA LEU B 261 -40.26 29.25 -6.95
C LEU B 261 -41.62 28.80 -6.44
N CYS B 262 -42.28 29.62 -5.61
CA CYS B 262 -43.59 29.28 -5.06
C CYS B 262 -44.67 30.26 -5.50
N GLY B 263 -44.50 30.92 -6.64
CA GLY B 263 -45.48 31.80 -7.22
C GLY B 263 -46.09 32.84 -6.30
N LEU B 264 -45.30 33.83 -5.87
CA LEU B 264 -45.77 34.85 -4.96
C LEU B 264 -45.26 36.21 -5.44
N ASP B 265 -45.39 37.23 -4.60
CA ASP B 265 -44.97 38.57 -4.96
C ASP B 265 -44.68 39.37 -3.69
N GLU B 266 -44.19 40.60 -3.89
CA GLU B 266 -43.86 41.44 -2.74
C GLU B 266 -45.09 41.77 -1.91
N SER B 267 -46.26 41.79 -2.53
CA SER B 267 -47.50 42.01 -1.79
C SER B 267 -48.14 40.71 -1.36
N LYS B 268 -47.93 39.64 -2.12
CA LYS B 268 -48.50 38.34 -1.77
C LYS B 268 -47.97 37.86 -0.42
N ALA B 269 -46.67 37.59 -0.34
CA ALA B 269 -46.03 37.09 0.87
C ALA B 269 -44.72 37.83 1.08
N LYS B 270 -44.61 38.52 2.20
CA LYS B 270 -43.43 39.31 2.51
C LYS B 270 -42.71 38.76 3.74
N LEU B 271 -41.38 38.82 3.69
CA LEU B 271 -40.52 38.54 4.83
C LEU B 271 -39.86 39.84 5.25
N SER B 272 -39.47 39.92 6.52
CA SER B 272 -38.91 41.16 7.06
C SER B 272 -37.41 41.02 7.26
N SER B 273 -36.71 42.15 7.27
CA SER B 273 -35.28 42.11 7.56
C SER B 273 -35.02 41.68 8.99
N ASP B 274 -35.86 42.12 9.93
CA ASP B 274 -35.67 41.72 11.31
C ASP B 274 -35.89 40.23 11.49
N VAL B 275 -36.92 39.68 10.88
CA VAL B 275 -37.12 38.23 10.96
C VAL B 275 -36.05 37.49 10.20
N LEU B 276 -35.46 38.10 9.17
CA LEU B 276 -34.39 37.43 8.46
C LEU B 276 -33.12 37.36 9.29
N THR B 277 -32.80 38.44 10.02
CA THR B 277 -31.69 38.37 10.94
C THR B 277 -31.95 37.36 12.05
N LEU B 278 -33.16 37.39 12.61
CA LEU B 278 -33.51 36.41 13.64
C LEU B 278 -33.31 35.00 13.14
N LEU B 279 -33.76 34.73 11.92
CA LEU B 279 -33.61 33.40 11.34
C LEU B 279 -32.15 33.05 11.15
N ILE B 280 -31.38 33.96 10.53
CA ILE B 280 -29.95 33.74 10.34
C ILE B 280 -29.28 33.34 11.64
N LYS B 281 -29.63 34.02 12.74
CA LYS B 281 -28.89 33.80 13.97
C LYS B 281 -29.39 32.62 14.78
N GLN B 282 -30.68 32.28 14.71
CA GLN B 282 -31.19 31.19 15.54
C GLN B 282 -31.36 29.87 14.80
N TYR B 283 -31.67 29.89 13.52
CA TYR B 283 -32.06 28.69 12.80
C TYR B 283 -30.98 28.19 11.85
N CYS B 284 -29.80 28.81 11.84
CA CYS B 284 -28.72 28.36 10.99
C CYS B 284 -27.41 28.54 11.74
N ARG B 285 -26.43 27.72 11.38
CA ARG B 285 -25.11 27.78 11.98
C ARG B 285 -23.99 27.74 10.95
N GLU B 286 -24.28 27.41 9.71
CA GLU B 286 -23.25 27.24 8.70
C GLU B 286 -22.60 28.58 8.37
N SER B 287 -21.65 28.54 7.43
CA SER B 287 -21.04 29.74 6.91
C SER B 287 -21.57 30.14 5.53
N GLY B 288 -22.18 29.22 4.81
CA GLY B 288 -22.83 29.53 3.55
C GLY B 288 -24.24 30.03 3.76
N VAL B 289 -25.06 29.87 2.72
CA VAL B 289 -26.46 30.26 2.81
C VAL B 289 -27.40 29.15 2.37
N ARG B 290 -26.92 27.91 2.33
CA ARG B 290 -27.78 26.81 1.90
C ARG B 290 -28.91 26.57 2.89
N ASN B 291 -28.57 26.42 4.17
CA ASN B 291 -29.61 26.23 5.18
C ASN B 291 -30.51 27.45 5.28
N LEU B 292 -29.95 28.65 5.08
CA LEU B 292 -30.77 29.85 5.11
C LEU B 292 -31.80 29.83 3.99
N GLN B 293 -31.40 29.41 2.79
CA GLN B 293 -32.39 29.36 1.72
C GLN B 293 -33.38 28.23 1.95
N LYS B 294 -32.97 27.16 2.62
CA LYS B 294 -33.94 26.10 2.91
C LYS B 294 -35.00 26.60 3.88
N GLN B 295 -34.59 27.32 4.93
CA GLN B 295 -35.56 27.91 5.83
C GLN B 295 -36.45 28.90 5.10
N VAL B 296 -35.86 29.72 4.24
CA VAL B 296 -36.66 30.72 3.51
C VAL B 296 -37.73 30.04 2.66
N GLU B 297 -37.34 29.00 1.92
CA GLU B 297 -38.31 28.36 1.04
C GLU B 297 -39.35 27.58 1.84
N LYS B 298 -38.98 27.04 3.00
CA LYS B 298 -40.00 26.40 3.83
C LYS B 298 -41.01 27.43 4.34
N VAL B 299 -40.52 28.56 4.85
CA VAL B 299 -41.42 29.62 5.28
C VAL B 299 -42.33 30.05 4.15
N LEU B 300 -41.77 30.12 2.94
CA LEU B 300 -42.57 30.60 1.82
C LEU B 300 -43.62 29.59 1.40
N ARG B 301 -43.29 28.30 1.42
CA ARG B 301 -44.31 27.33 1.03
C ARG B 301 -45.39 27.20 2.10
N LYS B 302 -45.03 27.39 3.38
CA LYS B 302 -46.07 27.48 4.40
C LYS B 302 -46.98 28.67 4.16
N SER B 303 -46.38 29.82 3.85
CA SER B 303 -47.17 31.00 3.47
C SER B 303 -48.08 30.70 2.30
N ALA B 304 -47.57 29.96 1.31
CA ALA B 304 -48.36 29.65 0.12
C ALA B 304 -49.56 28.79 0.48
N TYR B 305 -49.33 27.75 1.29
CA TYR B 305 -50.43 26.91 1.74
C TYR B 305 -51.50 27.75 2.45
N LYS B 306 -51.07 28.62 3.37
CA LYS B 306 -52.03 29.45 4.08
C LYS B 306 -52.86 30.29 3.10
N ILE B 307 -52.19 30.93 2.14
CA ILE B 307 -52.90 31.81 1.23
C ILE B 307 -53.89 31.03 0.38
N VAL B 308 -53.42 29.96 -0.27
CA VAL B 308 -54.30 29.24 -1.20
C VAL B 308 -55.48 28.65 -0.46
N SER B 309 -55.25 28.12 0.75
CA SER B 309 -56.39 27.69 1.55
C SER B 309 -57.23 28.87 2.03
N GLY B 310 -56.74 30.09 1.88
CA GLY B 310 -57.54 31.25 2.23
C GLY B 310 -57.58 31.55 3.70
N GLU B 311 -56.82 30.82 4.52
CA GLU B 311 -56.79 31.09 5.95
C GLU B 311 -56.27 32.49 6.26
N ALA B 312 -55.72 33.18 5.25
CA ALA B 312 -55.30 34.56 5.42
C ALA B 312 -55.16 35.19 4.04
N GLU B 313 -55.05 36.51 4.04
CA GLU B 313 -54.69 37.27 2.85
C GLU B 313 -53.65 38.32 3.24
N SER B 314 -52.82 38.69 2.26
CA SER B 314 -51.69 39.58 2.49
C SER B 314 -50.84 39.11 3.66
N VAL B 315 -50.34 37.89 3.51
CA VAL B 315 -49.53 37.27 4.56
C VAL B 315 -48.23 38.04 4.73
N GLU B 316 -47.87 38.31 5.98
CA GLU B 316 -46.65 39.04 6.30
C GLU B 316 -46.00 38.35 7.49
N VAL B 317 -44.74 37.94 7.32
CA VAL B 317 -44.02 37.20 8.35
C VAL B 317 -43.34 38.19 9.28
N THR B 318 -43.56 38.03 10.57
CA THR B 318 -43.02 38.90 11.61
C THR B 318 -42.29 38.01 12.60
N PRO B 319 -41.42 38.58 13.43
CA PRO B 319 -40.73 37.76 14.44
C PRO B 319 -41.67 37.01 15.37
N GLU B 320 -42.85 37.54 15.66
CA GLU B 320 -43.77 36.92 16.62
C GLU B 320 -44.63 35.83 16.01
N ASN B 321 -44.98 35.92 14.73
CA ASN B 321 -45.70 34.85 14.06
C ASN B 321 -44.76 33.97 13.24
N LEU B 322 -43.45 34.08 13.45
CA LEU B 322 -42.52 33.20 12.77
C LEU B 322 -42.56 31.78 13.34
N GLN B 323 -42.76 31.67 14.66
CA GLN B 323 -42.89 30.35 15.27
C GLN B 323 -44.12 29.62 14.73
N ASP B 324 -45.09 30.34 14.21
CA ASP B 324 -46.22 29.70 13.54
C ASP B 324 -45.85 29.18 12.16
N PHE B 325 -44.62 29.41 11.72
CA PHE B 325 -44.13 28.93 10.43
C PHE B 325 -43.02 27.90 10.54
N VAL B 326 -42.07 28.10 11.45
CA VAL B 326 -40.95 27.17 11.61
C VAL B 326 -40.77 26.68 13.03
N GLY B 327 -41.55 27.15 13.99
CA GLY B 327 -41.46 26.63 15.32
C GLY B 327 -40.29 27.22 16.09
N LYS B 328 -40.02 26.62 17.25
CA LYS B 328 -39.04 27.16 18.16
C LYS B 328 -37.63 27.10 17.55
N PRO B 329 -36.74 28.01 17.96
CA PRO B 329 -35.42 28.07 17.34
C PRO B 329 -34.64 26.78 17.49
N VAL B 330 -33.61 26.64 16.66
CA VAL B 330 -32.74 25.48 16.68
C VAL B 330 -31.55 25.71 17.58
N PHE B 331 -30.89 26.85 17.43
CA PHE B 331 -29.65 27.18 18.13
C PHE B 331 -29.92 28.36 19.05
N THR B 332 -30.37 28.07 20.26
CA THR B 332 -30.56 29.13 21.24
C THR B 332 -29.22 29.69 21.69
N VAL B 333 -28.31 28.83 22.11
CA VAL B 333 -27.06 29.23 22.73
C VAL B 333 -26.03 29.54 21.66
N GLU B 334 -25.18 30.53 21.93
CA GLU B 334 -24.13 30.90 20.98
C GLU B 334 -23.12 29.77 20.79
N ARG B 335 -22.53 29.33 21.89
CA ARG B 335 -21.46 28.35 21.84
C ARG B 335 -21.49 27.50 23.09
N MET B 336 -20.60 26.51 23.12
CA MET B 336 -20.56 25.55 24.21
C MET B 336 -20.46 26.24 25.57
N TYR B 337 -19.64 27.27 25.67
CA TYR B 337 -19.44 27.99 26.93
C TYR B 337 -19.50 29.49 26.69
N ASP B 338 -19.95 30.22 27.70
CA ASP B 338 -19.75 31.65 27.73
C ASP B 338 -18.76 32.08 28.80
N VAL B 339 -18.73 31.39 29.92
CA VAL B 339 -17.71 31.57 30.94
C VAL B 339 -16.89 30.30 30.98
N THR B 340 -15.63 30.40 30.61
CA THR B 340 -14.98 29.11 30.53
C THR B 340 -14.30 28.77 31.84
N PRO B 341 -14.46 27.54 32.33
CA PRO B 341 -13.77 27.14 33.55
C PRO B 341 -12.28 27.01 33.31
N PRO B 342 -11.48 26.79 34.36
CA PRO B 342 -10.07 26.50 34.15
C PRO B 342 -9.86 25.29 33.26
N GLY B 343 -9.00 25.45 32.26
CA GLY B 343 -8.60 24.33 31.45
C GLY B 343 -9.32 24.17 30.14
N VAL B 344 -10.18 25.12 29.75
CA VAL B 344 -10.84 25.06 28.47
C VAL B 344 -10.69 26.42 27.79
N VAL B 345 -10.17 26.39 26.56
CA VAL B 345 -9.97 27.63 25.83
C VAL B 345 -10.54 27.48 24.43
N MET B 346 -10.88 28.63 23.84
CA MET B 346 -11.57 28.68 22.57
C MET B 346 -10.54 28.80 21.46
N GLY B 347 -10.52 27.83 20.57
CA GLY B 347 -9.60 27.84 19.45
C GLY B 347 -10.36 27.85 18.14
N LEU B 348 -9.95 28.71 17.24
CA LEU B 348 -10.55 28.74 15.92
C LEU B 348 -10.02 27.60 15.08
N ALA B 349 -10.88 27.05 14.25
CA ALA B 349 -10.55 25.91 13.42
C ALA B 349 -10.98 26.19 12.00
N TRP B 350 -10.34 25.49 11.07
CA TRP B 350 -10.62 25.62 9.64
C TRP B 350 -11.05 24.25 9.14
N THR B 351 -12.33 23.94 9.32
CA THR B 351 -12.90 22.66 8.94
C THR B 351 -13.24 22.65 7.46
N ALA B 352 -13.57 21.46 6.95
CA ALA B 352 -14.02 21.36 5.58
C ALA B 352 -15.30 22.15 5.32
N MET B 353 -16.06 22.44 6.37
CA MET B 353 -17.27 23.23 6.27
C MET B 353 -17.01 24.72 6.43
N GLY B 354 -15.76 25.14 6.37
CA GLY B 354 -15.41 26.52 6.63
C GLY B 354 -14.86 26.69 8.03
N GLY B 355 -14.87 27.93 8.49
CA GLY B 355 -14.38 28.21 9.82
C GLY B 355 -15.23 27.55 10.89
N SER B 356 -14.71 27.57 12.11
CA SER B 356 -15.44 27.04 13.26
C SER B 356 -14.75 27.51 14.52
N THR B 357 -15.46 27.39 15.64
CA THR B 357 -14.88 27.72 16.93
C THR B 357 -15.08 26.53 17.87
N LEU B 358 -13.97 25.96 18.32
CA LEU B 358 -13.96 24.74 19.10
C LEU B 358 -13.36 25.02 20.46
N PHE B 359 -13.52 24.08 21.38
CA PHE B 359 -13.08 24.26 22.75
C PHE B 359 -12.12 23.14 23.12
N VAL B 360 -10.87 23.51 23.37
CA VAL B 360 -9.88 22.56 23.87
C VAL B 360 -10.07 22.42 25.37
N GLU B 361 -10.17 21.17 25.84
CA GLU B 361 -10.47 20.90 27.24
C GLU B 361 -9.37 20.04 27.87
N THR B 362 -9.06 20.32 29.12
CA THR B 362 -8.14 19.51 29.91
C THR B 362 -8.78 19.13 31.23
N SER B 363 -8.40 17.96 31.74
CA SER B 363 -8.91 17.48 33.01
C SER B 363 -7.82 16.69 33.70
N LEU B 364 -8.08 16.36 34.96
CA LEU B 364 -7.17 15.56 35.76
C LEU B 364 -7.68 14.12 35.77
N ARG B 365 -6.77 13.16 35.61
CA ARG B 365 -7.13 11.76 35.54
C ARG B 365 -6.86 10.99 36.82
N ARG B 366 -5.81 11.33 37.54
CA ARG B 366 -5.43 10.64 38.76
C ARG B 366 -5.21 11.65 39.86
N PRO B 367 -5.51 11.29 41.11
CA PRO B 367 -5.40 12.27 42.20
C PRO B 367 -3.96 12.67 42.41
N GLN B 368 -3.77 13.92 42.85
CA GLN B 368 -2.42 14.41 43.00
C GLN B 368 -1.80 13.95 44.31
N ASP B 369 -2.58 13.90 45.38
CA ASP B 369 -2.03 13.80 46.73
C ASP B 369 -1.15 12.58 46.88
N LYS B 370 0.16 12.81 46.96
CA LYS B 370 1.14 11.73 47.01
C LYS B 370 2.48 12.36 47.36
N ASP B 371 3.15 11.84 48.39
CA ASP B 371 4.50 12.25 48.68
C ASP B 371 5.45 11.38 47.86
N ALA B 372 5.25 11.39 46.55
CA ALA B 372 5.71 10.30 45.68
C ALA B 372 7.21 10.07 45.76
N LYS B 373 7.59 8.93 46.31
CA LYS B 373 8.98 8.50 46.36
C LYS B 373 9.41 8.03 44.98
N GLY B 374 10.58 8.51 44.54
CA GLY B 374 11.08 8.25 43.20
C GLY B 374 10.75 9.33 42.20
N ASP B 375 9.86 10.26 42.55
CA ASP B 375 9.50 11.39 41.71
C ASP B 375 9.05 10.91 40.32
N LYS B 376 7.92 10.20 40.33
CA LYS B 376 7.37 9.68 39.09
C LYS B 376 7.06 10.81 38.12
N ASP B 377 7.06 10.48 36.84
CA ASP B 377 6.90 11.45 35.78
C ASP B 377 5.43 11.64 35.45
N GLY B 378 5.00 12.89 35.33
CA GLY B 378 3.64 13.15 34.90
C GLY B 378 3.36 12.62 33.51
N SER B 379 2.09 12.53 33.18
CA SER B 379 1.66 11.95 31.92
C SER B 379 0.64 12.87 31.26
N LEU B 380 0.17 12.44 30.09
CA LEU B 380 -0.82 13.19 29.32
C LEU B 380 -1.47 12.24 28.34
N GLU B 381 -2.78 12.07 28.44
CA GLU B 381 -3.55 11.29 27.48
C GLU B 381 -4.31 12.23 26.57
N VAL B 382 -4.04 12.14 25.28
CA VAL B 382 -4.64 13.02 24.29
C VAL B 382 -5.71 12.25 23.54
N THR B 383 -6.93 12.75 23.54
CA THR B 383 -8.02 12.19 22.76
C THR B 383 -8.51 13.23 21.77
N GLY B 384 -9.28 12.78 20.79
CA GLY B 384 -9.77 13.69 19.78
C GLY B 384 -9.58 13.18 18.37
N GLN B 385 -9.26 11.89 18.24
CA GLN B 385 -9.11 11.22 16.94
C GLN B 385 -8.04 11.91 16.10
N LEU B 386 -6.81 11.85 16.60
CA LEU B 386 -5.72 12.61 16.02
C LEU B 386 -4.93 11.78 15.03
N GLY B 387 -4.20 12.49 14.16
CA GLY B 387 -3.20 11.87 13.34
C GLY B 387 -1.85 11.83 14.04
N GLU B 388 -0.88 11.22 13.37
CA GLU B 388 0.47 11.22 13.92
C GLU B 388 1.03 12.63 14.01
N VAL B 389 0.73 13.48 13.04
CA VAL B 389 1.22 14.85 13.08
C VAL B 389 0.65 15.59 14.29
N MET B 390 -0.64 15.41 14.56
CA MET B 390 -1.23 16.06 15.73
C MET B 390 -0.72 15.45 17.02
N LYS B 391 -0.39 14.16 17.04
CA LYS B 391 0.19 13.59 18.24
C LYS B 391 1.55 14.20 18.52
N GLU B 392 2.40 14.30 17.49
CA GLU B 392 3.69 14.96 17.66
C GLU B 392 3.53 16.41 18.10
N SER B 393 2.59 17.12 17.50
CA SER B 393 2.41 18.53 17.83
C SER B 393 1.88 18.72 19.24
N ALA B 394 1.04 17.79 19.71
CA ALA B 394 0.60 17.86 21.09
C ALA B 394 1.73 17.51 22.05
N ARG B 395 2.62 16.59 21.68
CA ARG B 395 3.78 16.36 22.52
C ARG B 395 4.64 17.61 22.62
N ILE B 396 4.82 18.30 21.50
CA ILE B 396 5.63 19.51 21.51
C ILE B 396 4.99 20.59 22.38
N ALA B 397 3.68 20.76 22.25
CA ALA B 397 3.00 21.76 23.07
C ALA B 397 3.03 21.38 24.54
N TYR B 398 2.95 20.08 24.85
CA TYR B 398 3.04 19.64 26.24
C TYR B 398 4.40 19.95 26.81
N THR B 399 5.45 19.60 26.08
CA THR B 399 6.81 19.87 26.56
C THR B 399 7.03 21.36 26.75
N PHE B 400 6.55 22.17 25.82
CA PHE B 400 6.73 23.61 25.99
C PHE B 400 5.93 24.15 27.16
N ALA B 401 4.74 23.61 27.40
CA ALA B 401 3.96 24.08 28.54
C ALA B 401 4.71 23.78 29.84
N ARG B 402 5.18 22.54 29.99
CA ARG B 402 5.95 22.19 31.18
C ARG B 402 7.18 23.06 31.31
N ALA B 403 7.88 23.33 30.20
CA ALA B 403 9.10 24.11 30.26
C ALA B 403 8.84 25.57 30.58
N PHE B 404 7.76 26.13 30.03
CA PHE B 404 7.43 27.52 30.29
C PHE B 404 7.00 27.73 31.74
N LEU B 405 6.22 26.79 32.27
CA LEU B 405 5.88 26.88 33.68
C LEU B 405 7.11 26.70 34.55
N MET B 406 8.04 25.84 34.14
CA MET B 406 9.23 25.58 34.94
C MET B 406 10.02 26.84 35.25
N GLN B 407 9.89 27.87 34.41
CA GLN B 407 10.66 29.09 34.60
C GLN B 407 9.79 30.30 34.88
N HIS B 408 8.50 30.25 34.60
CA HIS B 408 7.65 31.35 35.00
C HIS B 408 7.12 31.19 36.42
N ALA B 409 6.82 29.97 36.84
CA ALA B 409 6.38 29.67 38.20
C ALA B 409 7.19 28.49 38.69
N PRO B 410 8.43 28.73 39.12
CA PRO B 410 9.32 27.60 39.49
C PRO B 410 8.76 26.71 40.57
N ALA B 411 7.90 27.22 41.45
CA ALA B 411 7.38 26.39 42.52
C ALA B 411 6.28 25.47 42.05
N ASN B 412 5.53 25.88 41.03
CA ASN B 412 4.40 25.11 40.53
C ASN B 412 4.91 23.83 39.88
N ASP B 413 4.41 22.69 40.33
CA ASP B 413 4.76 21.40 39.73
C ASP B 413 3.53 20.67 39.24
N TYR B 414 2.50 21.41 38.86
CA TYR B 414 1.29 20.76 38.36
C TYR B 414 1.58 19.98 37.09
N LEU B 415 2.26 20.60 36.13
CA LEU B 415 2.41 19.98 34.83
C LEU B 415 3.44 18.86 34.86
N VAL B 416 4.54 19.05 35.59
CA VAL B 416 5.63 18.10 35.58
C VAL B 416 5.21 16.78 36.22
N THR B 417 4.45 16.84 37.31
CA THR B 417 4.05 15.64 38.04
C THR B 417 2.54 15.64 38.29
N SER B 418 1.80 15.20 37.28
CA SER B 418 0.36 15.01 37.39
C SER B 418 -0.16 14.40 36.10
N HIS B 419 -1.28 13.71 36.16
CA HIS B 419 -1.77 12.93 35.04
C HIS B 419 -2.99 13.62 34.44
N ILE B 420 -2.80 14.22 33.28
CA ILE B 420 -3.79 15.09 32.67
C ILE B 420 -4.36 14.40 31.45
N HIS B 421 -5.55 14.83 31.06
CA HIS B 421 -6.22 14.36 29.86
C HIS B 421 -6.59 15.56 29.02
N LEU B 422 -6.12 15.56 27.78
CA LEU B 422 -6.37 16.61 26.82
C LEU B 422 -7.32 16.10 25.76
N HIS B 423 -8.42 16.81 25.56
CA HIS B 423 -9.34 16.52 24.46
C HIS B 423 -9.34 17.74 23.56
N VAL B 424 -8.82 17.56 22.35
CA VAL B 424 -8.87 18.57 21.30
C VAL B 424 -9.97 18.17 20.33
N PRO B 425 -11.08 18.89 20.26
CA PRO B 425 -12.21 18.44 19.45
C PRO B 425 -11.85 18.37 17.98
N GLU B 426 -12.61 17.57 17.25
CA GLU B 426 -12.22 17.10 15.92
C GLU B 426 -13.04 17.81 14.85
N GLY B 427 -12.56 18.98 14.43
CA GLY B 427 -13.14 19.59 13.26
C GLY B 427 -12.14 19.98 12.19
N ALA B 428 -10.90 20.25 12.58
CA ALA B 428 -9.94 20.89 11.68
C ALA B 428 -9.46 19.92 10.62
N THR B 429 -9.22 20.44 9.42
CA THR B 429 -8.71 19.64 8.33
C THR B 429 -7.35 19.06 8.72
N PRO B 430 -6.93 17.96 8.09
CA PRO B 430 -5.61 17.41 8.42
C PRO B 430 -4.48 18.40 8.23
N LYS B 431 -4.65 19.34 7.30
CA LYS B 431 -3.63 20.36 7.09
C LYS B 431 -3.58 21.35 8.24
N ASP B 432 -4.74 21.82 8.69
CA ASP B 432 -4.82 22.77 9.79
C ASP B 432 -4.77 22.10 11.15
N GLY B 433 -4.28 20.88 11.22
CA GLY B 433 -4.19 20.17 12.48
C GLY B 433 -3.38 20.91 13.51
N PRO B 434 -2.08 21.04 13.30
CA PRO B 434 -1.22 21.57 14.36
C PRO B 434 -1.31 23.07 14.48
N SER B 435 -2.52 23.60 14.38
CA SER B 435 -2.77 25.01 14.55
C SER B 435 -3.39 25.33 15.88
N ALA B 436 -3.87 24.32 16.60
CA ALA B 436 -4.32 24.48 17.96
C ALA B 436 -3.18 24.45 18.95
N GLY B 437 -1.95 24.62 18.50
CA GLY B 437 -0.81 24.51 19.41
C GLY B 437 -0.89 25.51 20.54
N CYS B 438 -1.20 26.76 20.24
CA CYS B 438 -1.24 27.75 21.31
C CYS B 438 -2.46 27.55 22.20
N THR B 439 -3.57 27.07 21.64
CA THR B 439 -4.72 26.78 22.50
C THR B 439 -4.40 25.63 23.45
N ILE B 440 -3.64 24.64 22.99
CA ILE B 440 -3.26 23.55 23.88
C ILE B 440 -2.32 24.05 24.97
N VAL B 441 -1.33 24.85 24.59
CA VAL B 441 -0.43 25.40 25.59
C VAL B 441 -1.21 26.21 26.62
N THR B 442 -2.16 27.01 26.16
CA THR B 442 -2.93 27.84 27.07
C THR B 442 -3.86 27.01 27.93
N ALA B 443 -4.42 25.94 27.39
CA ALA B 443 -5.30 25.08 28.19
C ALA B 443 -4.52 24.41 29.29
N LEU B 444 -3.37 23.83 28.96
CA LEU B 444 -2.54 23.20 29.98
C LEU B 444 -2.09 24.21 31.02
N LEU B 445 -1.71 25.41 30.59
CA LEU B 445 -1.22 26.41 31.53
C LEU B 445 -2.33 26.93 32.42
N SER B 446 -3.52 27.13 31.87
CA SER B 446 -4.62 27.64 32.67
C SER B 446 -5.11 26.58 33.65
N LEU B 447 -5.13 25.32 33.24
CA LEU B 447 -5.43 24.26 34.19
C LEU B 447 -4.41 24.24 35.31
N ALA B 448 -3.12 24.32 34.97
CA ALA B 448 -2.08 24.20 35.99
C ALA B 448 -2.10 25.40 36.93
N MET B 449 -2.43 26.59 36.41
CA MET B 449 -2.44 27.78 37.25
C MET B 449 -3.76 28.00 37.94
N GLY B 450 -4.78 27.19 37.62
CA GLY B 450 -6.06 27.28 38.27
C GLY B 450 -6.96 28.41 37.81
N ARG B 451 -6.50 29.26 36.90
CA ARG B 451 -7.32 30.39 36.52
C ARG B 451 -7.80 30.28 35.09
N PRO B 452 -8.98 30.80 34.78
CA PRO B 452 -9.48 30.77 33.41
C PRO B 452 -8.91 31.90 32.58
N VAL B 453 -8.96 31.70 31.26
CA VAL B 453 -8.56 32.74 30.34
C VAL B 453 -9.67 33.78 30.25
N ARG B 454 -9.34 34.95 29.72
CA ARG B 454 -10.35 35.98 29.60
C ARG B 454 -11.44 35.53 28.63
N GLN B 455 -12.60 36.19 28.73
CA GLN B 455 -13.86 35.62 28.26
C GLN B 455 -13.93 35.31 26.77
N ASN B 456 -13.87 36.33 25.92
CA ASN B 456 -14.01 36.12 24.49
C ASN B 456 -12.62 36.18 23.86
N LEU B 457 -11.86 35.11 24.04
CA LEU B 457 -10.45 35.09 23.70
C LEU B 457 -10.13 33.88 22.84
N ALA B 458 -10.82 33.73 21.72
CA ALA B 458 -10.34 32.79 20.73
C ALA B 458 -8.90 33.12 20.36
N MET B 459 -8.18 32.13 19.86
CA MET B 459 -6.78 32.30 19.49
C MET B 459 -6.41 31.20 18.52
N THR B 460 -5.29 31.39 17.82
CA THR B 460 -4.80 30.37 16.90
C THR B 460 -3.36 30.68 16.55
N GLY B 461 -2.63 29.66 16.15
CA GLY B 461 -1.23 29.78 15.79
C GLY B 461 -0.50 28.53 16.17
N GLU B 462 0.55 28.20 15.42
CA GLU B 462 1.38 27.06 15.76
C GLU B 462 2.40 27.46 16.80
N VAL B 463 2.77 26.54 17.67
CA VAL B 463 3.80 26.80 18.68
C VAL B 463 4.95 25.83 18.45
N SER B 464 6.16 26.34 18.63
CA SER B 464 7.38 25.57 18.47
C SER B 464 7.85 25.04 19.81
N LEU B 465 8.94 24.28 19.80
CA LEU B 465 9.43 23.69 21.02
C LEU B 465 10.07 24.71 21.94
N THR B 466 10.52 25.84 21.41
CA THR B 466 11.02 26.92 22.24
C THR B 466 10.09 28.12 22.24
N GLY B 467 8.96 28.05 21.57
CA GLY B 467 7.89 29.01 21.76
C GLY B 467 7.55 29.89 20.58
N LYS B 468 8.26 29.83 19.47
CA LYS B 468 7.94 30.71 18.35
C LYS B 468 6.57 30.37 17.80
N ILE B 469 5.76 31.42 17.61
CA ILE B 469 4.42 31.27 17.07
C ILE B 469 4.51 31.34 15.57
N LEU B 470 4.24 30.30 14.96
CA LEU B 470 4.35 30.05 13.54
C LEU B 470 3.02 30.29 12.85
N PRO B 471 3.06 30.89 11.66
CA PRO B 471 1.85 31.29 10.96
C PRO B 471 0.94 30.12 10.62
N VAL B 472 -0.33 30.45 10.38
CA VAL B 472 -1.37 29.48 10.11
C VAL B 472 -2.16 29.95 8.90
N GLY B 473 -3.04 29.07 8.41
CA GLY B 473 -3.82 29.34 7.23
C GLY B 473 -5.32 29.36 7.55
N GLY B 474 -6.09 29.85 6.59
CA GLY B 474 -7.52 29.93 6.78
C GLY B 474 -7.95 31.10 7.63
N ILE B 475 -7.24 32.21 7.54
CA ILE B 475 -7.46 33.31 8.48
C ILE B 475 -8.82 33.96 8.24
N LYS B 476 -9.24 34.07 6.98
CA LYS B 476 -10.55 34.68 6.72
C LYS B 476 -11.67 33.84 7.33
N GLU B 477 -11.64 32.54 7.10
CA GLU B 477 -12.68 31.68 7.67
C GLU B 477 -12.64 31.71 9.18
N LYS B 478 -11.45 31.67 9.77
CA LYS B 478 -11.35 31.68 11.22
C LYS B 478 -11.85 32.99 11.80
N THR B 479 -11.57 34.11 11.14
CA THR B 479 -12.05 35.40 11.61
C THR B 479 -13.56 35.48 11.48
N ILE B 480 -14.13 34.93 10.41
CA ILE B 480 -15.58 34.93 10.28
C ILE B 480 -16.21 34.11 11.40
N ALA B 481 -15.66 32.94 11.68
CA ALA B 481 -16.23 32.08 12.71
C ALA B 481 -16.00 32.59 14.11
N ALA B 482 -14.98 33.42 14.32
CA ALA B 482 -14.85 34.11 15.60
C ALA B 482 -15.82 35.27 15.68
N LYS B 483 -16.12 35.89 14.54
CA LYS B 483 -17.11 36.95 14.50
C LYS B 483 -18.48 36.42 14.88
N ARG B 484 -18.85 35.26 14.35
CA ARG B 484 -20.18 34.71 14.56
C ARG B 484 -20.28 33.86 15.82
N ALA B 485 -19.38 34.05 16.78
CA ALA B 485 -19.42 33.32 18.03
C ALA B 485 -19.29 34.24 19.23
N GLY B 486 -19.40 35.55 19.03
CA GLY B 486 -19.27 36.47 20.14
C GLY B 486 -17.85 36.72 20.58
N VAL B 487 -16.86 36.22 19.83
CA VAL B 487 -15.47 36.50 20.15
C VAL B 487 -15.19 37.98 19.96
N THR B 488 -14.52 38.58 20.93
CA THR B 488 -14.18 39.99 20.86
C THR B 488 -12.70 40.26 20.77
N CYS B 489 -11.84 39.31 21.12
CA CYS B 489 -10.40 39.46 20.95
C CYS B 489 -9.84 38.18 20.36
N ILE B 490 -9.27 38.29 19.17
CA ILE B 490 -8.65 37.17 18.47
C ILE B 490 -7.15 37.37 18.49
N VAL B 491 -6.39 36.28 18.68
CA VAL B 491 -4.95 36.32 18.81
C VAL B 491 -4.34 35.57 17.63
N LEU B 492 -3.57 36.27 16.81
CA LEU B 492 -3.06 35.72 15.57
C LEU B 492 -1.54 35.73 15.55
N PRO B 493 -0.92 34.87 14.75
CA PRO B 493 0.54 34.97 14.55
C PRO B 493 0.88 36.23 13.76
N ALA B 494 1.99 36.86 14.15
CA ALA B 494 2.33 38.16 13.57
C ALA B 494 2.46 38.11 12.06
N GLU B 495 2.90 36.99 11.51
CA GLU B 495 3.09 36.89 10.08
C GLU B 495 1.80 36.65 9.32
N ASN B 496 0.66 36.92 9.95
CA ASN B 496 -0.64 36.83 9.30
C ASN B 496 -1.31 38.19 9.18
N LYS B 497 -0.59 39.28 9.43
CA LYS B 497 -1.16 40.60 9.18
C LYS B 497 -1.52 40.75 7.72
N LYS B 498 -0.67 40.28 6.81
CA LYS B 498 -0.94 40.34 5.38
C LYS B 498 -2.16 39.52 5.00
N ASP B 499 -2.76 38.84 5.97
CA ASP B 499 -3.96 38.07 5.77
C ASP B 499 -5.16 38.58 6.55
N PHE B 500 -4.95 39.29 7.65
CA PHE B 500 -6.05 39.86 8.40
C PHE B 500 -6.38 41.27 7.97
N TYR B 501 -5.37 42.10 7.75
CA TYR B 501 -5.60 43.50 7.44
C TYR B 501 -5.99 43.73 5.99
N ASP B 502 -6.43 42.70 5.29
CA ASP B 502 -7.03 42.87 3.98
C ASP B 502 -8.44 42.29 3.92
N LEU B 503 -9.04 42.03 5.07
CA LEU B 503 -10.45 41.68 5.14
C LEU B 503 -11.28 42.94 5.11
N ALA B 504 -12.49 42.82 4.58
CA ALA B 504 -13.38 43.97 4.43
C ALA B 504 -13.61 44.65 5.78
N ALA B 505 -14.01 45.90 5.72
CA ALA B 505 -14.10 46.72 6.93
C ALA B 505 -15.12 46.18 7.90
N PHE B 506 -16.19 45.54 7.42
CA PHE B 506 -17.22 45.05 8.30
C PHE B 506 -16.89 43.70 8.91
N ILE B 507 -15.97 42.95 8.32
CA ILE B 507 -15.58 41.67 8.89
C ILE B 507 -14.78 41.87 10.17
N THR B 508 -13.79 42.77 10.13
CA THR B 508 -12.93 43.05 11.26
C THR B 508 -13.47 44.17 12.14
N GLU B 509 -14.78 44.36 12.18
CA GLU B 509 -15.35 45.58 12.74
C GLU B 509 -15.13 45.67 14.25
N GLY B 510 -15.72 44.75 15.00
CA GLY B 510 -15.70 44.83 16.45
C GLY B 510 -14.59 44.07 17.13
N LEU B 511 -13.68 43.47 16.37
CA LEU B 511 -12.62 42.65 16.93
C LEU B 511 -11.52 43.52 17.52
N GLU B 512 -10.76 42.92 18.44
CA GLU B 512 -9.57 43.54 19.00
C GLU B 512 -8.43 42.55 18.81
N VAL B 513 -7.57 42.82 17.84
CA VAL B 513 -6.64 41.83 17.32
C VAL B 513 -5.27 42.04 17.92
N HIS B 514 -4.63 40.96 18.33
CA HIS B 514 -3.27 40.98 18.86
C HIS B 514 -2.42 40.06 18.01
N PHE B 515 -1.58 40.64 17.17
CA PHE B 515 -0.58 39.85 16.47
C PHE B 515 0.59 39.58 17.41
N VAL B 516 1.20 38.41 17.23
CA VAL B 516 2.12 37.89 18.23
C VAL B 516 3.21 37.09 17.53
N GLU B 517 4.39 37.08 18.13
CA GLU B 517 5.54 36.37 17.59
C GLU B 517 6.05 35.27 18.50
N HIS B 518 5.89 35.39 19.81
CA HIS B 518 6.35 34.37 20.75
C HIS B 518 5.30 34.21 21.83
N TYR B 519 5.21 32.99 22.38
CA TYR B 519 4.12 32.67 23.29
C TYR B 519 4.13 33.51 24.55
N ARG B 520 5.25 34.12 24.94
CA ARG B 520 5.25 34.96 26.13
C ARG B 520 4.13 35.99 26.05
N GLU B 521 3.88 36.51 24.85
CA GLU B 521 2.89 37.56 24.70
C GLU B 521 1.46 37.00 24.68
N ILE B 522 1.25 35.82 24.09
CA ILE B 522 -0.05 35.19 24.21
C ILE B 522 -0.38 34.94 25.66
N PHE B 523 0.62 34.58 26.45
CA PHE B 523 0.41 34.40 27.88
C PHE B 523 0.05 35.71 28.54
N ASP B 524 0.75 36.78 28.16
CA ASP B 524 0.50 38.09 28.78
C ASP B 524 -0.84 38.68 28.38
N ILE B 525 -1.40 38.28 27.24
CA ILE B 525 -2.71 38.79 26.83
C ILE B 525 -3.83 37.81 27.07
N ALA B 526 -3.53 36.60 27.55
CA ALA B 526 -4.58 35.71 28.00
C ALA B 526 -4.73 35.70 29.51
N PHE B 527 -3.69 36.03 30.25
CA PHE B 527 -3.81 36.15 31.69
C PHE B 527 -3.33 37.51 32.16
N PHE C 1 -4.21 0.19 -46.92
CA PHE C 1 -3.40 1.11 -47.71
C PHE C 1 -2.38 0.37 -48.55
N ARG C 2 -1.89 1.02 -49.60
CA ARG C 2 -0.92 0.43 -50.50
C ARG C 2 0.40 1.20 -50.53
N GLU C 3 0.35 2.52 -50.71
CA GLU C 3 1.59 3.28 -50.73
C GLU C 3 2.23 3.36 -49.35
N ARG C 4 1.41 3.35 -48.30
CA ARG C 4 1.92 3.33 -46.94
C ARG C 4 2.89 2.18 -46.74
N LEU C 5 2.47 0.96 -47.08
CA LEU C 5 3.38 -0.17 -46.99
C LEU C 5 4.46 -0.11 -48.06
N LYS C 6 4.13 0.44 -49.23
CA LYS C 6 5.07 0.43 -50.35
C LYS C 6 6.34 1.21 -50.01
N GLU C 7 6.19 2.46 -49.57
CA GLU C 7 7.35 3.34 -49.45
C GLU C 7 8.24 3.01 -48.25
N LEU C 8 7.78 2.17 -47.34
CA LEU C 8 8.56 1.87 -46.15
C LEU C 8 9.44 0.64 -46.35
N VAL C 9 10.41 0.47 -45.47
CA VAL C 9 11.30 -0.69 -45.47
C VAL C 9 10.82 -1.58 -44.32
N VAL C 10 9.99 -2.56 -44.65
CA VAL C 10 9.35 -3.40 -43.64
C VAL C 10 9.91 -4.82 -43.72
N PRO C 11 9.99 -5.53 -42.60
CA PRO C 11 10.60 -6.87 -42.62
C PRO C 11 9.62 -7.97 -42.98
N LYS C 12 10.19 -9.15 -43.27
CA LYS C 12 9.43 -10.27 -43.82
C LYS C 12 8.33 -10.71 -42.88
N HIS C 13 8.57 -10.60 -41.57
CA HIS C 13 7.53 -10.94 -40.60
C HIS C 13 6.28 -10.10 -40.82
N VAL C 14 6.43 -8.78 -40.81
CA VAL C 14 5.26 -7.92 -40.94
C VAL C 14 4.68 -8.06 -42.34
N MET C 15 5.51 -8.36 -43.32
CA MET C 15 4.99 -8.63 -44.66
C MET C 15 4.04 -9.83 -44.63
N ASP C 16 4.45 -10.90 -43.95
CA ASP C 16 3.61 -12.08 -43.80
C ASP C 16 2.31 -11.74 -43.07
N VAL C 17 2.41 -10.95 -41.99
CA VAL C 17 1.22 -10.70 -41.18
C VAL C 17 0.24 -9.82 -41.95
N VAL C 18 0.74 -8.83 -42.71
CA VAL C 18 -0.16 -7.98 -43.48
C VAL C 18 -0.71 -8.72 -44.69
N ASP C 19 0.02 -9.70 -45.21
CA ASP C 19 -0.53 -10.54 -46.28
C ASP C 19 -1.69 -11.37 -45.77
N GLU C 20 -1.52 -12.01 -44.62
CA GLU C 20 -2.63 -12.75 -44.03
C GLU C 20 -3.78 -11.82 -43.67
N GLU C 21 -3.48 -10.59 -43.26
CA GLU C 21 -4.53 -9.61 -42.98
C GLU C 21 -5.34 -9.26 -44.21
N LEU C 22 -4.67 -9.00 -45.33
CA LEU C 22 -5.36 -8.76 -46.60
C LEU C 22 -6.20 -9.97 -46.99
N SER C 23 -5.65 -11.16 -46.80
CA SER C 23 -6.41 -12.38 -47.12
C SER C 23 -7.68 -12.46 -46.29
N LYS C 24 -7.57 -12.22 -44.98
CA LYS C 24 -8.74 -12.27 -44.11
C LYS C 24 -9.77 -11.22 -44.53
N LEU C 25 -9.31 -10.02 -44.88
CA LEU C 25 -10.23 -9.01 -45.39
C LEU C 25 -10.91 -9.47 -46.68
N GLY C 26 -10.22 -10.30 -47.47
CA GLY C 26 -10.82 -10.86 -48.67
C GLY C 26 -11.71 -12.06 -48.43
N LEU C 27 -11.63 -12.67 -47.25
CA LEU C 27 -12.46 -13.83 -46.94
C LEU C 27 -13.75 -13.47 -46.22
N LEU C 28 -13.78 -12.35 -45.51
CA LEU C 28 -14.96 -11.95 -44.75
C LEU C 28 -15.91 -11.13 -45.62
N ASP C 29 -17.05 -10.77 -45.04
CA ASP C 29 -18.06 -10.00 -45.71
C ASP C 29 -18.39 -8.75 -44.90
N ASN C 30 -18.95 -7.75 -45.58
CA ASN C 30 -19.27 -6.49 -44.95
C ASN C 30 -20.31 -6.67 -43.85
N HIS C 31 -20.37 -5.70 -42.96
CA HIS C 31 -21.26 -5.71 -41.79
C HIS C 31 -21.01 -6.95 -40.92
N SER C 32 -19.79 -7.02 -40.39
CA SER C 32 -19.42 -8.10 -39.49
C SER C 32 -18.35 -7.63 -38.52
N SER C 33 -18.56 -7.94 -37.24
CA SER C 33 -17.58 -7.63 -36.21
C SER C 33 -16.20 -8.14 -36.58
N GLU C 34 -16.14 -9.31 -37.22
CA GLU C 34 -14.86 -9.86 -37.66
C GLU C 34 -14.18 -8.94 -38.67
N PHE C 35 -14.94 -8.41 -39.63
CA PHE C 35 -14.36 -7.52 -40.62
C PHE C 35 -13.91 -6.22 -39.99
N ASN C 36 -14.67 -5.71 -39.01
CA ASN C 36 -14.23 -4.50 -38.31
C ASN C 36 -12.93 -4.75 -37.55
N VAL C 37 -12.84 -5.89 -36.87
CA VAL C 37 -11.62 -6.24 -36.15
C VAL C 37 -10.44 -6.29 -37.12
N THR C 38 -10.60 -7.01 -38.22
CA THR C 38 -9.50 -7.16 -39.18
C THR C 38 -9.12 -5.82 -39.80
N ARG C 39 -10.07 -4.94 -40.08
CA ARG C 39 -9.73 -3.69 -40.73
C ARG C 39 -9.04 -2.74 -39.76
N ASN C 40 -9.47 -2.70 -38.49
CA ASN C 40 -8.79 -1.84 -37.52
C ASN C 40 -7.38 -2.35 -37.25
N TYR C 41 -7.22 -3.68 -37.16
CA TYR C 41 -5.89 -4.26 -37.01
C TYR C 41 -5.01 -3.91 -38.21
N LEU C 42 -5.58 -3.96 -39.41
CA LEU C 42 -4.83 -3.61 -40.61
C LEU C 42 -4.37 -2.16 -40.57
N ASP C 43 -5.27 -1.25 -40.20
CA ASP C 43 -4.90 0.17 -40.21
C ASP C 43 -3.84 0.45 -39.14
N TRP C 44 -3.94 -0.21 -37.99
CA TRP C 44 -2.89 -0.10 -36.99
C TRP C 44 -1.54 -0.54 -37.55
N LEU C 45 -1.47 -1.77 -38.08
CA LEU C 45 -0.21 -2.28 -38.60
C LEU C 45 0.31 -1.45 -39.76
N THR C 46 -0.58 -0.74 -40.45
CA THR C 46 -0.17 0.06 -41.60
C THR C 46 0.32 1.44 -41.21
N SER C 47 -0.16 1.99 -40.08
CA SER C 47 0.14 3.37 -39.74
C SER C 47 1.55 3.59 -39.18
N ILE C 48 2.31 2.54 -38.90
CA ILE C 48 3.62 2.69 -38.27
C ILE C 48 4.70 2.90 -39.32
N PRO C 49 5.59 3.87 -39.15
CA PRO C 49 6.72 4.04 -40.09
C PRO C 49 7.88 3.13 -39.74
N TRP C 50 8.10 2.11 -40.56
CA TRP C 50 9.22 1.20 -40.37
C TRP C 50 10.38 1.65 -41.25
N GLY C 51 11.55 1.80 -40.64
CA GLY C 51 12.72 2.27 -41.37
C GLY C 51 12.64 3.72 -41.77
N LYS C 52 11.53 4.38 -41.42
CA LYS C 52 11.33 5.79 -41.71
C LYS C 52 11.76 6.59 -40.47
N TYR C 53 12.87 7.30 -40.59
CA TYR C 53 13.37 8.12 -39.49
C TYR C 53 13.61 9.54 -39.98
N SER C 54 13.87 10.43 -39.03
CA SER C 54 14.06 11.84 -39.31
C SER C 54 15.54 12.19 -39.31
N ASN C 55 15.98 12.91 -40.33
CA ASN C 55 17.39 13.27 -40.45
C ASN C 55 17.75 14.25 -39.35
N GLU C 56 18.60 13.83 -38.43
CA GLU C 56 18.90 14.64 -37.28
C GLU C 56 19.87 15.77 -37.64
N ASN C 57 20.03 16.72 -36.71
CA ASN C 57 20.83 17.91 -36.93
C ASN C 57 22.12 17.76 -36.13
N LEU C 58 23.25 17.65 -36.82
CA LEU C 58 24.47 17.17 -36.19
C LEU C 58 25.60 18.20 -36.18
N ASP C 59 25.33 19.45 -36.55
CA ASP C 59 26.36 20.48 -36.43
C ASP C 59 26.58 20.79 -34.96
N LEU C 60 27.80 20.60 -34.47
CA LEU C 60 28.07 20.85 -33.06
C LEU C 60 27.78 22.29 -32.68
N ALA C 61 28.23 23.24 -33.50
CA ALA C 61 28.01 24.64 -33.17
C ALA C 61 26.54 25.02 -33.27
N ARG C 62 25.82 24.47 -34.24
CA ARG C 62 24.39 24.77 -34.34
C ARG C 62 23.61 24.20 -33.16
N ALA C 63 23.94 22.97 -32.75
CA ALA C 63 23.29 22.41 -31.57
C ALA C 63 23.62 23.21 -30.33
N GLN C 64 24.88 23.62 -30.18
CA GLN C 64 25.28 24.42 -29.04
C GLN C 64 24.49 25.72 -29.01
N ALA C 65 24.32 26.36 -30.17
CA ALA C 65 23.60 27.63 -30.22
C ALA C 65 22.12 27.44 -29.92
N VAL C 66 21.49 26.41 -30.50
CA VAL C 66 20.09 26.16 -30.24
C VAL C 66 19.85 25.90 -28.77
N LEU C 67 20.73 25.11 -28.13
CA LEU C 67 20.57 24.81 -26.71
C LEU C 67 20.77 26.06 -25.87
N GLU C 68 21.83 26.81 -26.13
CA GLU C 68 22.17 27.94 -25.28
C GLU C 68 21.25 29.14 -25.48
N GLU C 69 20.56 29.25 -26.62
CA GLU C 69 19.80 30.47 -26.87
C GLU C 69 18.38 30.39 -26.35
N ASP C 70 17.96 29.26 -25.78
CA ASP C 70 16.62 29.24 -25.21
C ASP C 70 16.58 28.51 -23.88
N HIS C 71 17.67 28.56 -23.10
CA HIS C 71 17.70 28.05 -21.74
C HIS C 71 18.93 28.55 -21.00
N TYR C 72 18.72 29.09 -19.81
CA TYR C 72 19.83 29.53 -18.98
C TYR C 72 20.34 28.36 -18.14
N GLY C 73 21.67 28.29 -18.00
CA GLY C 73 22.24 27.28 -17.14
C GLY C 73 22.12 25.88 -17.71
N MET C 74 21.96 24.91 -16.82
CA MET C 74 21.79 23.50 -17.19
C MET C 74 23.00 22.98 -17.97
N GLU C 75 24.19 23.43 -17.54
CA GLU C 75 25.42 23.18 -18.28
C GLU C 75 25.67 21.70 -18.50
N ASP C 76 25.30 20.84 -17.55
CA ASP C 76 25.60 19.43 -17.71
C ASP C 76 24.63 18.75 -18.66
N VAL C 77 23.37 19.19 -18.70
CA VAL C 77 22.46 18.70 -19.73
C VAL C 77 22.97 19.09 -21.10
N LYS C 78 23.42 20.35 -21.24
CA LYS C 78 23.98 20.77 -22.51
C LYS C 78 25.17 19.91 -22.90
N LYS C 79 26.12 19.73 -21.98
CA LYS C 79 27.30 18.93 -22.27
C LYS C 79 26.92 17.52 -22.68
N ARG C 80 25.97 16.91 -21.98
CA ARG C 80 25.61 15.53 -22.28
C ARG C 80 25.00 15.42 -23.67
N ILE C 81 24.12 16.37 -24.03
CA ILE C 81 23.53 16.30 -25.37
C ILE C 81 24.59 16.56 -26.44
N LEU C 82 25.58 17.39 -26.14
CA LEU C 82 26.65 17.60 -27.11
C LEU C 82 27.49 16.35 -27.30
N GLU C 83 27.80 15.64 -26.22
CA GLU C 83 28.50 14.37 -26.35
C GLU C 83 27.68 13.37 -27.14
N PHE C 84 26.36 13.40 -26.94
CA PHE C 84 25.47 12.53 -27.72
C PHE C 84 25.56 12.85 -29.21
N ILE C 85 25.55 14.13 -29.56
CA ILE C 85 25.70 14.52 -30.95
C ILE C 85 27.02 14.00 -31.50
N ALA C 86 28.10 14.19 -30.75
CA ALA C 86 29.42 13.83 -31.26
C ALA C 86 29.53 12.32 -31.47
N VAL C 87 28.97 11.52 -30.56
CA VAL C 87 29.04 10.07 -30.76
C VAL C 87 28.19 9.67 -31.95
N SER C 88 26.98 10.23 -32.06
CA SER C 88 26.15 9.89 -33.21
C SER C 88 26.80 10.30 -34.52
N GLN C 89 27.69 11.29 -34.49
CA GLN C 89 28.41 11.64 -35.71
C GLN C 89 29.55 10.67 -36.00
N LEU C 90 30.38 10.38 -34.99
CA LEU C 90 31.48 9.44 -35.22
C LEU C 90 30.98 8.06 -35.58
N ARG C 91 29.76 7.72 -35.22
CA ARG C 91 29.12 6.50 -35.72
C ARG C 91 28.31 6.82 -36.96
N GLY C 92 27.73 5.79 -37.55
CA GLY C 92 26.99 5.98 -38.78
C GLY C 92 25.53 6.35 -38.57
N SER C 93 24.82 5.51 -37.82
CA SER C 93 23.38 5.65 -37.65
C SER C 93 23.08 6.52 -36.42
N THR C 94 21.84 6.48 -35.97
CA THR C 94 21.44 7.16 -34.76
C THR C 94 21.71 6.27 -33.54
N GLN C 95 21.70 6.89 -32.36
CA GLN C 95 22.13 6.21 -31.14
C GLN C 95 20.95 5.73 -30.30
N GLY C 96 20.07 6.62 -29.87
CA GLY C 96 18.96 6.22 -29.05
C GLY C 96 19.30 5.75 -27.65
N LYS C 97 19.72 6.66 -26.76
CA LYS C 97 20.15 6.30 -25.42
C LYS C 97 19.20 6.88 -24.37
N ILE C 98 19.17 6.25 -23.22
CA ILE C 98 18.24 6.58 -22.14
C ILE C 98 18.90 7.55 -21.17
N LEU C 99 18.12 8.50 -20.66
CA LEU C 99 18.60 9.53 -19.75
C LEU C 99 17.59 9.71 -18.63
N CYS C 100 17.93 10.51 -17.63
CA CYS C 100 16.99 10.84 -16.57
C CYS C 100 17.39 12.13 -15.90
N PHE C 101 16.51 13.12 -15.93
CA PHE C 101 16.76 14.42 -15.32
C PHE C 101 16.06 14.44 -13.97
N TYR C 102 16.83 14.61 -12.90
CA TYR C 102 16.26 14.64 -11.57
C TYR C 102 16.63 15.96 -10.88
N GLY C 103 15.70 16.50 -10.11
CA GLY C 103 15.88 17.78 -9.48
C GLY C 103 14.59 18.35 -8.96
N PRO C 104 14.66 19.48 -8.29
CA PRO C 104 13.47 20.08 -7.69
C PRO C 104 12.43 20.39 -8.73
N PRO C 105 11.18 20.60 -8.33
CA PRO C 105 10.14 20.92 -9.31
C PRO C 105 10.23 22.36 -9.79
N GLY C 106 10.02 22.54 -11.09
CA GLY C 106 10.03 23.86 -11.68
C GLY C 106 11.39 24.41 -12.03
N VAL C 107 12.32 23.57 -12.47
CA VAL C 107 13.66 24.02 -12.80
C VAL C 107 13.99 23.95 -14.28
N GLY C 108 13.13 23.34 -15.10
CA GLY C 108 13.35 23.39 -16.53
C GLY C 108 13.55 22.03 -17.18
N LYS C 109 13.10 20.98 -16.51
CA LYS C 109 13.42 19.63 -16.96
C LYS C 109 12.61 19.25 -18.19
N THR C 110 11.37 19.71 -18.29
CA THR C 110 10.55 19.37 -19.44
C THR C 110 10.84 20.30 -20.62
N SER C 111 11.08 21.57 -20.34
CA SER C 111 11.40 22.50 -21.42
C SER C 111 12.76 22.20 -22.01
N ILE C 112 13.71 21.75 -21.19
CA ILE C 112 15.00 21.38 -21.77
C ILE C 112 14.85 20.16 -22.65
N ALA C 113 13.90 19.28 -22.35
CA ALA C 113 13.70 18.12 -23.20
C ALA C 113 13.08 18.52 -24.52
N ARG C 114 12.11 19.43 -24.48
CA ARG C 114 11.58 19.96 -25.74
C ARG C 114 12.68 20.62 -26.56
N SER C 115 13.58 21.36 -25.91
CA SER C 115 14.62 22.04 -26.66
C SER C 115 15.64 21.04 -27.19
N ILE C 116 15.89 19.95 -26.45
CA ILE C 116 16.76 18.90 -26.97
C ILE C 116 16.14 18.31 -28.23
N ALA C 117 14.83 18.08 -28.22
CA ALA C 117 14.16 17.60 -29.41
C ALA C 117 14.34 18.57 -30.57
N ARG C 118 14.11 19.85 -30.31
CA ARG C 118 14.24 20.89 -31.33
C ARG C 118 15.66 20.98 -31.88
N ALA C 119 16.66 20.63 -31.08
CA ALA C 119 18.04 20.68 -31.55
C ALA C 119 18.41 19.42 -32.33
N LEU C 120 17.92 18.26 -31.88
CA LEU C 120 18.12 17.01 -32.61
C LEU C 120 17.29 16.94 -33.87
N ASN C 121 16.34 17.86 -34.06
CA ASN C 121 15.37 17.81 -35.15
C ASN C 121 14.55 16.53 -35.14
N ARG C 122 14.57 15.80 -34.04
CA ARG C 122 13.69 14.65 -33.89
C ARG C 122 12.29 15.11 -33.54
N GLU C 123 11.33 14.23 -33.78
CA GLU C 123 9.99 14.47 -33.27
C GLU C 123 9.98 14.28 -31.76
N TYR C 124 8.87 14.67 -31.14
CA TYR C 124 8.76 14.68 -29.70
C TYR C 124 7.45 14.03 -29.29
N PHE C 125 7.43 13.47 -28.09
CA PHE C 125 6.22 12.88 -27.54
C PHE C 125 6.45 12.62 -26.06
N ARG C 126 5.46 12.91 -25.24
CA ARG C 126 5.63 12.73 -23.80
C ARG C 126 4.42 12.03 -23.22
N PHE C 127 4.62 11.45 -22.04
CA PHE C 127 3.52 10.97 -21.22
C PHE C 127 4.03 10.72 -19.82
N SER C 128 3.10 10.66 -18.87
CA SER C 128 3.43 10.53 -17.47
C SER C 128 3.10 9.14 -16.97
N VAL C 129 3.83 8.70 -15.95
CA VAL C 129 3.55 7.43 -15.30
C VAL C 129 3.42 7.64 -13.81
N GLY C 130 3.07 8.85 -13.40
CA GLY C 130 2.76 9.08 -12.01
C GLY C 130 1.37 8.57 -11.66
N GLY C 131 0.38 8.91 -12.47
CA GLY C 131 -0.95 8.35 -12.33
C GLY C 131 -1.17 7.15 -13.25
N MET C 132 -0.37 6.11 -13.09
CA MET C 132 -0.45 4.95 -13.95
C MET C 132 -0.42 3.67 -13.11
N THR C 133 -1.34 2.75 -13.42
CA THR C 133 -1.43 1.50 -12.69
C THR C 133 -1.52 0.29 -13.62
N ASP C 134 -2.01 0.49 -14.85
CA ASP C 134 -2.21 -0.62 -15.77
C ASP C 134 -0.99 -0.79 -16.65
N VAL C 135 -0.54 -2.04 -16.80
CA VAL C 135 0.49 -2.40 -17.77
C VAL C 135 -0.12 -2.23 -19.15
N ALA C 136 -1.45 -2.18 -19.20
CA ALA C 136 -2.15 -1.99 -20.47
C ALA C 136 -1.78 -0.67 -21.11
N GLU C 137 -1.64 0.38 -20.33
CA GLU C 137 -1.40 1.70 -20.92
C GLU C 137 0.00 1.80 -21.52
N ILE C 138 0.84 0.78 -21.30
CA ILE C 138 2.17 0.80 -21.91
C ILE C 138 2.27 -0.26 -23.00
N LYS C 139 1.80 -1.46 -22.72
CA LYS C 139 2.01 -2.60 -23.61
C LYS C 139 0.73 -3.07 -24.30
N GLY C 140 -0.33 -2.27 -24.28
CA GLY C 140 -1.58 -2.66 -24.92
C GLY C 140 -2.24 -3.85 -24.25
N HIS C 141 -3.28 -4.35 -24.93
CA HIS C 141 -3.95 -5.59 -24.57
C HIS C 141 -4.61 -6.14 -25.82
N ARG C 142 -4.81 -7.46 -25.84
CA ARG C 142 -5.18 -8.18 -27.05
C ARG C 142 -6.47 -7.65 -27.65
N ARG C 143 -6.72 -8.06 -28.90
CA ARG C 143 -7.88 -7.59 -29.65
C ARG C 143 -9.18 -8.23 -29.19
N THR C 144 -9.15 -9.03 -28.14
CA THR C 144 -10.34 -9.74 -27.67
C THR C 144 -11.18 -8.90 -26.71
N TYR C 145 -10.54 -8.12 -25.85
CA TYR C 145 -11.27 -7.25 -24.93
C TYR C 145 -12.06 -6.20 -25.71
N VAL C 146 -13.21 -5.81 -25.16
CA VAL C 146 -14.13 -4.93 -25.89
C VAL C 146 -13.42 -3.63 -26.27
N GLY C 147 -13.03 -2.85 -25.28
CA GLY C 147 -12.35 -1.58 -25.55
C GLY C 147 -10.87 -1.77 -25.81
N ALA C 148 -10.45 -1.71 -27.06
CA ALA C 148 -9.10 -2.08 -27.48
C ALA C 148 -8.34 -0.85 -27.96
N MET C 149 -7.16 -0.62 -27.40
CA MET C 149 -6.27 0.47 -27.80
C MET C 149 -4.83 0.08 -27.46
N PRO C 150 -3.85 0.48 -28.28
CA PRO C 150 -2.47 0.00 -28.10
C PRO C 150 -1.56 0.83 -27.19
N GLY C 151 -1.83 0.83 -25.88
CA GLY C 151 -0.89 1.23 -24.85
C GLY C 151 0.08 2.38 -25.06
N LYS C 152 -0.36 3.44 -25.72
CA LYS C 152 0.29 4.75 -25.73
C LYS C 152 1.67 4.76 -26.39
N ILE C 153 2.26 3.59 -26.64
CA ILE C 153 3.55 3.60 -27.33
C ILE C 153 3.33 3.42 -28.82
N ILE C 154 2.43 2.51 -29.21
CA ILE C 154 2.00 2.49 -30.59
C ILE C 154 1.16 3.72 -30.89
N GLN C 155 0.38 4.18 -29.92
CA GLN C 155 -0.31 5.46 -30.06
C GLN C 155 0.68 6.57 -30.36
N CYS C 156 1.80 6.59 -29.62
CA CYS C 156 2.88 7.51 -29.93
C CYS C 156 3.33 7.33 -31.37
N LEU C 157 3.89 6.16 -31.67
CA LEU C 157 4.45 5.86 -32.98
C LEU C 157 3.54 6.34 -34.09
N LYS C 158 2.23 6.20 -33.89
CA LYS C 158 1.28 6.76 -34.85
C LYS C 158 1.33 8.28 -34.83
N LYS C 159 1.02 8.89 -33.68
CA LYS C 159 0.90 10.34 -33.58
C LYS C 159 2.13 11.09 -34.05
N THR C 160 3.29 10.45 -34.03
CA THR C 160 4.54 11.09 -34.41
C THR C 160 5.08 10.64 -35.76
N LYS C 161 4.91 9.37 -36.12
CA LYS C 161 5.31 8.85 -37.43
C LYS C 161 6.81 9.08 -37.70
N THR C 162 7.64 8.50 -36.85
CA THR C 162 9.07 8.43 -37.12
C THR C 162 9.70 7.37 -36.23
N GLU C 163 10.89 6.93 -36.63
CA GLU C 163 11.58 5.79 -36.02
C GLU C 163 12.26 6.14 -34.71
N ASN C 164 12.36 7.41 -34.36
CA ASN C 164 13.13 7.80 -33.18
C ASN C 164 12.53 9.03 -32.53
N PRO C 165 11.37 8.90 -31.87
CA PRO C 165 10.56 10.06 -31.49
C PRO C 165 10.88 10.73 -30.16
N LEU C 166 12.02 10.47 -29.52
CA LEU C 166 12.42 11.16 -28.29
C LEU C 166 11.30 11.21 -27.28
N ILE C 167 10.91 10.04 -26.79
CA ILE C 167 9.87 9.99 -25.78
C ILE C 167 10.32 10.72 -24.52
N LEU C 168 9.35 11.09 -23.70
CA LEU C 168 9.59 11.72 -22.41
C LEU C 168 8.66 11.09 -21.40
N ILE C 169 9.18 10.19 -20.58
CA ILE C 169 8.39 9.54 -19.53
C ILE C 169 8.54 10.42 -18.29
N ASP C 170 7.60 11.33 -18.09
CA ASP C 170 7.67 12.23 -16.96
C ASP C 170 7.36 11.49 -15.66
N GLU C 171 8.07 11.89 -14.61
CA GLU C 171 7.74 11.52 -13.24
C GLU C 171 7.83 10.00 -13.03
N VAL C 172 8.99 9.44 -13.35
CA VAL C 172 9.19 7.99 -13.21
C VAL C 172 9.37 7.57 -11.77
N ASP C 173 9.64 8.49 -10.86
CA ASP C 173 9.85 8.09 -9.48
C ASP C 173 8.56 8.08 -8.67
N LYS C 174 7.41 8.20 -9.31
CA LYS C 174 6.14 8.21 -8.61
C LYS C 174 5.12 7.32 -9.31
N ILE C 175 5.56 6.12 -9.69
CA ILE C 175 4.74 5.19 -10.46
C ILE C 175 3.52 4.74 -9.68
N PRO C 183 3.32 -0.51 -12.86
CA PRO C 183 3.65 -1.30 -14.06
C PRO C 183 5.12 -1.26 -14.40
N SER C 184 5.97 -1.50 -13.41
CA SER C 184 7.41 -1.47 -13.64
C SER C 184 7.87 -2.55 -14.61
N SER C 185 7.06 -3.59 -14.82
CA SER C 185 7.40 -4.63 -15.77
C SER C 185 7.47 -4.06 -17.18
N ALA C 186 6.41 -3.39 -17.63
CA ALA C 186 6.41 -2.82 -18.97
C ALA C 186 7.44 -1.72 -19.11
N LEU C 187 7.64 -0.94 -18.05
CA LEU C 187 8.68 0.09 -18.08
C LEU C 187 10.05 -0.53 -18.31
N LEU C 188 10.37 -1.60 -17.58
CA LEU C 188 11.61 -2.32 -17.85
C LEU C 188 11.67 -2.78 -19.30
N GLU C 189 10.63 -3.48 -19.76
CA GLU C 189 10.61 -3.99 -21.13
C GLU C 189 10.78 -2.88 -22.15
N LEU C 190 10.50 -1.65 -21.76
CA LEU C 190 10.66 -0.50 -22.65
C LEU C 190 12.07 0.10 -22.57
N LEU C 191 12.62 0.20 -21.37
CA LEU C 191 13.92 0.84 -21.15
C LEU C 191 14.99 -0.23 -20.92
N ASP C 192 15.40 -0.89 -22.00
CA ASP C 192 16.44 -1.89 -21.85
C ASP C 192 17.16 -2.15 -23.17
N PRO C 193 18.45 -1.80 -23.27
CA PRO C 193 19.15 -1.94 -24.55
C PRO C 193 19.06 -3.33 -25.16
N GLU C 194 18.90 -4.36 -24.33
CA GLU C 194 18.81 -5.73 -24.82
C GLU C 194 17.38 -6.19 -25.00
N GLN C 195 16.44 -5.61 -24.26
CA GLN C 195 15.03 -5.94 -24.41
C GLN C 195 14.31 -4.89 -25.25
N ASN C 196 15.07 -4.06 -25.97
CA ASN C 196 14.47 -3.03 -26.80
C ASN C 196 14.05 -3.56 -28.16
N ALA C 197 15.03 -4.05 -28.93
CA ALA C 197 14.90 -4.27 -30.37
C ALA C 197 13.61 -4.98 -30.76
N ASN C 198 13.03 -5.72 -29.84
CA ASN C 198 11.69 -6.26 -30.00
C ASN C 198 10.87 -5.93 -28.76
N PHE C 199 9.76 -5.22 -28.96
CA PHE C 199 8.86 -4.83 -27.87
C PHE C 199 7.61 -5.69 -27.83
N LEU C 200 6.86 -5.75 -28.94
CA LEU C 200 5.74 -6.68 -29.11
C LEU C 200 4.68 -6.49 -28.01
N ASP C 201 4.05 -5.31 -28.05
CA ASP C 201 2.97 -4.98 -27.14
C ASP C 201 1.86 -6.01 -27.21
N HIS C 202 0.95 -5.99 -26.24
CA HIS C 202 -0.08 -7.01 -26.17
C HIS C 202 -1.08 -6.89 -27.32
N TYR C 203 -1.49 -5.66 -27.63
CA TYR C 203 -2.51 -5.44 -28.66
C TYR C 203 -2.06 -6.03 -29.99
N LEU C 204 -0.96 -5.54 -30.54
CA LEU C 204 -0.38 -6.19 -31.69
C LEU C 204 0.25 -7.52 -31.29
N ASP C 205 0.68 -8.28 -32.29
CA ASP C 205 1.48 -9.48 -32.07
C ASP C 205 2.80 -9.42 -32.79
N VAL C 206 3.07 -8.32 -33.49
CA VAL C 206 4.34 -8.09 -34.17
C VAL C 206 5.29 -7.40 -33.20
N PRO C 207 6.60 -7.69 -33.25
CA PRO C 207 7.54 -6.95 -32.40
C PRO C 207 8.05 -5.68 -33.05
N VAL C 208 7.93 -4.56 -32.34
CA VAL C 208 8.35 -3.26 -32.85
C VAL C 208 9.75 -2.95 -32.36
N ASP C 209 10.50 -2.21 -33.18
CA ASP C 209 11.94 -2.04 -33.01
C ASP C 209 12.22 -0.59 -32.65
N LEU C 210 12.30 -0.32 -31.35
CA LEU C 210 12.49 1.04 -30.82
C LEU C 210 13.83 1.18 -30.10
N SER C 211 14.90 0.66 -30.69
CA SER C 211 16.21 0.75 -30.06
C SER C 211 16.82 2.13 -30.22
N LYS C 212 16.36 2.94 -31.17
CA LYS C 212 17.06 4.17 -31.52
C LYS C 212 16.29 5.43 -31.12
N VAL C 213 15.26 5.29 -30.32
CA VAL C 213 14.57 6.42 -29.73
C VAL C 213 15.21 6.72 -28.38
N LEU C 214 15.59 7.97 -28.16
CA LEU C 214 16.18 8.34 -26.89
C LEU C 214 15.08 8.72 -25.92
N PHE C 215 14.98 7.98 -24.82
CA PHE C 215 14.02 8.28 -23.77
C PHE C 215 14.65 9.25 -22.79
N ILE C 216 13.91 10.28 -22.43
CA ILE C 216 14.27 11.16 -21.33
C ILE C 216 13.27 10.92 -20.22
N CYS C 217 13.75 10.79 -19.00
CA CYS C 217 12.90 10.64 -17.84
C CYS C 217 13.09 11.84 -16.92
N THR C 218 12.10 12.07 -16.05
CA THR C 218 12.16 13.12 -15.06
C THR C 218 11.76 12.55 -13.70
N ALA C 219 12.25 13.21 -12.65
CA ALA C 219 11.97 12.78 -11.29
C ALA C 219 12.45 13.89 -10.36
N ASN C 220 11.91 13.92 -9.16
CA ASN C 220 12.37 14.87 -8.17
C ASN C 220 13.42 14.30 -7.24
N VAL C 221 13.50 12.97 -7.14
CA VAL C 221 14.42 12.32 -6.22
C VAL C 221 14.76 10.95 -6.78
N THR C 222 16.04 10.62 -6.79
CA THR C 222 16.48 9.38 -7.42
C THR C 222 16.00 8.16 -6.65
N ASP C 223 16.02 8.24 -5.32
CA ASP C 223 15.89 7.12 -4.39
C ASP C 223 14.57 6.44 -4.46
N THR C 224 13.68 6.80 -5.36
CA THR C 224 12.39 6.13 -5.48
C THR C 224 12.18 5.53 -6.87
N ILE C 225 13.00 5.89 -7.84
CA ILE C 225 12.97 5.20 -9.13
C ILE C 225 13.36 3.75 -8.85
N PRO C 226 12.52 2.79 -9.18
CA PRO C 226 12.85 1.39 -8.89
C PRO C 226 14.20 1.01 -9.48
N GLU C 227 15.02 0.34 -8.66
CA GLU C 227 16.37 -0.01 -9.08
C GLU C 227 16.43 -0.77 -10.40
N PRO C 228 15.52 -1.70 -10.71
CA PRO C 228 15.50 -2.28 -12.06
C PRO C 228 15.57 -1.25 -13.17
N LEU C 229 14.93 -0.10 -13.00
CA LEU C 229 15.07 1.00 -13.94
C LEU C 229 16.35 1.77 -13.70
N ARG C 230 16.55 2.21 -12.45
CA ARG C 230 17.66 3.09 -12.11
C ARG C 230 18.99 2.56 -12.65
N ASP C 231 19.13 1.24 -12.73
CA ASP C 231 20.40 0.67 -13.18
C ASP C 231 20.63 0.97 -14.66
N ARG C 232 19.59 0.89 -15.48
CA ARG C 232 19.72 1.00 -16.94
C ARG C 232 19.29 2.37 -17.43
N MET C 233 19.64 3.42 -16.69
CA MET C 233 19.13 4.77 -16.93
C MET C 233 20.12 5.74 -16.32
N GLU C 234 20.69 6.61 -17.13
CA GLU C 234 21.79 7.48 -16.71
C GLU C 234 21.26 8.74 -16.03
N MET C 235 21.69 8.96 -14.79
CA MET C 235 21.19 10.08 -13.99
C MET C 235 21.95 11.35 -14.27
N ILE C 236 21.21 12.45 -14.39
CA ILE C 236 21.75 13.80 -14.58
C ILE C 236 20.98 14.75 -13.68
N ASN C 237 21.69 15.62 -12.98
CA ASN C 237 21.05 16.53 -12.04
C ASN C 237 20.75 17.88 -12.68
N VAL C 238 19.60 18.45 -12.32
CA VAL C 238 19.19 19.76 -12.79
C VAL C 238 18.81 20.57 -11.54
N SER C 239 19.76 21.30 -11.00
CA SER C 239 19.62 21.89 -9.68
C SER C 239 18.91 23.23 -9.71
N GLY C 240 18.41 23.64 -8.55
CA GLY C 240 17.73 24.91 -8.41
C GLY C 240 18.67 26.08 -8.53
N TYR C 241 18.10 27.28 -8.42
CA TYR C 241 18.81 28.50 -8.72
C TYR C 241 18.87 29.42 -7.50
N VAL C 242 19.83 30.34 -7.54
CA VAL C 242 19.93 31.38 -6.55
C VAL C 242 19.24 32.62 -7.07
N ALA C 243 19.06 33.61 -6.19
CA ALA C 243 18.27 34.79 -6.52
C ALA C 243 18.71 35.43 -7.84
N GLN C 244 20.01 35.49 -8.10
CA GLN C 244 20.45 36.21 -9.29
C GLN C 244 20.23 35.38 -10.55
N GLU C 245 20.35 34.06 -10.48
CA GLU C 245 19.99 33.25 -11.63
C GLU C 245 18.48 33.24 -11.84
N LYS C 246 17.70 33.29 -10.76
CA LYS C 246 16.27 33.43 -10.90
C LYS C 246 15.93 34.74 -11.58
N LEU C 247 16.66 35.79 -11.26
CA LEU C 247 16.44 37.09 -11.89
C LEU C 247 16.79 37.06 -13.37
N ALA C 248 17.90 36.41 -13.72
CA ALA C 248 18.27 36.32 -15.12
C ALA C 248 17.26 35.50 -15.91
N ILE C 249 16.88 34.34 -15.37
CA ILE C 249 15.82 33.53 -15.97
C ILE C 249 14.58 34.36 -16.17
N ALA C 250 14.20 35.11 -15.14
CA ALA C 250 13.02 35.96 -15.22
C ALA C 250 13.13 36.93 -16.39
N GLU C 251 14.12 37.82 -16.34
CA GLU C 251 14.25 38.87 -17.33
C GLU C 251 14.27 38.32 -18.75
N ARG C 252 15.02 37.23 -18.96
CA ARG C 252 15.22 36.80 -20.34
C ARG C 252 14.17 35.84 -20.86
N TYR C 253 13.47 35.11 -20.00
CA TYR C 253 12.51 34.15 -20.53
C TYR C 253 11.13 34.27 -19.93
N LEU C 254 11.03 34.59 -18.64
CA LEU C 254 9.73 34.49 -17.97
C LEU C 254 8.83 35.64 -18.36
N VAL C 255 9.36 36.86 -18.36
CA VAL C 255 8.55 38.04 -18.66
C VAL C 255 8.22 38.09 -20.16
N PRO C 256 9.16 37.85 -21.07
CA PRO C 256 8.80 37.86 -22.49
C PRO C 256 7.63 36.95 -22.85
N GLN C 257 7.69 35.67 -22.49
CA GLN C 257 6.61 34.80 -22.93
C GLN C 257 5.35 34.98 -22.11
N ALA C 258 5.46 35.50 -20.88
CA ALA C 258 4.24 35.91 -20.18
C ALA C 258 3.57 37.08 -20.89
N ARG C 259 4.35 38.02 -21.38
CA ARG C 259 3.79 39.12 -22.17
C ARG C 259 3.11 38.59 -23.42
N ALA C 260 3.79 37.69 -24.14
CA ALA C 260 3.17 37.09 -25.32
C ALA C 260 1.87 36.40 -24.96
N LEU C 261 1.85 35.70 -23.81
CA LEU C 261 0.66 34.98 -23.39
C LEU C 261 -0.49 35.92 -23.06
N CYS C 262 -0.18 37.07 -22.47
CA CYS C 262 -1.20 38.04 -22.10
C CYS C 262 -1.38 39.12 -23.17
N GLY C 263 -0.82 38.92 -24.35
CA GLY C 263 -1.13 39.75 -25.50
C GLY C 263 -0.52 41.13 -25.51
N LEU C 264 0.32 41.48 -24.56
CA LEU C 264 0.96 42.78 -24.52
C LEU C 264 2.34 42.72 -25.15
N ASP C 265 3.09 43.81 -25.02
CA ASP C 265 4.46 43.89 -25.52
C ASP C 265 5.27 44.80 -24.61
N GLU C 266 6.58 44.86 -24.88
CA GLU C 266 7.50 45.53 -23.97
C GLU C 266 7.18 47.01 -23.83
N SER C 267 6.59 47.61 -24.85
CA SER C 267 6.30 49.04 -24.82
C SER C 267 5.06 49.37 -24.01
N LYS C 268 4.46 48.40 -23.34
CA LYS C 268 3.30 48.62 -22.49
C LYS C 268 3.54 48.22 -21.05
N ALA C 269 4.11 47.04 -20.81
CA ALA C 269 4.26 46.49 -19.47
C ALA C 269 5.74 46.30 -19.17
N LYS C 270 6.30 47.15 -18.32
CA LYS C 270 7.72 47.12 -18.01
C LYS C 270 7.92 46.69 -16.57
N LEU C 271 8.62 45.59 -16.37
CA LEU C 271 9.00 45.09 -15.06
C LEU C 271 10.46 45.42 -14.81
N SER C 272 10.75 46.05 -13.68
CA SER C 272 12.12 46.42 -13.39
C SER C 272 12.87 45.27 -12.72
N SER C 273 14.20 45.32 -12.80
CA SER C 273 15.00 44.36 -12.06
C SER C 273 14.72 44.45 -10.56
N ASP C 274 14.40 45.65 -10.08
CA ASP C 274 14.09 45.81 -8.67
C ASP C 274 12.81 45.07 -8.29
N VAL C 275 11.76 45.22 -9.09
CA VAL C 275 10.52 44.54 -8.75
C VAL C 275 10.66 43.03 -8.98
N LEU C 276 11.49 42.60 -9.92
CA LEU C 276 11.70 41.17 -10.06
C LEU C 276 12.44 40.60 -8.87
N THR C 277 13.42 41.32 -8.33
CA THR C 277 14.08 40.83 -7.13
C THR C 277 13.14 40.89 -5.94
N LEU C 278 12.26 41.89 -5.89
CA LEU C 278 11.28 41.95 -4.82
C LEU C 278 10.35 40.74 -4.87
N LEU C 279 9.84 40.40 -6.05
CA LEU C 279 9.10 39.17 -6.22
C LEU C 279 9.92 37.97 -5.74
N ILE C 280 11.11 37.80 -6.32
CA ILE C 280 11.96 36.64 -6.03
C ILE C 280 12.23 36.47 -4.55
N LYS C 281 12.31 37.58 -3.81
CA LYS C 281 12.73 37.49 -2.42
C LYS C 281 11.58 37.60 -1.42
N GLN C 282 10.42 38.07 -1.84
CA GLN C 282 9.33 38.28 -0.90
C GLN C 282 8.08 37.47 -1.20
N TYR C 283 7.80 37.16 -2.47
CA TYR C 283 6.55 36.53 -2.84
C TYR C 283 6.73 35.08 -3.23
N CYS C 284 7.94 34.54 -3.08
CA CYS C 284 8.21 33.16 -3.49
C CYS C 284 9.24 32.57 -2.55
N ARG C 285 9.17 31.25 -2.39
CA ARG C 285 10.10 30.55 -1.52
C ARG C 285 10.72 29.32 -2.17
N GLU C 286 10.16 28.79 -3.25
CA GLU C 286 10.67 27.58 -3.86
C GLU C 286 12.07 27.82 -4.41
N SER C 287 12.68 26.75 -4.93
CA SER C 287 13.99 26.85 -5.55
C SER C 287 13.98 26.71 -7.06
N GLY C 288 12.81 26.51 -7.66
CA GLY C 288 12.61 26.64 -9.08
C GLY C 288 12.05 28.00 -9.45
N VAL C 289 11.27 28.05 -10.51
CA VAL C 289 10.68 29.33 -10.92
C VAL C 289 9.19 29.18 -11.20
N ARG C 290 8.58 28.14 -10.64
CA ARG C 290 7.15 27.91 -10.86
C ARG C 290 6.31 29.04 -10.27
N ASN C 291 6.45 29.29 -8.96
CA ASN C 291 5.63 30.31 -8.32
C ASN C 291 6.04 31.71 -8.78
N LEU C 292 7.32 31.91 -9.10
CA LEU C 292 7.74 33.18 -9.66
C LEU C 292 7.03 33.44 -10.98
N GLN C 293 6.87 32.40 -11.80
CA GLN C 293 6.15 32.56 -13.05
C GLN C 293 4.67 32.82 -12.80
N LYS C 294 4.10 32.18 -11.79
CA LYS C 294 2.70 32.47 -11.43
C LYS C 294 2.54 33.95 -11.09
N GLN C 295 3.43 34.48 -10.26
CA GLN C 295 3.33 35.89 -9.88
C GLN C 295 3.51 36.81 -11.07
N VAL C 296 4.44 36.49 -11.96
CA VAL C 296 4.66 37.36 -13.12
C VAL C 296 3.44 37.33 -14.03
N GLU C 297 2.82 36.16 -14.19
CA GLU C 297 1.58 36.08 -14.96
C GLU C 297 0.49 36.91 -14.31
N LYS C 298 0.42 36.93 -12.97
CA LYS C 298 -0.57 37.76 -12.30
C LYS C 298 -0.33 39.24 -12.56
N VAL C 299 0.93 39.66 -12.44
CA VAL C 299 1.27 41.06 -12.70
C VAL C 299 0.84 41.45 -14.10
N LEU C 300 1.14 40.60 -15.08
CA LEU C 300 0.84 41.00 -16.45
C LEU C 300 -0.63 40.90 -16.76
N ARG C 301 -1.37 40.02 -16.09
CA ARG C 301 -2.83 40.01 -16.27
C ARG C 301 -3.45 41.29 -15.74
N LYS C 302 -3.07 41.71 -14.54
CA LYS C 302 -3.63 42.94 -14.00
C LYS C 302 -3.18 44.14 -14.82
N SER C 303 -1.98 44.10 -15.38
CA SER C 303 -1.57 45.12 -16.33
C SER C 303 -2.52 45.17 -17.53
N ALA C 304 -2.73 44.02 -18.16
CA ALA C 304 -3.60 43.95 -19.33
C ALA C 304 -4.99 44.47 -19.00
N TYR C 305 -5.49 44.17 -17.81
CA TYR C 305 -6.79 44.70 -17.42
C TYR C 305 -6.75 46.21 -17.31
N LYS C 306 -5.78 46.75 -16.56
CA LYS C 306 -5.66 48.19 -16.42
C LYS C 306 -5.42 48.88 -17.75
N ILE C 307 -5.10 48.15 -18.80
CA ILE C 307 -4.97 48.71 -20.15
C ILE C 307 -6.28 48.63 -20.93
N VAL C 308 -6.89 47.46 -20.98
CA VAL C 308 -8.13 47.30 -21.73
C VAL C 308 -9.23 48.17 -21.14
N SER C 309 -9.33 48.23 -19.81
CA SER C 309 -10.25 49.18 -19.19
C SER C 309 -9.91 50.59 -19.61
N GLY C 310 -8.66 51.00 -19.41
CA GLY C 310 -8.23 52.32 -19.82
C GLY C 310 -7.66 53.13 -18.67
N GLU C 311 -7.42 52.48 -17.54
CA GLU C 311 -6.84 53.16 -16.39
C GLU C 311 -5.53 53.85 -16.76
N ALA C 312 -4.80 53.30 -17.73
CA ALA C 312 -3.66 53.96 -18.34
C ALA C 312 -3.42 53.32 -19.70
N GLU C 313 -2.49 53.90 -20.46
CA GLU C 313 -2.10 53.35 -21.74
C GLU C 313 -0.78 52.62 -21.70
N SER C 314 0.01 52.82 -20.64
CA SER C 314 1.28 52.12 -20.45
C SER C 314 1.50 51.97 -18.97
N VAL C 315 1.92 50.78 -18.54
CA VAL C 315 2.07 50.48 -17.13
C VAL C 315 3.52 50.12 -16.85
N GLU C 316 4.11 50.79 -15.86
CA GLU C 316 5.45 50.54 -15.42
C GLU C 316 5.38 50.08 -13.96
N VAL C 317 5.76 48.84 -13.71
CA VAL C 317 5.65 48.26 -12.38
C VAL C 317 6.96 48.49 -11.64
N THR C 318 6.91 49.29 -10.59
CA THR C 318 8.06 49.64 -9.78
C THR C 318 7.76 49.29 -8.33
N PRO C 319 8.79 49.01 -7.52
CA PRO C 319 8.55 48.64 -6.12
C PRO C 319 7.63 49.57 -5.35
N GLU C 320 7.41 50.78 -5.86
CA GLU C 320 6.52 51.71 -5.18
C GLU C 320 5.05 51.38 -5.38
N ASN C 321 4.68 50.82 -6.53
CA ASN C 321 3.29 50.50 -6.83
C ASN C 321 3.07 49.01 -7.06
N LEU C 322 3.93 48.15 -6.52
CA LEU C 322 3.80 46.73 -6.76
C LEU C 322 2.52 46.18 -6.13
N GLN C 323 2.23 46.59 -4.90
CA GLN C 323 1.11 46.01 -4.16
C GLN C 323 -0.19 46.08 -4.95
N ASP C 324 -0.38 47.15 -5.72
CA ASP C 324 -1.63 47.26 -6.47
C ASP C 324 -1.80 46.14 -7.49
N PHE C 325 -0.70 45.53 -7.94
CA PHE C 325 -0.77 44.46 -8.92
C PHE C 325 -0.88 43.09 -8.28
N VAL C 326 -0.11 42.82 -7.22
CA VAL C 326 -0.16 41.53 -6.55
C VAL C 326 -0.70 41.69 -5.13
N GLY C 327 -0.01 42.47 -4.30
CA GLY C 327 -0.46 42.70 -2.95
C GLY C 327 0.72 42.70 -2.01
N LYS C 328 0.41 42.76 -0.72
CA LYS C 328 1.46 42.81 0.29
C LYS C 328 2.30 41.53 0.27
N PRO C 329 3.57 41.61 0.64
CA PRO C 329 4.45 40.46 0.50
C PRO C 329 4.05 39.31 1.41
N VAL C 330 4.16 38.11 0.88
CA VAL C 330 3.72 36.94 1.64
C VAL C 330 4.82 36.43 2.57
N PHE C 331 6.07 36.50 2.15
CA PHE C 331 7.18 35.99 2.96
C PHE C 331 7.96 37.18 3.50
N THR C 332 7.61 37.59 4.70
CA THR C 332 8.13 38.83 5.27
C THR C 332 9.38 38.62 6.12
N VAL C 333 9.77 37.38 6.39
CA VAL C 333 10.94 37.11 7.23
C VAL C 333 11.87 36.18 6.46
N GLU C 334 13.14 36.19 6.85
CA GLU C 334 14.13 35.38 6.17
C GLU C 334 14.23 33.98 6.76
N ARG C 335 14.27 33.87 8.09
CA ARG C 335 14.40 32.61 8.77
C ARG C 335 13.33 32.47 9.84
N MET C 336 13.38 31.39 10.61
CA MET C 336 12.48 31.27 11.75
C MET C 336 13.02 31.97 12.98
N TYR C 337 14.34 31.97 13.16
CA TYR C 337 14.99 32.68 14.25
C TYR C 337 16.03 33.62 13.69
N ASP C 338 16.05 34.85 14.20
CA ASP C 338 17.12 35.76 13.84
C ASP C 338 18.38 35.47 14.65
N VAL C 339 18.29 35.59 15.97
CA VAL C 339 19.36 35.18 16.87
C VAL C 339 18.85 33.99 17.67
N THR C 340 19.51 32.84 17.49
CA THR C 340 18.98 31.61 18.02
C THR C 340 19.16 31.53 19.54
N PRO C 341 18.15 31.10 20.28
CA PRO C 341 18.31 30.82 21.69
C PRO C 341 19.27 29.66 21.91
N PRO C 342 19.56 29.28 23.16
CA PRO C 342 20.57 28.25 23.41
C PRO C 342 20.38 26.94 22.66
N GLY C 343 19.27 26.26 22.84
CA GLY C 343 19.21 24.91 22.32
C GLY C 343 18.75 24.76 20.89
N VAL C 344 19.03 25.74 20.04
CA VAL C 344 18.51 25.80 18.68
C VAL C 344 19.67 25.93 17.72
N VAL C 345 19.67 25.13 16.66
CA VAL C 345 20.73 25.15 15.67
C VAL C 345 20.10 25.05 14.29
N MET C 346 20.82 25.54 13.29
CA MET C 346 20.34 25.60 11.91
C MET C 346 21.05 24.54 11.09
N GLY C 347 20.28 23.67 10.44
CA GLY C 347 20.82 22.64 9.58
C GLY C 347 20.31 22.83 8.16
N LEU C 348 20.85 22.02 7.27
CA LEU C 348 20.71 22.25 5.84
C LEU C 348 19.99 21.10 5.16
N ALA C 349 18.83 20.70 5.67
CA ALA C 349 18.07 19.58 5.14
C ALA C 349 18.00 19.56 3.61
N TRP C 350 18.01 18.36 3.05
CA TRP C 350 17.87 18.15 1.61
C TRP C 350 16.53 17.45 1.40
N THR C 351 15.53 18.21 0.96
CA THR C 351 14.17 17.70 0.89
C THR C 351 13.90 17.19 -0.52
N ALA C 352 12.64 16.85 -0.79
CA ALA C 352 12.23 16.46 -2.14
C ALA C 352 11.84 17.66 -2.99
N MET C 353 12.08 18.88 -2.50
CA MET C 353 11.82 20.09 -3.26
C MET C 353 13.04 21.00 -3.28
N GLY C 354 14.23 20.45 -3.10
CA GLY C 354 15.43 21.25 -3.04
C GLY C 354 16.09 21.20 -1.68
N GLY C 355 16.47 22.37 -1.15
CA GLY C 355 17.07 22.47 0.15
C GLY C 355 16.16 23.20 1.13
N SER C 356 16.65 23.30 2.35
CA SER C 356 15.96 24.04 3.41
C SER C 356 16.94 24.27 4.53
N THR C 357 16.67 25.30 5.33
CA THR C 357 17.41 25.55 6.56
C THR C 357 16.45 25.23 7.70
N LEU C 358 16.50 24.00 8.17
CA LEU C 358 15.60 23.56 9.22
C LEU C 358 16.25 23.79 10.57
N PHE C 359 15.44 24.12 11.56
CA PHE C 359 15.96 24.40 12.89
C PHE C 359 15.73 23.21 13.79
N VAL C 360 16.81 22.67 14.35
CA VAL C 360 16.74 21.62 15.34
C VAL C 360 16.66 22.27 16.71
N GLU C 361 15.67 21.86 17.51
CA GLU C 361 15.42 22.50 18.80
C GLU C 361 15.40 21.49 19.92
N THR C 362 16.05 21.82 21.03
CA THR C 362 16.03 21.01 22.22
C THR C 362 15.41 21.81 23.36
N SER C 363 14.98 21.09 24.39
CA SER C 363 14.52 21.77 25.59
C SER C 363 14.39 20.79 26.74
N LEU C 364 14.66 21.30 27.94
CA LEU C 364 14.42 20.54 29.15
C LEU C 364 12.96 20.16 29.23
N ARG C 365 12.68 19.06 29.92
CA ARG C 365 11.34 18.49 29.92
C ARG C 365 10.86 18.26 31.35
N ARG C 366 11.78 18.07 32.27
CA ARG C 366 11.50 17.87 33.67
C ARG C 366 12.55 18.63 34.48
N PRO C 367 12.19 19.11 35.66
CA PRO C 367 13.14 19.95 36.41
C PRO C 367 14.40 19.17 36.76
N GLN C 368 15.54 19.82 36.56
CA GLN C 368 16.81 19.18 36.82
C GLN C 368 17.18 19.19 38.30
N ASP C 369 16.26 19.59 39.16
CA ASP C 369 16.55 19.64 40.59
C ASP C 369 16.65 18.23 41.14
N LYS C 370 17.87 17.70 41.19
CA LYS C 370 18.10 16.35 41.70
C LYS C 370 19.58 16.23 42.03
N ASP C 371 19.90 15.89 43.28
CA ASP C 371 21.28 15.77 43.71
C ASP C 371 21.87 14.40 43.42
N ALA C 372 21.17 13.57 42.62
CA ALA C 372 21.59 12.21 42.32
C ALA C 372 21.78 11.42 43.62
N LYS C 373 20.67 11.22 44.32
CA LYS C 373 20.68 10.35 45.48
C LYS C 373 21.18 8.95 45.11
N GLY C 374 20.79 8.47 43.92
CA GLY C 374 21.25 7.20 43.42
C GLY C 374 21.77 7.29 42.00
N ASP C 375 21.27 6.42 41.12
CA ASP C 375 21.70 6.46 39.73
C ASP C 375 21.02 7.59 38.98
N LYS C 376 19.70 7.51 38.81
CA LYS C 376 18.91 8.58 38.22
C LYS C 376 19.44 9.01 36.85
N ASP C 377 19.36 8.08 35.90
CA ASP C 377 19.83 8.37 34.55
C ASP C 377 18.95 9.41 33.87
N GLY C 378 19.52 10.09 32.89
CA GLY C 378 18.76 11.00 32.06
C GLY C 378 18.11 10.28 30.92
N SER C 379 17.40 11.05 30.09
CA SER C 379 16.70 10.47 28.96
C SER C 379 16.55 11.49 27.86
N LEU C 380 16.11 11.03 26.71
CA LEU C 380 15.87 11.89 25.56
C LEU C 380 14.58 11.47 24.89
N GLU C 381 13.68 12.42 24.68
CA GLU C 381 12.49 12.22 23.86
C GLU C 381 12.68 12.93 22.54
N VAL C 382 12.25 12.31 21.45
CA VAL C 382 12.50 12.84 20.12
C VAL C 382 11.19 12.86 19.34
N THR C 383 11.00 13.89 18.53
CA THR C 383 9.84 14.02 17.68
C THR C 383 10.29 14.43 16.29
N GLY C 384 9.37 14.36 15.33
CA GLY C 384 9.70 14.73 13.97
C GLY C 384 9.50 13.62 12.96
N GLN C 385 8.57 12.71 13.25
CA GLN C 385 8.25 11.57 12.39
C GLN C 385 9.50 10.84 11.92
N LEU C 386 10.20 10.25 12.88
CA LEU C 386 11.49 9.64 12.62
C LEU C 386 11.35 8.16 12.32
N GLY C 387 12.13 7.68 11.36
CA GLY C 387 12.20 6.26 11.07
C GLY C 387 13.16 5.57 12.02
N GLU C 388 13.40 4.30 11.73
CA GLU C 388 14.31 3.54 12.58
C GLU C 388 15.75 4.00 12.37
N VAL C 389 16.12 4.31 11.13
CA VAL C 389 17.45 4.82 10.84
C VAL C 389 17.70 6.13 11.57
N MET C 390 16.72 7.03 11.51
CA MET C 390 16.88 8.32 12.16
C MET C 390 16.83 8.20 13.68
N LYS C 391 16.05 7.28 14.21
CA LYS C 391 16.03 7.09 15.66
C LYS C 391 17.37 6.59 16.17
N GLU C 392 17.99 5.65 15.44
CA GLU C 392 19.29 5.18 15.88
C GLU C 392 20.36 6.23 15.66
N SER C 393 20.22 7.06 14.62
CA SER C 393 21.16 8.16 14.46
C SER C 393 21.05 9.15 15.61
N ALA C 394 19.83 9.42 16.07
CA ALA C 394 19.66 10.32 17.20
C ALA C 394 20.21 9.72 18.48
N ARG C 395 20.10 8.40 18.65
CA ARG C 395 20.73 7.77 19.81
C ARG C 395 22.24 7.90 19.77
N ILE C 396 22.84 7.66 18.60
CA ILE C 396 24.28 7.77 18.46
C ILE C 396 24.75 9.20 18.73
N ALA C 397 24.01 10.18 18.22
CA ALA C 397 24.37 11.57 18.45
C ALA C 397 24.21 11.96 19.91
N TYR C 398 23.14 11.47 20.55
CA TYR C 398 22.98 11.67 21.99
C TYR C 398 24.17 11.12 22.76
N THR C 399 24.63 9.92 22.39
CA THR C 399 25.70 9.32 23.16
C THR C 399 27.02 10.03 22.95
N PHE C 400 27.33 10.41 21.71
CA PHE C 400 28.55 11.19 21.52
C PHE C 400 28.46 12.53 22.22
N ALA C 401 27.27 13.12 22.30
CA ALA C 401 27.15 14.37 23.02
C ALA C 401 27.47 14.19 24.49
N ARG C 402 26.89 13.15 25.11
CA ARG C 402 27.26 12.81 26.48
C ARG C 402 28.76 12.65 26.63
N ALA C 403 29.37 11.84 25.76
CA ALA C 403 30.77 11.49 25.91
C ALA C 403 31.70 12.65 25.61
N PHE C 404 31.29 13.61 24.81
CA PHE C 404 32.11 14.78 24.53
C PHE C 404 32.00 15.78 25.65
N LEU C 405 30.81 15.97 26.21
CA LEU C 405 30.72 16.84 27.36
C LEU C 405 31.29 16.16 28.59
N MET C 406 31.56 14.86 28.51
CA MET C 406 32.19 14.15 29.61
C MET C 406 33.63 14.59 29.79
N GLN C 407 34.29 14.96 28.69
CA GLN C 407 35.70 15.29 28.71
C GLN C 407 35.98 16.76 28.50
N HIS C 408 35.09 17.49 27.83
CA HIS C 408 35.31 18.92 27.66
C HIS C 408 35.11 19.67 28.96
N ALA C 409 34.12 19.26 29.76
CA ALA C 409 33.82 19.92 31.02
C ALA C 409 33.20 18.90 31.95
N PRO C 410 34.02 18.13 32.67
CA PRO C 410 33.47 17.05 33.51
C PRO C 410 32.53 17.53 34.60
N ALA C 411 32.68 18.78 35.05
CA ALA C 411 31.78 19.27 36.10
C ALA C 411 30.34 19.38 35.61
N ASN C 412 30.12 19.39 34.31
CA ASN C 412 28.81 19.68 33.72
C ASN C 412 28.08 18.36 33.52
N ASP C 413 27.18 18.03 34.44
CA ASP C 413 26.39 16.81 34.36
C ASP C 413 25.00 17.07 33.83
N TYR C 414 24.85 18.05 32.94
CA TYR C 414 23.55 18.36 32.38
C TYR C 414 23.05 17.23 31.51
N LEU C 415 23.80 16.90 30.46
CA LEU C 415 23.34 15.93 29.48
C LEU C 415 23.19 14.54 30.07
N VAL C 416 23.91 14.24 31.14
CA VAL C 416 23.84 12.90 31.72
C VAL C 416 22.56 12.73 32.53
N THR C 417 22.40 13.54 33.58
CA THR C 417 21.23 13.45 34.45
C THR C 417 20.23 14.57 34.17
N SER C 418 19.54 14.48 33.02
CA SER C 418 18.47 15.42 32.76
C SER C 418 17.63 14.93 31.60
N HIS C 419 16.34 15.20 31.67
CA HIS C 419 15.38 14.68 30.71
C HIS C 419 15.12 15.71 29.63
N ILE C 420 15.33 15.33 28.38
CA ILE C 420 15.43 16.25 27.27
C ILE C 420 14.39 15.89 26.24
N HIS C 421 13.88 16.90 25.53
CA HIS C 421 13.04 16.71 24.37
C HIS C 421 13.75 17.35 23.18
N LEU C 422 13.96 16.56 22.13
CA LEU C 422 14.64 16.98 20.93
C LEU C 422 13.65 16.95 19.78
N HIS C 423 13.73 17.93 18.90
CA HIS C 423 12.84 18.03 17.75
C HIS C 423 13.66 18.37 16.52
N VAL C 424 13.65 17.46 15.55
CA VAL C 424 14.25 17.62 14.23
C VAL C 424 13.11 17.68 13.22
N PRO C 425 12.86 18.84 12.60
CA PRO C 425 11.67 18.99 11.76
C PRO C 425 11.73 18.09 10.54
N GLU C 426 10.58 17.93 9.91
CA GLU C 426 10.29 16.78 9.06
C GLU C 426 10.51 17.05 7.58
N GLY C 427 11.52 17.82 7.23
CA GLY C 427 11.76 18.13 5.84
C GLY C 427 12.48 17.09 5.02
N ALA C 428 13.62 16.60 5.50
CA ALA C 428 14.54 15.83 4.67
C ALA C 428 13.93 14.52 4.20
N THR C 429 14.60 13.90 3.18
CA THR C 429 14.31 12.59 2.61
C THR C 429 15.08 11.50 3.35
N PRO C 430 14.54 10.29 3.43
CA PRO C 430 15.14 9.28 4.32
C PRO C 430 16.60 9.02 4.05
N LYS C 431 17.08 9.25 2.83
CA LYS C 431 18.50 9.09 2.56
C LYS C 431 19.33 10.11 3.32
N ASP C 432 18.88 11.37 3.30
CA ASP C 432 19.59 12.47 3.95
C ASP C 432 19.20 12.65 5.41
N GLY C 433 18.21 11.91 5.88
CA GLY C 433 17.75 12.00 7.24
C GLY C 433 18.86 12.05 8.26
N PRO C 434 19.71 11.02 8.31
CA PRO C 434 20.80 11.01 9.29
C PRO C 434 21.95 11.88 8.86
N SER C 435 21.64 13.04 8.31
CA SER C 435 22.64 14.05 8.02
C SER C 435 22.59 15.19 9.03
N ALA C 436 21.62 15.16 9.92
CA ALA C 436 21.51 16.14 10.98
C ALA C 436 22.29 15.74 12.22
N GLY C 437 23.22 14.80 12.09
CA GLY C 437 23.93 14.32 13.26
C GLY C 437 24.70 15.42 13.97
N CYS C 438 25.49 16.18 13.21
CA CYS C 438 26.26 17.24 13.84
C CYS C 438 25.37 18.38 14.32
N THR C 439 24.24 18.60 13.65
CA THR C 439 23.29 19.59 14.15
C THR C 439 22.73 19.17 15.50
N ILE C 440 22.35 17.91 15.63
CA ILE C 440 21.80 17.42 16.89
C ILE C 440 22.85 17.48 17.99
N VAL C 441 24.09 17.13 17.66
CA VAL C 441 25.15 17.19 18.66
C VAL C 441 25.34 18.63 19.13
N THR C 442 25.39 19.57 18.19
CA THR C 442 25.56 20.96 18.56
C THR C 442 24.38 21.48 19.37
N ALA C 443 23.16 21.06 19.01
CA ALA C 443 21.99 21.49 19.75
C ALA C 443 22.05 21.01 21.19
N LEU C 444 22.33 19.72 21.40
CA LEU C 444 22.44 19.19 22.76
C LEU C 444 23.53 19.89 23.53
N LEU C 445 24.69 20.12 22.91
CA LEU C 445 25.79 20.74 23.62
C LEU C 445 25.51 22.20 23.95
N SER C 446 24.83 22.92 23.06
CA SER C 446 24.52 24.31 23.35
C SER C 446 23.49 24.41 24.45
N LEU C 447 22.50 23.52 24.45
CA LEU C 447 21.56 23.50 25.57
C LEU C 447 22.26 23.18 26.86
N ALA C 448 23.19 22.22 26.84
CA ALA C 448 23.86 21.82 28.08
C ALA C 448 24.74 22.94 28.62
N MET C 449 25.50 23.58 27.75
CA MET C 449 26.39 24.65 28.19
C MET C 449 25.68 25.97 28.41
N GLY C 450 24.44 26.12 27.95
CA GLY C 450 23.76 27.38 28.11
C GLY C 450 24.30 28.47 27.23
N ARG C 451 24.96 28.12 26.13
CA ARG C 451 25.51 29.09 25.21
C ARG C 451 24.87 28.90 23.84
N PRO C 452 24.37 29.95 23.20
CA PRO C 452 23.89 29.81 21.84
C PRO C 452 25.03 29.63 20.86
N VAL C 453 24.68 29.10 19.70
CA VAL C 453 25.63 28.85 18.62
C VAL C 453 26.07 30.19 18.05
N ARG C 454 27.08 30.18 17.19
CA ARG C 454 27.39 31.36 16.38
C ARG C 454 26.14 31.76 15.62
N GLN C 455 26.05 33.00 15.16
CA GLN C 455 24.74 33.49 14.78
C GLN C 455 24.29 32.97 13.42
N ASN C 456 25.02 33.30 12.36
CA ASN C 456 24.64 32.85 11.02
C ASN C 456 25.53 31.68 10.65
N LEU C 457 25.23 30.52 11.25
CA LEU C 457 26.05 29.33 11.07
C LEU C 457 25.14 28.15 10.79
N ALA C 458 25.26 27.56 9.61
CA ALA C 458 24.53 26.38 9.22
C ALA C 458 25.50 25.23 9.00
N MET C 459 25.13 24.03 9.45
CA MET C 459 26.01 22.87 9.37
C MET C 459 25.26 21.65 8.89
N THR C 460 26.01 20.72 8.31
CA THR C 460 25.45 19.45 7.88
C THR C 460 26.58 18.44 7.80
N GLY C 461 26.28 17.20 8.18
CA GLY C 461 27.28 16.15 8.19
C GLY C 461 26.88 15.04 9.12
N GLU C 462 27.34 13.84 8.81
CA GLU C 462 26.98 12.66 9.59
C GLU C 462 27.97 12.47 10.72
N VAL C 463 27.51 12.00 11.87
CA VAL C 463 28.39 11.83 13.01
C VAL C 463 28.26 10.39 13.51
N SER C 464 29.33 9.91 14.16
CA SER C 464 29.41 8.55 14.66
C SER C 464 29.90 8.57 16.10
N LEU C 465 29.74 7.45 16.80
CA LEU C 465 30.03 7.39 18.24
C LEU C 465 31.39 7.98 18.57
N THR C 466 32.39 7.72 17.75
CA THR C 466 33.73 8.20 18.06
C THR C 466 33.92 9.66 17.70
N GLY C 467 33.00 10.23 16.93
CA GLY C 467 33.02 11.64 16.61
C GLY C 467 33.33 11.96 15.16
N LYS C 468 33.68 10.97 14.36
CA LYS C 468 34.11 11.23 12.99
C LYS C 468 32.95 11.79 12.17
N ILE C 469 33.25 12.79 11.34
CA ILE C 469 32.25 13.45 10.51
C ILE C 469 32.28 12.80 9.14
N LEU C 470 31.27 12.02 8.85
CA LEU C 470 31.11 11.31 7.60
C LEU C 470 30.40 12.18 6.57
N PRO C 471 30.69 11.95 5.28
CA PRO C 471 30.18 12.81 4.23
C PRO C 471 28.69 12.64 4.02
N VAL C 472 28.11 13.60 3.30
CA VAL C 472 26.69 13.64 3.03
C VAL C 472 26.50 13.98 1.56
N GLY C 473 25.23 14.03 1.14
CA GLY C 473 24.88 14.33 -0.23
C GLY C 473 24.04 15.59 -0.34
N GLY C 474 23.89 16.06 -1.58
CA GLY C 474 23.08 17.23 -1.83
C GLY C 474 23.74 18.54 -1.47
N ILE C 475 25.06 18.62 -1.62
CA ILE C 475 25.78 19.81 -1.18
C ILE C 475 25.33 21.04 -1.96
N LYS C 476 25.04 20.87 -3.25
CA LYS C 476 24.60 22.00 -4.06
C LYS C 476 23.28 22.56 -3.56
N GLU C 477 22.30 21.69 -3.34
CA GLU C 477 20.99 22.14 -2.88
C GLU C 477 21.08 22.72 -1.48
N LYS C 478 21.83 22.09 -0.59
CA LYS C 478 21.99 22.62 0.75
C LYS C 478 22.66 23.99 0.72
N THR C 479 23.62 24.18 -0.18
CA THR C 479 24.30 25.47 -0.25
C THR C 479 23.38 26.54 -0.80
N ILE C 480 22.57 26.20 -1.80
CA ILE C 480 21.61 27.15 -2.33
C ILE C 480 20.60 27.55 -1.26
N ALA C 481 20.20 26.59 -0.42
CA ALA C 481 19.25 26.91 0.64
C ALA C 481 19.88 27.77 1.72
N ALA C 482 21.12 27.46 2.10
CA ALA C 482 21.82 28.31 3.06
C ALA C 482 22.00 29.70 2.50
N LYS C 483 22.22 29.81 1.18
CA LYS C 483 22.36 31.11 0.56
C LYS C 483 21.08 31.90 0.65
N ARG C 484 19.98 31.34 0.15
CA ARG C 484 18.71 32.05 0.15
C ARG C 484 18.06 32.13 1.53
N ALA C 485 18.71 31.63 2.57
CA ALA C 485 18.24 31.85 3.93
C ALA C 485 19.12 32.84 4.69
N GLY C 486 20.07 33.46 4.03
CA GLY C 486 20.92 34.43 4.69
C GLY C 486 21.91 33.82 5.66
N VAL C 487 22.82 33.01 5.16
CA VAL C 487 23.83 32.34 5.96
C VAL C 487 25.20 32.80 5.49
N THR C 488 26.12 33.02 6.44
CA THR C 488 27.47 33.44 6.14
C THR C 488 28.50 32.32 6.33
N CYS C 489 28.55 31.72 7.51
CA CYS C 489 29.41 30.57 7.74
C CYS C 489 28.67 29.30 7.40
N ILE C 490 29.43 28.25 7.11
CA ILE C 490 28.82 26.97 6.77
C ILE C 490 29.84 25.87 7.01
N VAL C 491 29.43 24.81 7.69
CA VAL C 491 30.31 23.72 8.09
C VAL C 491 29.95 22.49 7.28
N LEU C 492 30.95 21.82 6.74
CA LEU C 492 30.72 20.68 5.86
C LEU C 492 31.72 19.58 6.19
N PRO C 493 31.41 18.34 5.82
CA PRO C 493 32.41 17.27 5.97
C PRO C 493 33.55 17.49 5.00
N ALA C 494 34.77 17.40 5.52
CA ALA C 494 35.94 17.67 4.69
C ALA C 494 36.11 16.67 3.56
N GLU C 495 35.23 15.69 3.45
CA GLU C 495 35.22 14.82 2.28
C GLU C 495 34.27 15.31 1.21
N ASN C 496 33.60 16.45 1.45
CA ASN C 496 32.74 17.08 0.46
C ASN C 496 33.37 18.32 -0.14
N LYS C 497 34.68 18.49 0.04
CA LYS C 497 35.38 19.60 -0.58
C LYS C 497 35.37 19.51 -2.10
N LYS C 498 35.03 18.36 -2.67
CA LYS C 498 34.92 18.26 -4.12
C LYS C 498 33.68 18.96 -4.60
N ASP C 499 32.51 18.52 -4.16
CA ASP C 499 31.26 19.05 -4.67
C ASP C 499 30.85 20.35 -4.01
N PHE C 500 31.77 21.05 -3.36
CA PHE C 500 31.58 22.44 -3.01
C PHE C 500 32.46 23.39 -3.79
N TYR C 501 33.63 22.92 -4.23
CA TYR C 501 34.52 23.74 -5.03
C TYR C 501 34.32 23.54 -6.52
N ASP C 502 33.25 22.87 -6.93
CA ASP C 502 32.88 22.82 -8.33
C ASP C 502 31.61 23.60 -8.63
N LEU C 503 31.02 24.24 -7.63
CA LEU C 503 29.89 25.12 -7.86
C LEU C 503 30.37 26.44 -8.48
N ALA C 504 29.44 27.13 -9.11
CA ALA C 504 29.76 28.43 -9.68
C ALA C 504 30.13 29.42 -8.58
N ALA C 505 30.91 30.43 -8.95
CA ALA C 505 31.26 31.46 -7.98
C ALA C 505 30.06 32.31 -7.59
N PHE C 506 28.93 32.16 -8.29
CA PHE C 506 27.69 32.75 -7.82
C PHE C 506 27.36 32.26 -6.41
N ILE C 507 27.42 30.94 -6.22
CA ILE C 507 26.88 30.33 -5.02
C ILE C 507 27.84 30.41 -3.85
N THR C 508 29.13 30.61 -4.10
CA THR C 508 30.12 30.71 -3.05
C THR C 508 30.65 32.13 -2.91
N GLU C 509 29.77 33.13 -3.02
CA GLU C 509 30.20 34.51 -2.93
C GLU C 509 30.80 34.84 -1.57
N GLY C 510 29.96 34.81 -0.54
CA GLY C 510 30.38 35.30 0.76
C GLY C 510 30.26 34.23 1.81
N LEU C 511 30.28 32.98 1.39
CA LEU C 511 30.16 31.86 2.30
C LEU C 511 31.52 31.52 2.87
N GLU C 512 31.66 31.65 4.19
CA GLU C 512 32.86 31.21 4.88
C GLU C 512 32.68 29.74 5.21
N VAL C 513 33.38 28.88 4.50
CA VAL C 513 33.13 27.45 4.56
C VAL C 513 34.24 26.77 5.34
N HIS C 514 33.86 25.86 6.22
CA HIS C 514 34.80 25.12 7.06
C HIS C 514 34.62 23.64 6.81
N PHE C 515 35.64 23.01 6.26
CA PHE C 515 35.62 21.58 5.98
C PHE C 515 36.27 20.86 7.14
N VAL C 516 35.49 20.05 7.84
CA VAL C 516 35.94 19.45 9.09
C VAL C 516 35.99 17.93 8.94
N GLU C 517 36.79 17.31 9.81
CA GLU C 517 36.92 15.87 9.86
C GLU C 517 36.39 15.25 11.14
N HIS C 518 36.46 15.96 12.26
CA HIS C 518 35.99 15.45 13.53
C HIS C 518 35.24 16.55 14.27
N TYR C 519 34.40 16.15 15.21
CA TYR C 519 33.51 17.11 15.84
C TYR C 519 34.25 18.11 16.72
N ARG C 520 35.48 17.84 17.15
CA ARG C 520 36.17 18.84 17.95
C ARG C 520 36.35 20.13 17.16
N GLU C 521 36.46 20.02 15.85
CA GLU C 521 36.57 21.20 14.99
C GLU C 521 35.25 21.96 14.93
N ILE C 522 34.14 21.24 14.80
CA ILE C 522 32.85 21.92 14.78
C ILE C 522 32.58 22.59 16.12
N PHE C 523 33.00 21.97 17.21
CA PHE C 523 32.81 22.60 18.50
C PHE C 523 33.67 23.84 18.64
N ASP C 524 34.86 23.84 18.04
CA ASP C 524 35.66 25.06 18.04
C ASP C 524 34.99 26.16 17.25
N ILE C 525 34.61 25.88 16.00
CA ILE C 525 34.05 26.93 15.16
C ILE C 525 32.73 27.44 15.70
N ALA C 526 31.85 26.56 16.15
CA ALA C 526 30.52 26.95 16.57
C ALA C 526 30.50 27.67 17.90
N PHE C 527 31.65 27.99 18.47
CA PHE C 527 31.70 28.68 19.76
C PHE C 527 32.93 29.58 19.84
N PHE D 1 -0.94 -23.50 -40.44
CA PHE D 1 -1.28 -24.53 -41.41
C PHE D 1 -0.41 -25.77 -41.16
N ARG D 2 -0.63 -26.82 -41.95
CA ARG D 2 -0.04 -28.13 -41.64
C ARG D 2 1.43 -28.20 -42.03
N GLU D 3 1.85 -27.42 -43.03
CA GLU D 3 3.20 -27.59 -43.60
C GLU D 3 4.28 -27.57 -42.53
N ARG D 4 3.99 -26.99 -41.38
CA ARG D 4 4.91 -27.07 -40.25
C ARG D 4 5.09 -28.53 -39.81
N LEU D 5 4.00 -29.16 -39.37
CA LEU D 5 4.04 -30.56 -38.98
C LEU D 5 4.45 -31.47 -40.13
N LYS D 6 4.31 -31.00 -41.37
CA LYS D 6 4.64 -31.83 -42.54
C LYS D 6 6.05 -32.41 -42.49
N GLU D 7 6.92 -31.87 -41.66
CA GLU D 7 8.28 -32.38 -41.54
C GLU D 7 8.79 -32.44 -40.10
N LEU D 8 7.94 -32.28 -39.09
CA LEU D 8 8.37 -32.12 -37.71
C LEU D 8 7.83 -33.24 -36.84
N VAL D 9 8.72 -33.84 -36.03
CA VAL D 9 8.32 -34.90 -35.12
C VAL D 9 7.37 -34.33 -34.07
N VAL D 10 6.24 -35.01 -33.87
CA VAL D 10 5.27 -34.64 -32.85
C VAL D 10 4.79 -35.90 -32.13
N PRO D 11 4.57 -35.84 -30.82
CA PRO D 11 4.25 -37.06 -30.08
C PRO D 11 2.84 -37.57 -30.35
N LYS D 12 2.74 -38.91 -30.37
CA LYS D 12 1.46 -39.60 -30.54
C LYS D 12 0.38 -39.01 -29.64
N HIS D 13 0.76 -38.54 -28.45
CA HIS D 13 -0.19 -37.91 -27.54
C HIS D 13 -0.77 -36.63 -28.14
N VAL D 14 0.09 -35.64 -28.40
CA VAL D 14 -0.39 -34.33 -28.85
C VAL D 14 -1.03 -34.44 -30.23
N MET D 15 -0.72 -35.51 -30.95
CA MET D 15 -1.30 -35.68 -32.28
C MET D 15 -2.81 -35.82 -32.21
N ASP D 16 -3.31 -36.58 -31.23
CA ASP D 16 -4.76 -36.72 -31.09
C ASP D 16 -5.40 -35.37 -30.76
N VAL D 17 -4.73 -34.57 -29.92
CA VAL D 17 -5.26 -33.26 -29.58
C VAL D 17 -5.35 -32.37 -30.82
N VAL D 18 -4.26 -32.30 -31.59
CA VAL D 18 -4.26 -31.42 -32.75
C VAL D 18 -5.26 -31.89 -33.80
N ASP D 19 -5.42 -33.20 -33.97
CA ASP D 19 -6.35 -33.68 -34.99
C ASP D 19 -7.81 -33.52 -34.55
N GLU D 20 -8.12 -33.80 -33.29
CA GLU D 20 -9.46 -33.53 -32.79
C GLU D 20 -9.79 -32.05 -32.89
N GLU D 21 -8.81 -31.19 -32.63
CA GLU D 21 -9.07 -29.75 -32.68
C GLU D 21 -9.24 -29.27 -34.12
N LEU D 22 -8.45 -29.82 -35.04
CA LEU D 22 -8.68 -29.51 -36.44
C LEU D 22 -10.06 -29.97 -36.90
N SER D 23 -10.53 -31.11 -36.41
CA SER D 23 -11.87 -31.55 -36.76
C SER D 23 -12.94 -30.61 -36.20
N LYS D 24 -12.86 -30.35 -34.89
CA LYS D 24 -13.85 -29.48 -34.24
C LYS D 24 -13.77 -28.05 -34.77
N LEU D 25 -12.67 -27.68 -35.45
CA LEU D 25 -12.64 -26.45 -36.20
C LEU D 25 -13.33 -26.61 -37.55
N GLY D 26 -13.07 -27.71 -38.25
CA GLY D 26 -13.67 -27.95 -39.55
C GLY D 26 -15.18 -28.07 -39.52
N LEU D 27 -15.76 -28.38 -38.36
CA LEU D 27 -17.22 -28.46 -38.29
C LEU D 27 -17.88 -27.10 -38.16
N LEU D 28 -17.16 -26.06 -37.72
CA LEU D 28 -17.75 -24.76 -37.43
C LEU D 28 -17.46 -23.78 -38.55
N ASP D 29 -18.24 -22.70 -38.58
CA ASP D 29 -18.20 -21.73 -39.66
C ASP D 29 -17.26 -20.56 -39.34
N ASN D 30 -16.68 -20.00 -40.40
CA ASN D 30 -15.69 -18.93 -40.28
C ASN D 30 -16.39 -17.62 -39.95
N HIS D 31 -15.64 -16.52 -39.99
CA HIS D 31 -16.13 -15.21 -39.57
C HIS D 31 -16.79 -15.27 -38.19
N SER D 32 -16.19 -16.04 -37.30
CA SER D 32 -16.73 -16.31 -35.98
C SER D 32 -15.66 -16.10 -34.93
N SER D 33 -16.09 -15.61 -33.76
CA SER D 33 -15.17 -15.50 -32.63
C SER D 33 -14.58 -16.84 -32.26
N GLU D 34 -15.41 -17.89 -32.26
CA GLU D 34 -14.90 -19.23 -31.95
C GLU D 34 -13.95 -19.72 -33.05
N PHE D 35 -14.23 -19.37 -34.30
CA PHE D 35 -13.30 -19.69 -35.37
C PHE D 35 -11.93 -19.09 -35.11
N ASN D 36 -11.91 -17.77 -34.85
CA ASN D 36 -10.63 -17.11 -34.57
C ASN D 36 -9.96 -17.69 -33.34
N VAL D 37 -10.74 -18.02 -32.31
CA VAL D 37 -10.17 -18.50 -31.05
C VAL D 37 -9.50 -19.87 -31.25
N THR D 38 -10.23 -20.82 -31.84
CA THR D 38 -9.63 -22.11 -32.10
C THR D 38 -8.44 -21.99 -33.05
N ARG D 39 -8.52 -21.08 -34.03
CA ARG D 39 -7.39 -20.88 -34.93
C ARG D 39 -6.17 -20.38 -34.17
N ASN D 40 -6.36 -19.45 -33.23
CA ASN D 40 -5.24 -18.95 -32.44
C ASN D 40 -4.66 -20.04 -31.57
N TYR D 41 -5.51 -20.83 -30.93
CA TYR D 41 -5.05 -21.95 -30.11
C TYR D 41 -4.22 -22.92 -30.93
N LEU D 42 -4.68 -23.25 -32.15
CA LEU D 42 -3.93 -24.14 -33.02
C LEU D 42 -2.62 -23.51 -33.45
N ASP D 43 -2.63 -22.21 -33.74
CA ASP D 43 -1.41 -21.54 -34.17
C ASP D 43 -0.36 -21.53 -33.07
N TRP D 44 -0.80 -21.43 -31.82
CA TRP D 44 0.14 -21.56 -30.71
C TRP D 44 0.62 -23.00 -30.58
N LEU D 45 -0.30 -23.97 -30.66
CA LEU D 45 0.07 -25.38 -30.64
C LEU D 45 1.13 -25.72 -31.68
N THR D 46 1.08 -25.07 -32.84
CA THR D 46 1.99 -25.38 -33.93
C THR D 46 3.23 -24.50 -33.99
N SER D 47 3.18 -23.30 -33.39
CA SER D 47 4.30 -22.37 -33.46
C SER D 47 5.52 -22.82 -32.67
N ILE D 48 5.48 -23.98 -32.02
CA ILE D 48 6.56 -24.39 -31.13
C ILE D 48 7.30 -25.57 -31.75
N PRO D 49 8.62 -25.64 -31.59
CA PRO D 49 9.35 -26.84 -31.99
C PRO D 49 8.93 -28.02 -31.15
N TRP D 50 9.12 -29.21 -31.71
CA TRP D 50 8.77 -30.43 -30.99
C TRP D 50 9.80 -31.53 -31.08
N GLY D 51 10.67 -31.55 -32.09
CA GLY D 51 11.72 -32.54 -32.15
C GLY D 51 13.06 -31.97 -32.53
N LYS D 52 13.08 -30.72 -32.99
CA LYS D 52 14.29 -30.17 -33.59
C LYS D 52 15.22 -29.64 -32.50
N TYR D 53 16.46 -30.12 -32.51
CA TYR D 53 17.48 -29.68 -31.57
C TYR D 53 18.56 -28.92 -32.32
N SER D 54 19.00 -27.82 -31.74
CA SER D 54 20.16 -27.12 -32.28
C SER D 54 21.35 -28.06 -32.29
N ASN D 55 22.09 -28.06 -33.40
CA ASN D 55 23.25 -28.94 -33.51
C ASN D 55 24.34 -28.37 -32.62
N GLU D 56 24.21 -28.68 -31.32
CA GLU D 56 25.08 -28.07 -30.33
C GLU D 56 26.53 -28.43 -30.60
N ASN D 57 27.41 -27.44 -30.47
CA ASN D 57 28.83 -27.71 -30.57
C ASN D 57 29.23 -28.69 -29.47
N LEU D 58 30.05 -29.66 -29.84
CA LEU D 58 30.54 -30.61 -28.84
C LEU D 58 32.04 -30.72 -28.88
N ASP D 59 32.73 -29.89 -29.66
CA ASP D 59 34.18 -29.86 -29.66
C ASP D 59 34.62 -29.22 -28.35
N LEU D 60 35.23 -30.02 -27.48
CA LEU D 60 35.65 -29.51 -26.17
C LEU D 60 36.60 -28.34 -26.34
N ALA D 61 37.58 -28.46 -27.23
CA ALA D 61 38.52 -27.37 -27.44
C ALA D 61 37.82 -26.14 -28.02
N ARG D 62 36.80 -26.33 -28.87
CA ARG D 62 36.07 -25.20 -29.42
C ARG D 62 35.32 -24.45 -28.33
N ALA D 63 34.59 -25.18 -27.48
CA ALA D 63 33.89 -24.53 -26.39
C ALA D 63 34.86 -23.88 -25.41
N GLN D 64 35.98 -24.54 -25.14
CA GLN D 64 36.97 -23.96 -24.24
C GLN D 64 37.53 -22.66 -24.81
N ALA D 65 37.81 -22.61 -26.11
CA ALA D 65 38.28 -21.37 -26.71
C ALA D 65 37.21 -20.30 -26.65
N VAL D 66 35.97 -20.67 -27.01
CA VAL D 66 34.87 -19.70 -27.01
C VAL D 66 34.72 -19.07 -25.64
N LEU D 67 34.84 -19.89 -24.59
CA LEU D 67 34.78 -19.34 -23.24
C LEU D 67 35.99 -18.46 -22.96
N GLU D 68 37.19 -19.04 -23.02
CA GLU D 68 38.40 -18.33 -22.62
C GLU D 68 38.54 -16.98 -23.30
N GLU D 69 38.05 -16.85 -24.53
CA GLU D 69 38.33 -15.67 -25.32
C GLU D 69 37.34 -14.53 -25.10
N ASP D 70 36.36 -14.69 -24.21
CA ASP D 70 35.47 -13.57 -23.97
C ASP D 70 35.09 -13.41 -22.49
N HIS D 71 35.93 -13.91 -21.57
CA HIS D 71 35.76 -13.67 -20.14
C HIS D 71 37.00 -13.97 -19.33
N TYR D 72 37.37 -13.03 -18.46
CA TYR D 72 38.51 -13.21 -17.56
C TYR D 72 38.05 -13.92 -16.30
N GLY D 73 38.81 -14.92 -15.87
CA GLY D 73 38.53 -15.59 -14.62
C GLY D 73 37.31 -16.48 -14.74
N MET D 74 36.55 -16.60 -13.66
CA MET D 74 35.39 -17.49 -13.61
C MET D 74 35.79 -18.93 -13.87
N GLU D 75 36.92 -19.34 -13.27
CA GLU D 75 37.43 -20.68 -13.48
C GLU D 75 36.40 -21.73 -13.12
N ASP D 76 35.63 -21.50 -12.05
CA ASP D 76 34.66 -22.50 -11.61
C ASP D 76 33.57 -22.69 -12.66
N VAL D 77 33.03 -21.59 -13.17
CA VAL D 77 31.98 -21.70 -14.18
C VAL D 77 32.51 -22.36 -15.43
N LYS D 78 33.72 -21.97 -15.86
CA LYS D 78 34.25 -22.53 -17.09
C LYS D 78 34.54 -24.02 -16.95
N LYS D 79 35.10 -24.44 -15.81
CA LYS D 79 35.28 -25.86 -15.57
C LYS D 79 33.95 -26.60 -15.55
N ARG D 80 32.94 -26.02 -14.90
CA ARG D 80 31.65 -26.71 -14.82
C ARG D 80 31.05 -26.87 -16.21
N ILE D 81 31.21 -25.88 -17.07
CA ILE D 81 30.64 -25.99 -18.41
C ILE D 81 31.42 -27.00 -19.25
N LEU D 82 32.74 -27.04 -19.08
CA LEU D 82 33.52 -28.05 -19.79
C LEU D 82 33.11 -29.46 -19.37
N GLU D 83 32.94 -29.69 -18.07
CA GLU D 83 32.52 -31.00 -17.62
C GLU D 83 31.09 -31.31 -18.09
N PHE D 84 30.23 -30.30 -18.14
CA PHE D 84 28.89 -30.51 -18.66
C PHE D 84 28.92 -30.92 -20.11
N ILE D 85 29.81 -30.33 -20.91
CA ILE D 85 29.90 -30.72 -22.31
C ILE D 85 30.48 -32.13 -22.41
N ALA D 86 31.37 -32.49 -21.48
CA ALA D 86 31.92 -33.84 -21.48
C ALA D 86 30.82 -34.88 -21.27
N VAL D 87 29.94 -34.64 -20.30
CA VAL D 87 28.88 -35.60 -20.04
C VAL D 87 27.85 -35.58 -21.17
N SER D 88 27.58 -34.39 -21.72
CA SER D 88 26.71 -34.30 -22.88
C SER D 88 27.24 -35.15 -24.02
N GLN D 89 28.56 -35.15 -24.19
CA GLN D 89 29.19 -35.95 -25.23
C GLN D 89 29.06 -37.43 -24.95
N LEU D 90 29.44 -37.86 -23.75
CA LEU D 90 29.40 -39.28 -23.44
C LEU D 90 28.00 -39.84 -23.37
N ARG D 91 26.98 -38.98 -23.36
CA ARG D 91 25.61 -39.43 -23.56
C ARG D 91 25.16 -39.12 -24.97
N GLY D 92 23.96 -39.59 -25.31
CA GLY D 92 23.46 -39.33 -26.65
C GLY D 92 23.20 -37.85 -26.86
N SER D 93 22.17 -37.33 -26.21
CA SER D 93 21.99 -35.92 -25.96
C SER D 93 22.04 -35.73 -24.45
N THR D 94 21.79 -34.51 -24.00
CA THR D 94 21.90 -34.23 -22.58
C THR D 94 20.57 -33.75 -22.03
N GLN D 95 20.58 -33.46 -20.73
CA GLN D 95 19.36 -33.23 -19.97
C GLN D 95 19.13 -31.77 -19.61
N GLY D 96 20.10 -30.90 -19.82
CA GLY D 96 19.91 -29.53 -19.45
C GLY D 96 19.85 -29.33 -17.95
N LYS D 97 20.99 -29.53 -17.29
CA LYS D 97 21.09 -29.38 -15.84
C LYS D 97 20.60 -28.00 -15.39
N ILE D 98 20.26 -27.91 -14.13
CA ILE D 98 19.94 -26.63 -13.50
C ILE D 98 21.19 -26.07 -12.86
N LEU D 99 21.33 -24.74 -12.89
CA LEU D 99 22.53 -24.10 -12.39
C LEU D 99 22.15 -22.73 -11.83
N CYS D 100 22.97 -22.24 -10.90
CA CYS D 100 22.72 -20.94 -10.32
C CYS D 100 24.04 -20.25 -10.02
N PHE D 101 24.19 -19.04 -10.52
CA PHE D 101 25.34 -18.20 -10.24
C PHE D 101 24.96 -17.19 -9.17
N TYR D 102 25.82 -17.02 -8.17
CA TYR D 102 25.59 -16.05 -7.13
C TYR D 102 26.87 -15.27 -6.88
N GLY D 103 26.70 -14.04 -6.39
CA GLY D 103 27.81 -13.15 -6.19
C GLY D 103 27.39 -11.70 -6.22
N PRO D 104 28.35 -10.80 -6.06
CA PRO D 104 28.03 -9.38 -6.07
C PRO D 104 27.60 -8.92 -7.45
N PRO D 105 26.92 -7.77 -7.55
CA PRO D 105 26.40 -7.33 -8.84
C PRO D 105 27.48 -6.65 -9.67
N GLY D 106 27.58 -7.04 -10.93
CA GLY D 106 28.56 -6.45 -11.81
C GLY D 106 29.82 -7.27 -11.94
N VAL D 107 29.70 -8.59 -11.83
CA VAL D 107 30.84 -9.48 -11.96
C VAL D 107 30.76 -10.35 -13.21
N GLY D 108 29.65 -10.36 -13.91
CA GLY D 108 29.53 -11.10 -15.14
C GLY D 108 28.57 -12.25 -15.12
N LYS D 109 27.58 -12.23 -14.23
CA LYS D 109 26.66 -13.35 -14.10
C LYS D 109 25.65 -13.44 -15.25
N THR D 110 25.76 -12.59 -16.26
CA THR D 110 24.91 -12.67 -17.44
C THR D 110 25.72 -12.82 -18.73
N SER D 111 26.80 -12.06 -18.86
CA SER D 111 27.62 -12.16 -20.06
C SER D 111 28.24 -13.54 -20.19
N ILE D 112 28.65 -14.16 -19.08
CA ILE D 112 29.13 -15.53 -19.16
C ILE D 112 28.01 -16.46 -19.57
N ALA D 113 26.77 -16.15 -19.19
CA ALA D 113 25.66 -16.99 -19.61
C ALA D 113 25.49 -16.95 -21.12
N ARG D 114 25.57 -15.76 -21.71
CA ARG D 114 25.47 -15.68 -23.16
C ARG D 114 26.66 -16.33 -23.84
N SER D 115 27.87 -16.17 -23.29
CA SER D 115 29.02 -16.86 -23.83
C SER D 115 28.85 -18.38 -23.76
N ILE D 116 28.16 -18.87 -22.74
CA ILE D 116 27.89 -20.30 -22.64
C ILE D 116 26.90 -20.73 -23.71
N ALA D 117 25.85 -19.94 -23.91
CA ALA D 117 24.92 -20.20 -25.01
C ALA D 117 25.67 -20.28 -26.33
N ARG D 118 26.67 -19.42 -26.51
CA ARG D 118 27.47 -19.46 -27.73
C ARG D 118 28.28 -20.75 -27.82
N ALA D 119 29.00 -21.09 -26.75
CA ALA D 119 29.86 -22.27 -26.80
C ALA D 119 29.05 -23.57 -26.87
N LEU D 120 27.78 -23.54 -26.51
CA LEU D 120 26.92 -24.70 -26.70
C LEU D 120 26.11 -24.61 -27.98
N ASN D 121 26.19 -23.49 -28.68
CA ASN D 121 25.49 -23.25 -29.93
C ASN D 121 23.98 -23.35 -29.80
N ARG D 122 23.46 -23.46 -28.58
CA ARG D 122 22.07 -23.15 -28.37
C ARG D 122 21.87 -21.66 -28.53
N GLU D 123 20.64 -21.21 -28.37
CA GLU D 123 20.36 -19.78 -28.36
C GLU D 123 20.30 -19.28 -26.94
N TYR D 124 19.90 -18.03 -26.81
CA TYR D 124 19.77 -17.40 -25.50
C TYR D 124 18.33 -16.95 -25.30
N PHE D 125 17.96 -16.84 -24.04
CA PHE D 125 16.66 -16.32 -23.63
C PHE D 125 16.79 -15.99 -22.16
N ARG D 126 16.03 -15.00 -21.70
CA ARG D 126 16.08 -14.65 -20.28
C ARG D 126 14.76 -14.05 -19.85
N PHE D 127 14.58 -13.99 -18.53
CA PHE D 127 13.49 -13.27 -17.91
C PHE D 127 13.73 -13.21 -16.42
N SER D 128 13.22 -12.15 -15.80
CA SER D 128 13.44 -11.90 -14.38
C SER D 128 12.17 -12.16 -13.60
N VAL D 129 12.29 -13.00 -12.57
CA VAL D 129 11.14 -13.26 -11.69
C VAL D 129 11.39 -12.62 -10.34
N GLY D 130 12.18 -11.56 -10.32
CA GLY D 130 12.31 -10.78 -9.13
C GLY D 130 11.10 -9.90 -8.89
N GLY D 131 10.89 -8.93 -9.79
CA GLY D 131 9.88 -7.92 -9.56
C GLY D 131 8.46 -8.45 -9.55
N MET D 132 8.21 -9.54 -10.27
CA MET D 132 6.86 -10.06 -10.38
C MET D 132 6.34 -10.54 -9.03
N THR D 133 5.04 -10.78 -8.98
CA THR D 133 4.41 -11.40 -7.81
C THR D 133 3.43 -12.50 -8.15
N ASP D 134 2.85 -12.53 -9.35
CA ASP D 134 1.83 -13.50 -9.72
C ASP D 134 2.39 -14.58 -10.63
N VAL D 135 1.88 -15.80 -10.45
CA VAL D 135 2.36 -16.96 -11.18
C VAL D 135 1.82 -16.95 -12.61
N ALA D 136 1.05 -15.91 -12.94
CA ALA D 136 0.49 -15.78 -14.29
C ALA D 136 1.60 -15.73 -15.33
N GLU D 137 2.58 -14.83 -15.11
CA GLU D 137 3.64 -14.54 -16.07
C GLU D 137 4.50 -15.75 -16.38
N ILE D 138 4.26 -16.85 -15.68
CA ILE D 138 5.00 -18.08 -15.87
C ILE D 138 4.10 -19.21 -16.36
N LYS D 139 2.90 -19.33 -15.78
CA LYS D 139 2.05 -20.48 -16.00
C LYS D 139 0.96 -20.26 -17.03
N GLY D 140 0.79 -19.04 -17.55
CA GLY D 140 -0.22 -18.83 -18.58
C GLY D 140 -1.65 -19.08 -18.13
N HIS D 141 -2.60 -18.85 -19.02
CA HIS D 141 -4.01 -18.94 -18.68
C HIS D 141 -4.68 -20.09 -19.41
N ARG D 142 -5.86 -20.45 -18.93
CA ARG D 142 -6.61 -21.55 -19.53
C ARG D 142 -7.22 -21.12 -20.86
N ARG D 143 -7.83 -22.09 -21.54
CA ARG D 143 -8.54 -21.77 -22.77
C ARG D 143 -9.73 -20.85 -22.50
N THR D 144 -10.33 -20.95 -21.31
CA THR D 144 -11.54 -20.22 -20.94
C THR D 144 -11.26 -18.80 -20.44
N TYR D 145 -10.09 -18.23 -20.73
CA TYR D 145 -9.83 -16.85 -20.38
C TYR D 145 -10.57 -15.90 -21.33
N VAL D 146 -10.60 -14.62 -20.96
CA VAL D 146 -11.21 -13.61 -21.81
C VAL D 146 -10.48 -13.52 -23.15
N GLY D 147 -9.20 -13.18 -23.11
CA GLY D 147 -8.31 -13.34 -24.24
C GLY D 147 -6.89 -13.41 -23.75
N ALA D 148 -6.18 -14.49 -24.08
CA ALA D 148 -4.98 -14.83 -23.34
C ALA D 148 -3.85 -15.20 -24.28
N MET D 149 -2.65 -15.18 -23.73
CA MET D 149 -1.42 -15.65 -24.32
C MET D 149 -0.70 -16.53 -23.31
N PRO D 150 0.13 -17.46 -23.77
CA PRO D 150 0.56 -18.56 -22.89
C PRO D 150 1.66 -18.17 -21.91
N GLY D 151 2.17 -19.15 -21.19
CA GLY D 151 3.26 -18.92 -20.26
C GLY D 151 4.53 -18.49 -20.97
N LYS D 152 5.52 -18.13 -20.15
CA LYS D 152 6.71 -17.46 -20.67
C LYS D 152 7.54 -18.39 -21.54
N ILE D 153 7.68 -19.66 -21.14
CA ILE D 153 8.46 -20.59 -21.93
C ILE D 153 7.83 -20.80 -23.29
N ILE D 154 6.55 -20.49 -23.46
CA ILE D 154 5.93 -20.61 -24.77
C ILE D 154 6.39 -19.50 -25.69
N GLN D 155 6.43 -18.27 -25.19
CA GLN D 155 7.04 -17.19 -25.98
C GLN D 155 8.52 -17.51 -26.25
N CYS D 156 9.19 -18.15 -25.28
CA CYS D 156 10.57 -18.56 -25.48
C CYS D 156 10.70 -19.53 -26.64
N LEU D 157 9.86 -20.55 -26.68
CA LEU D 157 9.92 -21.51 -27.78
C LEU D 157 9.50 -20.86 -29.08
N LYS D 158 8.62 -19.85 -29.02
CA LYS D 158 8.25 -19.15 -30.24
C LYS D 158 9.42 -18.37 -30.81
N LYS D 159 10.20 -17.73 -29.96
CA LYS D 159 11.29 -16.87 -30.42
C LYS D 159 12.64 -17.57 -30.44
N THR D 160 12.69 -18.86 -30.10
CA THR D 160 13.90 -19.65 -30.24
C THR D 160 13.73 -20.78 -31.24
N LYS D 161 12.63 -21.53 -31.14
CA LYS D 161 12.27 -22.56 -32.12
C LYS D 161 13.25 -23.73 -32.09
N THR D 162 13.67 -24.13 -30.89
CA THR D 162 14.34 -25.41 -30.69
C THR D 162 14.06 -25.87 -29.26
N GLU D 163 14.04 -27.19 -29.08
CA GLU D 163 13.53 -27.76 -27.83
C GLU D 163 14.44 -27.45 -26.65
N ASN D 164 15.73 -27.22 -26.88
CA ASN D 164 16.68 -26.86 -25.82
C ASN D 164 17.18 -25.43 -25.99
N PRO D 165 16.53 -24.44 -25.39
CA PRO D 165 16.88 -23.03 -25.65
C PRO D 165 17.83 -22.34 -24.68
N LEU D 166 18.16 -22.93 -23.52
CA LEU D 166 19.04 -22.30 -22.53
C LEU D 166 18.49 -20.96 -22.06
N ILE D 167 17.40 -21.00 -21.31
CA ILE D 167 16.85 -19.76 -20.80
C ILE D 167 17.57 -19.40 -19.50
N LEU D 168 17.38 -18.16 -19.05
CA LEU D 168 18.03 -17.65 -17.85
C LEU D 168 17.02 -16.93 -16.98
N ILE D 169 16.73 -17.51 -15.83
CA ILE D 169 15.91 -16.89 -14.80
C ILE D 169 16.78 -15.92 -14.02
N ASP D 170 16.30 -14.71 -13.81
CA ASP D 170 17.13 -13.65 -13.26
C ASP D 170 16.53 -13.15 -11.96
N GLU D 171 17.40 -12.70 -11.06
CA GLU D 171 16.98 -12.09 -9.79
C GLU D 171 16.13 -13.06 -8.99
N VAL D 172 16.63 -14.29 -8.82
CA VAL D 172 15.88 -15.32 -8.13
C VAL D 172 15.83 -15.06 -6.63
N ASP D 173 16.37 -13.93 -6.17
CA ASP D 173 16.28 -13.57 -4.77
C ASP D 173 14.97 -12.85 -4.46
N LYS D 174 14.53 -11.96 -5.35
CA LYS D 174 13.47 -11.01 -5.03
C LYS D 174 12.07 -11.57 -5.28
N ILE D 175 11.91 -12.88 -5.30
CA ILE D 175 10.61 -13.46 -5.59
C ILE D 175 9.57 -13.02 -4.57
N PRO D 183 4.54 -18.21 -5.85
CA PRO D 183 5.12 -18.35 -7.19
C PRO D 183 6.30 -19.28 -7.19
N SER D 184 7.03 -19.31 -6.07
CA SER D 184 8.21 -20.16 -5.96
C SER D 184 7.88 -21.62 -6.21
N SER D 185 6.67 -22.05 -5.86
CA SER D 185 6.24 -23.42 -6.16
C SER D 185 6.17 -23.63 -7.66
N ALA D 186 5.72 -22.61 -8.40
CA ALA D 186 5.70 -22.72 -9.86
C ALA D 186 7.11 -22.86 -10.42
N LEU D 187 8.05 -22.06 -9.92
CA LEU D 187 9.42 -22.18 -10.38
C LEU D 187 10.01 -23.53 -10.00
N LEU D 188 9.51 -24.14 -8.92
CA LEU D 188 9.91 -25.50 -8.61
C LEU D 188 9.38 -26.46 -9.65
N GLU D 189 8.06 -26.47 -9.85
CA GLU D 189 7.44 -27.31 -10.87
C GLU D 189 8.07 -27.12 -12.23
N LEU D 190 8.71 -25.98 -12.45
CA LEU D 190 9.51 -25.78 -13.65
C LEU D 190 10.87 -26.45 -13.51
N LEU D 191 11.56 -26.22 -12.40
CA LEU D 191 12.91 -26.74 -12.18
C LEU D 191 12.89 -28.01 -11.34
N ASP D 192 12.12 -29.01 -11.77
CA ASP D 192 12.04 -30.27 -11.06
C ASP D 192 12.20 -31.44 -12.02
N PRO D 193 13.31 -32.17 -11.94
CA PRO D 193 13.58 -33.22 -12.94
C PRO D 193 12.42 -34.16 -13.22
N GLU D 194 11.85 -34.76 -12.18
CA GLU D 194 10.78 -35.74 -12.37
C GLU D 194 9.64 -35.17 -13.20
N GLN D 195 9.39 -33.87 -13.10
CA GLN D 195 8.33 -33.23 -13.88
C GLN D 195 8.88 -32.15 -14.80
N ASN D 196 10.17 -32.21 -15.12
CA ASN D 196 10.68 -31.35 -16.18
C ASN D 196 10.03 -31.69 -17.51
N ALA D 197 9.73 -32.97 -17.73
CA ALA D 197 9.13 -33.44 -18.97
C ALA D 197 7.63 -33.17 -19.06
N ASN D 198 7.07 -32.39 -18.13
CA ASN D 198 5.63 -32.14 -18.09
C ASN D 198 5.44 -30.73 -17.54
N PHE D 199 5.08 -29.79 -18.41
CA PHE D 199 4.81 -28.43 -17.94
C PHE D 199 3.34 -28.25 -17.59
N LEU D 200 2.45 -28.59 -18.53
CA LEU D 200 1.00 -28.48 -18.34
C LEU D 200 0.57 -27.05 -18.11
N ASP D 201 1.01 -26.16 -19.00
CA ASP D 201 0.45 -24.83 -19.06
C ASP D 201 -1.05 -24.92 -19.34
N HIS D 202 -1.83 -24.12 -18.60
CA HIS D 202 -3.27 -24.08 -18.83
C HIS D 202 -3.62 -23.68 -20.26
N TYR D 203 -2.69 -23.04 -20.96
CA TYR D 203 -2.88 -22.65 -22.35
C TYR D 203 -2.61 -23.79 -23.32
N LEU D 204 -2.04 -24.89 -22.85
CA LEU D 204 -1.73 -26.03 -23.72
C LEU D 204 -1.96 -27.30 -22.92
N ASP D 205 -3.10 -27.96 -23.17
CA ASP D 205 -3.49 -29.11 -22.37
C ASP D 205 -2.47 -30.24 -22.45
N VAL D 206 -1.72 -30.33 -23.53
CA VAL D 206 -0.78 -31.44 -23.68
C VAL D 206 0.46 -31.17 -22.85
N PRO D 207 1.03 -32.17 -22.17
CA PRO D 207 2.28 -31.97 -21.44
C PRO D 207 3.41 -31.55 -22.36
N VAL D 208 4.07 -30.45 -22.01
CA VAL D 208 5.22 -29.93 -22.75
C VAL D 208 6.48 -30.41 -22.06
N ASP D 209 7.33 -31.13 -22.80
CA ASP D 209 8.60 -31.57 -22.25
C ASP D 209 9.55 -30.39 -22.14
N LEU D 210 10.33 -30.38 -21.06
CA LEU D 210 11.43 -29.44 -20.88
C LEU D 210 12.68 -30.12 -20.37
N SER D 211 12.76 -31.45 -20.44
CA SER D 211 13.85 -32.24 -19.86
C SER D 211 15.15 -32.07 -20.61
N LYS D 212 15.30 -31.13 -21.54
CA LYS D 212 16.56 -30.95 -22.24
C LYS D 212 17.18 -29.57 -22.07
N VAL D 213 16.38 -28.54 -21.80
CA VAL D 213 16.90 -27.18 -21.66
C VAL D 213 17.62 -27.04 -20.33
N LEU D 214 18.76 -26.35 -20.34
CA LEU D 214 19.48 -26.05 -19.11
C LEU D 214 19.12 -24.66 -18.65
N PHE D 215 18.55 -24.56 -17.46
CA PHE D 215 18.22 -23.28 -16.88
C PHE D 215 19.41 -22.78 -16.09
N ILE D 216 19.58 -21.47 -16.09
CA ILE D 216 20.63 -20.81 -15.32
C ILE D 216 20.01 -19.65 -14.58
N CYS D 217 20.19 -19.63 -13.27
CA CYS D 217 19.62 -18.60 -12.42
C CYS D 217 20.73 -17.71 -11.90
N THR D 218 20.35 -16.55 -11.37
CA THR D 218 21.31 -15.59 -10.84
C THR D 218 20.84 -15.08 -9.49
N ALA D 219 21.79 -14.70 -8.67
CA ALA D 219 21.48 -14.28 -7.31
C ALA D 219 22.62 -13.46 -6.75
N ASN D 220 22.30 -12.54 -5.86
CA ASN D 220 23.31 -11.86 -5.08
C ASN D 220 23.68 -12.64 -3.83
N VAL D 221 22.72 -13.36 -3.27
CA VAL D 221 22.89 -14.12 -2.04
C VAL D 221 22.06 -15.38 -2.13
N THR D 222 22.64 -16.50 -1.71
CA THR D 222 21.92 -17.77 -1.76
C THR D 222 21.10 -18.05 -0.52
N ASP D 223 20.83 -17.07 0.33
CA ASP D 223 20.06 -17.35 1.54
C ASP D 223 18.62 -16.89 1.43
N THR D 224 18.33 -15.94 0.57
CA THR D 224 16.95 -15.55 0.37
C THR D 224 16.29 -16.29 -0.78
N ILE D 225 16.98 -17.26 -1.37
CA ILE D 225 16.36 -18.19 -2.30
C ILE D 225 15.68 -19.29 -1.50
N PRO D 226 14.39 -19.56 -1.73
CA PRO D 226 13.68 -20.52 -0.88
C PRO D 226 14.26 -21.93 -1.02
N GLU D 227 14.34 -22.61 0.11
CA GLU D 227 14.95 -23.93 0.18
C GLU D 227 14.38 -24.94 -0.81
N PRO D 228 13.07 -25.00 -1.08
CA PRO D 228 12.60 -25.95 -2.10
C PRO D 228 13.29 -25.76 -3.43
N LEU D 229 13.39 -24.52 -3.90
CA LEU D 229 14.14 -24.25 -5.13
C LEU D 229 15.61 -24.58 -4.95
N ARG D 230 16.21 -24.11 -3.86
CA ARG D 230 17.64 -24.30 -3.64
C ARG D 230 18.03 -25.78 -3.62
N ASP D 231 17.09 -26.68 -3.35
CA ASP D 231 17.45 -28.10 -3.34
C ASP D 231 17.81 -28.59 -4.73
N ARG D 232 17.14 -28.10 -5.77
CA ARG D 232 17.37 -28.58 -7.13
C ARG D 232 18.40 -27.74 -7.88
N MET D 233 18.89 -26.67 -7.28
CA MET D 233 19.82 -25.77 -7.93
C MET D 233 21.22 -26.12 -7.47
N GLU D 234 22.14 -26.25 -8.41
CA GLU D 234 23.54 -26.52 -8.11
C GLU D 234 24.30 -25.20 -8.14
N MET D 235 24.80 -24.79 -6.98
CA MET D 235 25.29 -23.43 -6.79
C MET D 235 26.73 -23.29 -7.25
N ILE D 236 26.99 -22.27 -8.07
CA ILE D 236 28.34 -21.89 -8.46
C ILE D 236 28.52 -20.42 -8.11
N ASN D 237 29.70 -20.07 -7.62
CA ASN D 237 29.98 -18.72 -7.17
C ASN D 237 30.78 -17.97 -8.22
N VAL D 238 30.48 -16.70 -8.38
CA VAL D 238 31.23 -15.80 -9.24
C VAL D 238 31.58 -14.58 -8.40
N SER D 239 32.76 -14.60 -7.79
CA SER D 239 33.14 -13.60 -6.80
C SER D 239 33.44 -12.27 -7.46
N GLY D 240 33.94 -11.32 -6.67
CA GLY D 240 34.35 -10.03 -7.18
C GLY D 240 35.77 -10.08 -7.68
N TYR D 241 36.44 -8.93 -7.66
CA TYR D 241 37.79 -8.84 -8.18
C TYR D 241 38.64 -7.98 -7.27
N VAL D 242 39.94 -7.97 -7.54
CA VAL D 242 40.87 -7.10 -6.85
C VAL D 242 41.37 -6.08 -7.86
N ALA D 243 42.22 -5.17 -7.42
CA ALA D 243 42.66 -4.08 -8.30
C ALA D 243 43.28 -4.62 -9.58
N GLN D 244 44.10 -5.66 -9.48
CA GLN D 244 44.77 -6.19 -10.66
C GLN D 244 43.79 -6.85 -11.61
N GLU D 245 42.83 -7.61 -11.07
CA GLU D 245 41.85 -8.25 -11.94
C GLU D 245 40.96 -7.22 -12.61
N LYS D 246 40.60 -6.16 -11.88
CA LYS D 246 39.82 -5.08 -12.48
C LYS D 246 40.61 -4.41 -13.59
N LEU D 247 41.90 -4.18 -13.36
CA LEU D 247 42.73 -3.58 -14.39
C LEU D 247 42.79 -4.45 -15.64
N ALA D 248 42.94 -5.77 -15.44
CA ALA D 248 43.01 -6.66 -16.58
C ALA D 248 41.69 -6.69 -17.35
N ILE D 249 40.56 -6.74 -16.64
CA ILE D 249 39.28 -6.74 -17.33
C ILE D 249 39.07 -5.42 -18.05
N ALA D 250 39.47 -4.31 -17.44
CA ALA D 250 39.30 -3.02 -18.09
C ALA D 250 40.15 -2.90 -19.34
N GLU D 251 41.37 -3.44 -19.30
CA GLU D 251 42.24 -3.33 -20.47
C GLU D 251 41.78 -4.24 -21.59
N ARG D 252 41.38 -5.46 -21.27
CA ARG D 252 41.06 -6.41 -22.33
C ARG D 252 39.63 -6.26 -22.84
N TYR D 253 38.68 -5.92 -21.97
CA TYR D 253 37.26 -5.96 -22.31
C TYR D 253 36.57 -4.61 -22.24
N LEU D 254 36.69 -3.91 -21.11
CA LEU D 254 35.87 -2.72 -20.91
C LEU D 254 36.25 -1.62 -21.88
N VAL D 255 37.52 -1.26 -21.95
CA VAL D 255 37.95 -0.19 -22.85
C VAL D 255 37.67 -0.52 -24.31
N PRO D 256 37.96 -1.71 -24.82
CA PRO D 256 37.59 -2.00 -26.21
C PRO D 256 36.09 -1.95 -26.45
N GLN D 257 35.30 -2.54 -25.57
CA GLN D 257 33.85 -2.55 -25.78
C GLN D 257 33.30 -1.14 -25.77
N ALA D 258 33.81 -0.28 -24.88
CA ALA D 258 33.31 1.08 -24.81
C ALA D 258 33.74 1.90 -26.01
N ARG D 259 34.99 1.73 -26.43
CA ARG D 259 35.48 2.43 -27.61
C ARG D 259 34.66 2.05 -28.84
N ALA D 260 34.37 0.76 -28.99
CA ALA D 260 33.55 0.32 -30.11
C ALA D 260 32.14 0.88 -30.02
N LEU D 261 31.56 0.88 -28.82
CA LEU D 261 30.25 1.49 -28.62
C LEU D 261 30.24 2.96 -28.98
N CYS D 262 31.35 3.65 -28.76
CA CYS D 262 31.41 5.08 -29.02
C CYS D 262 31.78 5.41 -30.45
N GLY D 263 32.37 4.48 -31.19
CA GLY D 263 32.71 4.75 -32.57
C GLY D 263 34.07 5.36 -32.77
N LEU D 264 35.03 5.01 -31.92
CA LEU D 264 36.40 5.49 -32.04
C LEU D 264 37.28 4.35 -32.53
N ASP D 265 38.58 4.62 -32.62
CA ASP D 265 39.58 3.60 -32.91
C ASP D 265 40.65 3.66 -31.84
N GLU D 266 41.63 2.77 -31.95
CA GLU D 266 42.68 2.69 -30.94
C GLU D 266 43.50 3.97 -30.89
N SER D 267 43.90 4.49 -32.05
CA SER D 267 44.90 5.55 -32.06
C SER D 267 44.35 6.88 -31.59
N LYS D 268 43.05 7.13 -31.79
CA LYS D 268 42.51 8.43 -31.41
C LYS D 268 42.32 8.54 -29.91
N ALA D 269 41.76 7.51 -29.27
CA ALA D 269 41.47 7.53 -27.85
C ALA D 269 42.15 6.34 -27.17
N LYS D 270 42.98 6.62 -26.17
CA LYS D 270 43.68 5.59 -25.42
C LYS D 270 43.68 5.93 -23.94
N LEU D 271 43.57 4.90 -23.10
CA LEU D 271 43.54 5.07 -21.65
C LEU D 271 44.70 4.27 -21.04
N SER D 272 45.62 4.98 -20.41
CA SER D 272 46.84 4.36 -19.92
C SER D 272 46.58 3.48 -18.69
N SER D 273 47.54 2.60 -18.42
CA SER D 273 47.43 1.74 -17.25
C SER D 273 47.33 2.56 -15.97
N ASP D 274 48.10 3.66 -15.89
CA ASP D 274 48.05 4.49 -14.71
C ASP D 274 46.65 5.06 -14.50
N VAL D 275 46.03 5.58 -15.56
CA VAL D 275 44.72 6.18 -15.39
C VAL D 275 43.69 5.12 -15.11
N LEU D 276 43.91 3.89 -15.58
CA LEU D 276 42.94 2.85 -15.29
C LEU D 276 43.02 2.40 -13.83
N THR D 277 44.22 2.24 -13.29
CA THR D 277 44.31 1.97 -11.86
C THR D 277 43.81 3.14 -11.05
N LEU D 278 43.96 4.36 -11.57
CA LEU D 278 43.39 5.52 -10.90
C LEU D 278 41.88 5.41 -10.83
N LEU D 279 41.24 5.17 -11.96
CA LEU D 279 39.79 4.99 -11.97
C LEU D 279 39.38 3.93 -10.98
N ILE D 280 40.06 2.78 -11.00
CA ILE D 280 39.73 1.69 -10.10
C ILE D 280 39.83 2.12 -8.65
N LYS D 281 41.02 2.55 -8.23
CA LYS D 281 41.25 2.80 -6.81
C LYS D 281 40.57 4.06 -6.31
N GLN D 282 40.16 4.95 -7.19
CA GLN D 282 39.78 6.29 -6.75
C GLN D 282 38.34 6.64 -7.06
N TYR D 283 37.81 6.25 -8.22
CA TYR D 283 36.46 6.66 -8.58
C TYR D 283 35.46 5.53 -8.46
N CYS D 284 35.81 4.45 -7.77
CA CYS D 284 34.94 3.30 -7.63
C CYS D 284 35.23 2.60 -6.31
N ARG D 285 34.17 2.21 -5.62
CA ARG D 285 34.25 1.52 -4.35
C ARG D 285 33.30 0.33 -4.35
N GLU D 286 33.38 -0.48 -5.39
CA GLU D 286 32.55 -1.66 -5.55
C GLU D 286 33.41 -2.91 -5.44
N SER D 287 32.80 -4.05 -5.72
CA SER D 287 33.52 -5.30 -5.87
C SER D 287 33.49 -5.85 -7.28
N GLY D 288 32.53 -5.44 -8.09
CA GLY D 288 32.48 -5.77 -9.50
C GLY D 288 33.10 -4.68 -10.35
N VAL D 289 32.67 -4.61 -11.60
CA VAL D 289 33.17 -3.60 -12.51
C VAL D 289 32.01 -2.87 -13.16
N ARG D 290 30.88 -2.79 -12.47
CA ARG D 290 29.70 -2.16 -13.08
C ARG D 290 29.86 -0.67 -13.20
N ASN D 291 30.32 -0.01 -12.13
CA ASN D 291 30.51 1.43 -12.18
C ASN D 291 31.71 1.80 -13.04
N LEU D 292 32.73 0.95 -13.06
CA LEU D 292 33.91 1.23 -13.87
C LEU D 292 33.57 1.30 -15.35
N GLN D 293 32.62 0.48 -15.79
CA GLN D 293 32.16 0.57 -17.17
C GLN D 293 31.61 1.96 -17.46
N LYS D 294 30.81 2.50 -16.55
CA LYS D 294 30.25 3.83 -16.74
C LYS D 294 31.33 4.90 -16.72
N GLN D 295 32.24 4.81 -15.75
CA GLN D 295 33.32 5.78 -15.66
C GLN D 295 34.27 5.72 -16.84
N VAL D 296 34.30 4.60 -17.55
CA VAL D 296 35.18 4.50 -18.71
C VAL D 296 34.47 4.99 -19.97
N GLU D 297 33.22 4.61 -20.18
CA GLU D 297 32.56 5.14 -21.36
C GLU D 297 32.21 6.60 -21.22
N LYS D 298 32.16 7.14 -20.01
CA LYS D 298 32.05 8.58 -19.85
C LYS D 298 33.31 9.27 -20.35
N VAL D 299 34.48 8.76 -19.95
CA VAL D 299 35.73 9.28 -20.48
C VAL D 299 35.75 9.20 -21.99
N LEU D 300 35.26 8.09 -22.54
CA LEU D 300 35.35 7.91 -23.98
C LEU D 300 34.37 8.80 -24.74
N ARG D 301 33.21 9.11 -24.17
CA ARG D 301 32.33 10.01 -24.90
C ARG D 301 32.74 11.47 -24.74
N LYS D 302 33.39 11.84 -23.63
CA LYS D 302 34.00 13.17 -23.60
C LYS D 302 35.15 13.25 -24.59
N SER D 303 35.91 12.17 -24.73
CA SER D 303 36.91 12.09 -25.78
C SER D 303 36.30 12.31 -27.16
N ALA D 304 35.21 11.58 -27.45
CA ALA D 304 34.55 11.72 -28.74
C ALA D 304 34.09 13.15 -28.98
N TYR D 305 33.60 13.81 -27.94
CA TYR D 305 33.22 15.21 -28.10
C TYR D 305 34.42 16.04 -28.51
N LYS D 306 35.53 15.89 -27.78
CA LYS D 306 36.72 16.67 -28.11
C LYS D 306 37.19 16.39 -29.53
N ILE D 307 37.00 15.16 -30.02
CA ILE D 307 37.47 14.83 -31.36
C ILE D 307 36.54 15.44 -32.41
N VAL D 308 35.26 15.09 -32.38
CA VAL D 308 34.32 15.53 -33.40
C VAL D 308 34.24 17.05 -33.42
N SER D 309 34.12 17.66 -32.26
CA SER D 309 33.94 19.10 -32.18
C SER D 309 35.22 19.88 -32.47
N GLY D 310 36.24 19.21 -32.98
CA GLY D 310 37.43 19.90 -33.43
C GLY D 310 38.33 20.45 -32.35
N GLU D 311 38.12 20.03 -31.10
CA GLU D 311 39.02 20.47 -30.04
C GLU D 311 40.43 19.96 -30.25
N ALA D 312 40.57 18.77 -30.82
CA ALA D 312 41.87 18.15 -31.10
C ALA D 312 41.61 16.93 -31.96
N GLU D 313 42.66 16.48 -32.64
CA GLU D 313 42.53 15.36 -33.56
C GLU D 313 43.02 14.04 -32.99
N SER D 314 43.71 14.07 -31.86
CA SER D 314 44.05 12.88 -31.10
C SER D 314 44.05 13.23 -29.62
N VAL D 315 43.67 12.28 -28.78
CA VAL D 315 43.61 12.49 -27.34
C VAL D 315 44.32 11.33 -26.64
N GLU D 316 45.07 11.65 -25.59
CA GLU D 316 45.72 10.65 -24.76
C GLU D 316 45.39 11.00 -23.31
N VAL D 317 44.42 10.28 -22.75
CA VAL D 317 44.01 10.53 -21.37
C VAL D 317 45.06 9.97 -20.43
N THR D 318 45.55 10.81 -19.53
CA THR D 318 46.67 10.48 -18.67
C THR D 318 46.36 10.88 -17.24
N PRO D 319 47.12 10.42 -16.24
CA PRO D 319 46.79 10.78 -14.86
C PRO D 319 46.76 12.28 -14.59
N GLU D 320 47.38 13.09 -15.45
CA GLU D 320 47.46 14.52 -15.22
C GLU D 320 46.49 15.32 -16.08
N ASN D 321 45.66 14.66 -16.89
CA ASN D 321 44.54 15.32 -17.53
C ASN D 321 43.25 14.52 -17.42
N LEU D 322 43.16 13.59 -16.48
CA LEU D 322 41.94 12.83 -16.27
C LEU D 322 40.87 13.69 -15.62
N GLN D 323 41.27 14.52 -14.65
CA GLN D 323 40.32 15.37 -13.93
C GLN D 323 39.52 16.22 -14.89
N ASP D 324 40.09 16.54 -16.05
CA ASP D 324 39.32 17.19 -17.09
C ASP D 324 38.19 16.28 -17.57
N PHE D 325 38.52 15.02 -17.84
CA PHE D 325 37.55 14.14 -18.47
C PHE D 325 36.45 13.71 -17.51
N VAL D 326 36.78 13.57 -16.23
CA VAL D 326 35.81 13.13 -15.22
C VAL D 326 35.53 14.23 -14.20
N GLY D 327 36.54 14.61 -13.45
CA GLY D 327 36.38 15.58 -12.40
C GLY D 327 37.28 15.24 -11.23
N LYS D 328 37.03 15.89 -10.11
CA LYS D 328 37.82 15.64 -8.93
C LYS D 328 37.59 14.21 -8.44
N PRO D 329 38.56 13.64 -7.73
CA PRO D 329 38.40 12.26 -7.25
C PRO D 329 37.21 12.13 -6.31
N VAL D 330 36.49 11.03 -6.46
CA VAL D 330 35.28 10.82 -5.68
C VAL D 330 35.60 10.26 -4.31
N PHE D 331 36.40 9.20 -4.26
CA PHE D 331 36.71 8.49 -3.01
C PHE D 331 38.17 8.78 -2.65
N THR D 332 38.36 9.77 -1.77
CA THR D 332 39.70 10.18 -1.33
C THR D 332 40.03 9.65 0.06
N VAL D 333 39.45 8.52 0.46
CA VAL D 333 39.75 7.92 1.76
C VAL D 333 39.55 6.42 1.67
N GLU D 334 40.59 5.67 2.01
CA GLU D 334 40.50 4.21 1.94
C GLU D 334 39.47 3.68 2.94
N ARG D 335 39.39 4.29 4.12
CA ARG D 335 38.49 3.80 5.15
C ARG D 335 38.19 4.95 6.11
N MET D 336 37.43 4.63 7.16
CA MET D 336 36.97 5.66 8.08
C MET D 336 38.13 6.21 8.90
N TYR D 337 38.84 5.34 9.61
CA TYR D 337 39.99 5.75 10.40
C TYR D 337 41.25 5.16 9.80
N ASP D 338 42.28 5.98 9.64
CA ASP D 338 43.61 5.46 9.36
C ASP D 338 44.19 4.82 10.62
N VAL D 339 44.16 5.53 11.74
CA VAL D 339 44.59 5.01 13.02
C VAL D 339 43.39 5.02 13.96
N THR D 340 43.08 3.86 14.53
CA THR D 340 41.80 3.76 15.22
C THR D 340 41.93 4.19 16.67
N PRO D 341 40.93 4.87 17.21
CA PRO D 341 40.90 5.19 18.63
C PRO D 341 40.81 3.93 19.47
N PRO D 342 40.86 4.05 20.78
CA PRO D 342 40.52 2.91 21.65
C PRO D 342 39.01 2.71 21.66
N GLY D 343 38.59 1.51 21.33
CA GLY D 343 37.19 1.16 21.31
C GLY D 343 36.60 0.95 19.94
N VAL D 344 37.40 0.91 18.89
CA VAL D 344 36.92 0.73 17.54
C VAL D 344 37.84 -0.21 16.78
N VAL D 345 37.26 -1.20 16.12
CA VAL D 345 38.00 -2.26 15.43
C VAL D 345 37.38 -2.48 14.06
N MET D 346 38.22 -2.75 13.06
CA MET D 346 37.71 -3.09 11.74
C MET D 346 36.99 -4.43 11.80
N GLY D 347 36.06 -4.62 10.87
CA GLY D 347 35.12 -5.71 11.02
C GLY D 347 35.10 -6.82 10.00
N LEU D 348 35.37 -6.53 8.72
CA LEU D 348 35.37 -7.54 7.67
C LEU D 348 34.01 -8.26 7.57
N ALA D 349 33.02 -7.51 7.12
CA ALA D 349 31.68 -8.04 6.91
C ALA D 349 31.49 -8.43 5.46
N TRP D 350 30.45 -9.23 5.23
CA TRP D 350 30.14 -9.81 3.92
C TRP D 350 28.70 -9.43 3.58
N THR D 351 28.54 -8.24 3.01
CA THR D 351 27.22 -7.71 2.70
C THR D 351 26.68 -8.29 1.41
N ALA D 352 25.42 -8.00 1.13
CA ALA D 352 24.79 -8.48 -0.10
C ALA D 352 25.48 -7.91 -1.34
N MET D 353 26.12 -6.75 -1.22
CA MET D 353 26.85 -6.16 -2.33
C MET D 353 28.27 -6.68 -2.44
N GLY D 354 28.67 -7.61 -1.58
CA GLY D 354 30.03 -8.10 -1.54
C GLY D 354 30.69 -7.81 -0.22
N GLY D 355 31.98 -8.09 -0.16
CA GLY D 355 32.70 -7.81 1.06
C GLY D 355 32.79 -6.33 1.35
N SER D 356 33.04 -6.01 2.61
CA SER D 356 33.07 -4.60 3.01
C SER D 356 33.66 -4.54 4.42
N THR D 357 34.54 -3.58 4.64
CA THR D 357 35.13 -3.40 5.96
C THR D 357 34.27 -2.45 6.78
N LEU D 358 33.93 -2.88 7.98
CA LEU D 358 33.07 -2.13 8.87
C LEU D 358 33.79 -1.88 10.19
N PHE D 359 33.49 -0.77 10.83
CA PHE D 359 34.08 -0.41 12.10
C PHE D 359 33.01 -0.44 13.18
N VAL D 360 33.24 -1.20 14.23
CA VAL D 360 32.37 -1.16 15.40
C VAL D 360 32.97 -0.22 16.42
N GLU D 361 32.12 0.55 17.10
CA GLU D 361 32.57 1.54 18.06
C GLU D 361 31.91 1.30 19.41
N THR D 362 32.54 1.82 20.46
CA THR D 362 32.03 1.80 21.82
C THR D 362 32.34 3.14 22.47
N SER D 363 31.49 3.59 23.39
CA SER D 363 31.52 4.99 23.77
C SER D 363 31.46 5.33 25.24
N LEU D 364 30.96 4.47 26.12
CA LEU D 364 30.81 4.84 27.53
C LEU D 364 29.86 6.04 27.70
N ARG D 365 28.58 5.74 27.53
CA ARG D 365 27.54 6.76 27.51
C ARG D 365 27.20 7.33 28.88
N ARG D 366 28.00 7.13 29.92
CA ARG D 366 27.59 7.57 31.25
C ARG D 366 28.76 7.50 32.21
N PRO D 367 28.95 8.51 33.07
CA PRO D 367 30.18 8.59 33.86
C PRO D 367 30.41 7.37 34.75
N GLN D 368 31.63 7.26 35.24
CA GLN D 368 32.10 6.04 35.89
C GLN D 368 31.61 5.89 37.33
N ASP D 369 31.23 6.97 37.98
CA ASP D 369 30.65 7.05 39.33
C ASP D 369 31.70 6.90 40.45
N LYS D 370 32.97 6.72 40.12
CA LYS D 370 34.06 6.73 41.09
C LYS D 370 33.93 5.60 42.11
N ASP D 371 33.74 4.38 41.59
CA ASP D 371 33.83 3.15 42.39
C ASP D 371 32.96 3.21 43.65
N ALA D 372 31.77 3.81 43.52
CA ALA D 372 30.85 3.93 44.63
C ALA D 372 30.53 2.56 45.23
N LYS D 373 30.02 2.54 46.46
CA LYS D 373 29.89 1.28 47.18
C LYS D 373 28.89 0.33 46.51
N GLY D 374 27.90 0.88 45.80
CA GLY D 374 26.80 0.05 45.35
C GLY D 374 27.22 -1.03 44.37
N ASP D 375 26.45 -2.11 44.33
CA ASP D 375 26.69 -3.20 43.38
C ASP D 375 26.51 -2.69 41.95
N LYS D 376 25.28 -2.33 41.59
CA LYS D 376 24.99 -1.48 40.45
C LYS D 376 25.71 -1.92 39.18
N ASP D 377 25.28 -3.07 38.68
CA ASP D 377 25.81 -3.64 37.45
C ASP D 377 25.82 -2.63 36.32
N GLY D 378 26.77 -2.80 35.40
CA GLY D 378 26.80 -2.02 34.18
C GLY D 378 25.82 -2.54 33.15
N SER D 379 25.87 -1.95 31.96
CA SER D 379 24.87 -2.23 30.95
C SER D 379 25.52 -2.26 29.58
N LEU D 380 24.70 -2.40 28.54
CA LEU D 380 25.18 -2.30 27.16
C LEU D 380 24.00 -1.94 26.27
N GLU D 381 23.96 -0.71 25.80
CA GLU D 381 23.02 -0.32 24.76
C GLU D 381 23.65 -0.59 23.40
N VAL D 382 22.85 -1.09 22.47
CA VAL D 382 23.37 -1.54 21.17
C VAL D 382 22.54 -0.92 20.06
N THR D 383 23.20 -0.37 19.06
CA THR D 383 22.55 0.17 17.88
C THR D 383 23.13 -0.50 16.64
N GLY D 384 22.44 -0.35 15.52
CA GLY D 384 22.88 -0.97 14.30
C GLY D 384 21.81 -1.76 13.63
N GLN D 385 20.56 -1.58 14.06
CA GLN D 385 19.37 -2.17 13.43
C GLN D 385 19.50 -3.69 13.33
N LEU D 386 19.58 -4.33 14.49
CA LEU D 386 19.92 -5.74 14.59
C LEU D 386 18.68 -6.63 14.43
N GLY D 387 18.91 -7.94 14.52
CA GLY D 387 17.87 -8.91 14.71
C GLY D 387 18.05 -9.61 16.05
N GLU D 388 17.16 -10.56 16.32
CA GLU D 388 17.20 -11.23 17.61
C GLU D 388 18.46 -12.06 17.77
N VAL D 389 18.86 -12.77 16.71
CA VAL D 389 20.08 -13.56 16.79
C VAL D 389 21.30 -12.67 17.01
N MET D 390 21.30 -11.48 16.39
CA MET D 390 22.43 -10.59 16.57
C MET D 390 22.45 -9.98 17.95
N LYS D 391 21.27 -9.67 18.51
CA LYS D 391 21.25 -9.15 19.87
C LYS D 391 21.72 -10.20 20.87
N GLU D 392 21.36 -11.46 20.65
CA GLU D 392 21.84 -12.49 21.56
C GLU D 392 23.34 -12.74 21.37
N SER D 393 23.85 -12.62 20.15
CA SER D 393 25.28 -12.75 19.95
C SER D 393 26.03 -11.60 20.60
N ALA D 394 25.43 -10.41 20.61
CA ALA D 394 26.03 -9.29 21.31
C ALA D 394 26.06 -9.54 22.81
N ARG D 395 24.98 -10.10 23.37
CA ARG D 395 25.00 -10.42 24.80
C ARG D 395 26.03 -11.48 25.12
N ILE D 396 26.21 -12.46 24.23
CA ILE D 396 27.23 -13.47 24.45
C ILE D 396 28.62 -12.87 24.44
N ALA D 397 28.88 -11.98 23.47
CA ALA D 397 30.18 -11.31 23.43
C ALA D 397 30.39 -10.42 24.64
N TYR D 398 29.32 -9.78 25.12
CA TYR D 398 29.42 -8.95 26.32
C TYR D 398 29.81 -9.80 27.52
N THR D 399 29.10 -10.91 27.74
CA THR D 399 29.43 -11.78 28.85
C THR D 399 30.86 -12.27 28.75
N PHE D 400 31.27 -12.72 27.56
CA PHE D 400 32.62 -13.25 27.45
C PHE D 400 33.66 -12.18 27.69
N ALA D 401 33.41 -10.95 27.24
CA ALA D 401 34.38 -9.90 27.47
C ALA D 401 34.49 -9.58 28.94
N ARG D 402 33.35 -9.51 29.64
CA ARG D 402 33.40 -9.30 31.09
C ARG D 402 34.17 -10.42 31.77
N ALA D 403 33.92 -11.67 31.39
CA ALA D 403 34.59 -12.80 32.04
C ALA D 403 36.08 -12.80 31.77
N PHE D 404 36.45 -12.57 30.51
CA PHE D 404 37.86 -12.54 30.15
C PHE D 404 38.58 -11.42 30.88
N LEU D 405 37.97 -10.25 31.00
CA LEU D 405 38.62 -9.19 31.75
C LEU D 405 38.69 -9.54 33.23
N MET D 406 37.71 -10.29 33.74
CA MET D 406 37.76 -10.72 35.13
C MET D 406 38.98 -11.60 35.38
N GLN D 407 39.20 -12.58 34.51
CA GLN D 407 40.30 -13.52 34.73
C GLN D 407 41.60 -13.09 34.07
N HIS D 408 41.67 -11.90 33.48
CA HIS D 408 42.91 -11.40 32.92
C HIS D 408 43.42 -10.15 33.61
N ALA D 409 42.53 -9.28 34.09
CA ALA D 409 42.91 -8.16 34.95
C ALA D 409 41.83 -8.08 36.01
N PRO D 410 41.95 -8.87 37.09
CA PRO D 410 40.87 -8.90 38.08
C PRO D 410 40.66 -7.58 38.79
N ALA D 411 41.66 -6.71 38.78
CA ALA D 411 41.54 -5.40 39.39
C ALA D 411 40.73 -4.42 38.56
N ASN D 412 40.51 -4.71 37.28
CA ASN D 412 39.80 -3.80 36.39
C ASN D 412 38.30 -4.00 36.55
N ASP D 413 37.57 -2.92 36.74
CA ASP D 413 36.14 -2.98 36.96
C ASP D 413 35.36 -2.35 35.81
N TYR D 414 36.03 -1.99 34.73
CA TYR D 414 35.39 -1.20 33.69
C TYR D 414 34.17 -1.92 33.13
N LEU D 415 34.37 -3.05 32.47
CA LEU D 415 33.27 -3.68 31.76
C LEU D 415 32.12 -4.05 32.69
N VAL D 416 32.42 -4.42 33.94
CA VAL D 416 31.38 -4.96 34.81
C VAL D 416 30.52 -3.85 35.41
N THR D 417 31.12 -2.77 35.89
CA THR D 417 30.34 -1.66 36.43
C THR D 417 30.58 -0.43 35.58
N SER D 418 29.87 -0.34 34.47
CA SER D 418 29.97 0.77 33.55
C SER D 418 28.93 0.58 32.46
N HIS D 419 28.43 1.69 31.95
CA HIS D 419 27.34 1.67 30.97
C HIS D 419 27.91 2.02 29.61
N ILE D 420 27.91 1.06 28.71
CA ILE D 420 28.57 1.18 27.42
C ILE D 420 27.50 1.35 26.35
N HIS D 421 27.94 1.80 25.18
CA HIS D 421 27.10 1.88 24.00
C HIS D 421 27.87 1.26 22.85
N LEU D 422 27.40 0.13 22.35
CA LEU D 422 28.02 -0.55 21.22
C LEU D 422 27.27 -0.22 19.96
N HIS D 423 27.99 -0.06 18.86
CA HIS D 423 27.38 0.18 17.56
C HIS D 423 28.04 -0.70 16.54
N VAL D 424 27.31 -1.69 16.04
CA VAL D 424 27.74 -2.48 14.89
C VAL D 424 27.11 -1.88 13.64
N PRO D 425 27.90 -1.41 12.69
CA PRO D 425 27.33 -0.77 11.51
C PRO D 425 26.42 -1.73 10.76
N GLU D 426 25.41 -1.16 10.09
CA GLU D 426 24.31 -1.96 9.54
C GLU D 426 24.62 -2.37 8.11
N GLY D 427 25.63 -3.21 7.97
CA GLY D 427 26.03 -3.63 6.64
C GLY D 427 25.89 -5.10 6.32
N ALA D 428 26.11 -5.97 7.30
CA ALA D 428 26.22 -7.39 7.02
C ALA D 428 24.88 -7.96 6.56
N THR D 429 24.89 -9.25 6.25
CA THR D 429 23.69 -9.99 5.91
C THR D 429 23.09 -10.58 7.19
N PRO D 430 21.88 -11.15 7.10
CA PRO D 430 21.32 -11.76 8.31
C PRO D 430 22.06 -13.00 8.76
N LYS D 431 22.52 -13.84 7.83
CA LYS D 431 23.19 -15.07 8.22
C LYS D 431 24.59 -14.83 8.72
N ASP D 432 25.26 -13.80 8.21
CA ASP D 432 26.63 -13.49 8.59
C ASP D 432 26.70 -12.52 9.76
N GLY D 433 25.55 -12.09 10.26
CA GLY D 433 25.49 -11.18 11.39
C GLY D 433 26.35 -11.59 12.55
N PRO D 434 26.18 -12.81 13.05
CA PRO D 434 27.04 -13.27 14.15
C PRO D 434 28.41 -13.70 13.67
N SER D 435 28.99 -12.94 12.75
CA SER D 435 30.40 -13.06 12.44
C SER D 435 31.17 -11.84 12.91
N ALA D 436 30.56 -11.05 13.77
CA ALA D 436 31.18 -9.89 14.37
C ALA D 436 31.46 -10.08 15.84
N GLY D 437 31.39 -11.32 16.33
CA GLY D 437 31.56 -11.54 17.76
C GLY D 437 32.95 -11.20 18.24
N CYS D 438 33.97 -11.64 17.52
CA CYS D 438 35.33 -11.35 17.98
C CYS D 438 35.67 -9.88 17.80
N THR D 439 35.08 -9.22 16.81
CA THR D 439 35.23 -7.77 16.71
C THR D 439 34.57 -7.07 17.89
N ILE D 440 33.39 -7.54 18.31
CA ILE D 440 32.73 -6.93 19.45
C ILE D 440 33.54 -7.13 20.72
N VAL D 441 34.10 -8.32 20.90
CA VAL D 441 34.90 -8.58 22.09
C VAL D 441 36.16 -7.74 22.08
N THR D 442 36.83 -7.67 20.93
CA THR D 442 38.02 -6.83 20.82
C THR D 442 37.70 -5.38 21.10
N ALA D 443 36.57 -4.89 20.62
CA ALA D 443 36.23 -3.49 20.84
C ALA D 443 35.92 -3.22 22.30
N LEU D 444 35.14 -4.10 22.93
CA LEU D 444 34.84 -3.91 24.35
C LEU D 444 36.11 -3.94 25.19
N LEU D 445 36.99 -4.91 24.93
CA LEU D 445 38.21 -5.00 25.72
C LEU D 445 39.16 -3.85 25.43
N SER D 446 39.20 -3.39 24.18
CA SER D 446 40.03 -2.23 23.86
C SER D 446 39.56 -1.01 24.62
N LEU D 447 38.25 -0.79 24.64
CA LEU D 447 37.72 0.36 25.39
C LEU D 447 38.00 0.21 26.87
N ALA D 448 37.79 -0.99 27.42
CA ALA D 448 37.98 -1.17 28.86
C ALA D 448 39.42 -0.97 29.27
N MET D 449 40.35 -1.69 28.62
CA MET D 449 41.76 -1.50 28.92
C MET D 449 42.21 -0.08 28.66
N GLY D 450 41.69 0.54 27.61
CA GLY D 450 41.99 1.92 27.31
C GLY D 450 43.06 2.14 26.27
N ARG D 451 43.27 1.20 25.36
CA ARG D 451 44.34 1.32 24.38
C ARG D 451 43.90 0.71 23.05
N PRO D 452 44.34 1.29 21.94
CA PRO D 452 43.87 0.82 20.63
C PRO D 452 44.40 -0.57 20.30
N VAL D 453 43.88 -1.09 19.20
CA VAL D 453 44.31 -2.38 18.65
C VAL D 453 45.43 -2.12 17.67
N ARG D 454 46.12 -3.20 17.26
CA ARG D 454 47.11 -3.10 16.20
C ARG D 454 46.56 -2.31 15.03
N GLN D 455 47.45 -1.60 14.33
CA GLN D 455 47.01 -0.57 13.39
C GLN D 455 46.18 -1.12 12.24
N ASN D 456 46.78 -1.87 11.33
CA ASN D 456 46.07 -2.33 10.15
C ASN D 456 45.61 -3.77 10.30
N LEU D 457 44.81 -4.02 11.34
CA LEU D 457 44.40 -5.36 11.72
C LEU D 457 42.90 -5.52 11.54
N ALA D 458 42.49 -6.52 10.78
CA ALA D 458 41.08 -6.81 10.60
C ALA D 458 40.80 -8.25 11.00
N MET D 459 39.64 -8.49 11.60
CA MET D 459 39.32 -9.82 12.11
C MET D 459 37.87 -10.17 11.84
N THR D 460 37.57 -11.45 12.02
CA THR D 460 36.22 -11.98 11.87
C THR D 460 36.16 -13.30 12.62
N GLY D 461 34.95 -13.82 12.79
CA GLY D 461 34.80 -15.08 13.49
C GLY D 461 33.79 -15.06 14.62
N GLU D 462 33.09 -16.17 14.82
CA GLU D 462 32.03 -16.21 15.82
C GLU D 462 32.61 -16.57 17.19
N VAL D 463 31.93 -16.14 18.25
CA VAL D 463 32.42 -16.38 19.61
C VAL D 463 31.28 -16.90 20.47
N SER D 464 31.60 -17.88 21.32
CA SER D 464 30.69 -18.43 22.31
C SER D 464 31.17 -18.10 23.71
N LEU D 465 30.30 -18.35 24.69
CA LEU D 465 30.55 -17.92 26.07
C LEU D 465 31.95 -18.26 26.55
N THR D 466 32.40 -19.49 26.29
CA THR D 466 33.73 -19.89 26.71
C THR D 466 34.81 -19.38 25.77
N GLY D 467 34.47 -18.53 24.82
CA GLY D 467 35.47 -17.90 24.00
C GLY D 467 36.02 -18.77 22.89
N LYS D 468 35.19 -19.65 22.34
CA LYS D 468 35.60 -20.55 21.27
C LYS D 468 35.27 -19.88 19.94
N ILE D 469 36.29 -19.68 19.10
CA ILE D 469 36.06 -19.09 17.79
C ILE D 469 35.46 -20.14 16.87
N LEU D 470 34.36 -19.81 16.26
CA LEU D 470 33.58 -20.63 15.36
C LEU D 470 33.69 -20.09 13.93
N PRO D 471 33.71 -20.99 12.94
CA PRO D 471 34.00 -20.57 11.57
C PRO D 471 32.85 -19.82 10.91
N VAL D 472 33.22 -19.03 9.91
CA VAL D 472 32.27 -18.15 9.23
C VAL D 472 32.27 -18.47 7.74
N GLY D 473 31.48 -17.71 6.98
CA GLY D 473 31.43 -17.85 5.54
C GLY D 473 31.82 -16.56 4.84
N GLY D 474 31.94 -16.64 3.54
CA GLY D 474 32.32 -15.48 2.75
C GLY D 474 33.77 -15.08 2.92
N ILE D 475 34.66 -16.05 3.03
CA ILE D 475 36.07 -15.73 3.25
C ILE D 475 36.67 -15.05 2.04
N LYS D 476 36.27 -15.46 0.83
CA LYS D 476 36.84 -14.83 -0.36
C LYS D 476 36.44 -13.36 -0.43
N GLU D 477 35.17 -13.05 -0.20
CA GLU D 477 34.71 -11.67 -0.28
C GLU D 477 35.27 -10.83 0.85
N LYS D 478 35.35 -11.39 2.06
CA LYS D 478 35.96 -10.63 3.15
C LYS D 478 37.43 -10.36 2.87
N THR D 479 38.13 -11.32 2.26
CA THR D 479 39.55 -11.12 1.97
C THR D 479 39.74 -10.07 0.89
N ILE D 480 38.90 -10.11 -0.14
CA ILE D 480 38.95 -9.08 -1.17
C ILE D 480 38.72 -7.71 -0.58
N ALA D 481 37.71 -7.58 0.29
CA ALA D 481 37.45 -6.32 0.95
C ALA D 481 38.64 -5.87 1.77
N ALA D 482 39.17 -6.76 2.61
CA ALA D 482 40.33 -6.42 3.42
C ALA D 482 41.49 -5.96 2.58
N LYS D 483 41.63 -6.51 1.38
CA LYS D 483 42.67 -6.04 0.47
C LYS D 483 42.35 -4.63 -0.01
N ARG D 484 41.09 -4.37 -0.35
CA ARG D 484 40.71 -3.06 -0.88
C ARG D 484 40.90 -1.95 0.13
N ALA D 485 40.67 -2.23 1.40
CA ALA D 485 40.76 -1.24 2.46
C ALA D 485 42.17 -1.09 3.00
N GLY D 486 43.17 -1.65 2.34
CA GLY D 486 44.53 -1.51 2.79
C GLY D 486 44.82 -2.15 4.12
N VAL D 487 44.29 -3.32 4.36
CA VAL D 487 44.57 -4.07 5.57
C VAL D 487 45.73 -5.01 5.31
N THR D 488 46.63 -5.14 6.27
CA THR D 488 47.79 -5.99 6.18
C THR D 488 47.64 -7.29 6.97
N CYS D 489 47.19 -7.21 8.22
CA CYS D 489 47.03 -8.40 9.05
C CYS D 489 45.56 -8.77 9.13
N ILE D 490 45.27 -10.05 8.97
CA ILE D 490 43.90 -10.55 8.96
C ILE D 490 43.84 -11.76 9.86
N VAL D 491 42.83 -11.82 10.72
CA VAL D 491 42.68 -12.88 11.71
C VAL D 491 41.41 -13.66 11.40
N LEU D 492 41.53 -14.97 11.29
CA LEU D 492 40.43 -15.82 10.89
C LEU D 492 40.25 -16.98 11.83
N PRO D 493 39.08 -17.61 11.83
CA PRO D 493 38.93 -18.88 12.52
C PRO D 493 39.86 -19.93 11.93
N ALA D 494 40.29 -20.86 12.79
CA ALA D 494 41.21 -21.91 12.35
C ALA D 494 40.55 -22.94 11.47
N GLU D 495 39.24 -22.88 11.27
CA GLU D 495 38.53 -23.81 10.41
C GLU D 495 38.20 -23.19 9.06
N ASN D 496 38.93 -22.17 8.64
CA ASN D 496 38.71 -21.57 7.34
C ASN D 496 39.91 -21.70 6.42
N LYS D 497 41.01 -22.28 6.89
CA LYS D 497 42.17 -22.48 6.03
C LYS D 497 41.85 -23.26 4.77
N LYS D 498 40.70 -23.93 4.71
CA LYS D 498 40.33 -24.63 3.49
C LYS D 498 40.06 -23.65 2.36
N ASP D 499 39.39 -22.54 2.66
CA ASP D 499 38.97 -21.62 1.62
C ASP D 499 39.78 -20.33 1.60
N PHE D 500 40.73 -20.17 2.52
CA PHE D 500 41.69 -19.09 2.41
C PHE D 500 42.93 -19.51 1.64
N TYR D 501 43.29 -20.78 1.69
CA TYR D 501 44.48 -21.26 1.02
C TYR D 501 44.21 -21.78 -0.39
N ASP D 502 42.96 -21.95 -0.78
CA ASP D 502 42.69 -22.19 -2.18
C ASP D 502 42.52 -20.89 -2.96
N LEU D 503 42.83 -19.75 -2.35
CA LEU D 503 42.66 -18.48 -3.02
C LEU D 503 43.85 -18.18 -3.92
N ALA D 504 43.58 -17.46 -5.01
CA ALA D 504 44.63 -17.12 -5.96
C ALA D 504 45.75 -16.36 -5.28
N ALA D 505 46.94 -16.42 -5.87
CA ALA D 505 48.09 -15.73 -5.30
C ALA D 505 47.96 -14.22 -5.40
N PHE D 506 47.13 -13.72 -6.32
CA PHE D 506 46.77 -12.31 -6.31
C PHE D 506 46.31 -11.88 -4.93
N ILE D 507 45.33 -12.59 -4.40
CA ILE D 507 44.55 -12.10 -3.26
C ILE D 507 45.32 -12.25 -1.97
N THR D 508 45.91 -13.42 -1.74
CA THR D 508 46.53 -13.75 -0.47
C THR D 508 47.97 -13.28 -0.37
N GLU D 509 48.37 -12.27 -1.15
CA GLU D 509 49.77 -11.93 -1.26
C GLU D 509 50.26 -11.07 -0.10
N GLY D 510 49.72 -9.86 0.03
CA GLY D 510 50.29 -8.89 0.95
C GLY D 510 49.84 -9.03 2.38
N LEU D 511 49.12 -10.11 2.69
CA LEU D 511 48.42 -10.27 3.95
C LEU D 511 49.14 -11.27 4.83
N GLU D 512 49.45 -10.88 6.06
CA GLU D 512 49.80 -11.87 7.08
C GLU D 512 48.51 -12.31 7.75
N VAL D 513 48.32 -13.62 7.84
CA VAL D 513 47.04 -14.19 8.21
C VAL D 513 47.24 -15.10 9.40
N HIS D 514 46.44 -14.88 10.44
CA HIS D 514 46.55 -15.61 11.69
C HIS D 514 45.28 -16.41 11.89
N PHE D 515 45.39 -17.72 11.88
CA PHE D 515 44.26 -18.58 12.19
C PHE D 515 44.26 -18.86 13.67
N VAL D 516 43.08 -18.80 14.29
CA VAL D 516 42.98 -18.96 15.73
C VAL D 516 41.83 -19.89 16.06
N GLU D 517 41.91 -20.53 17.23
CA GLU D 517 40.84 -21.38 17.73
C GLU D 517 40.10 -20.78 18.91
N HIS D 518 40.79 -20.00 19.75
CA HIS D 518 40.18 -19.41 20.92
C HIS D 518 40.44 -17.90 20.88
N TYR D 519 39.79 -17.16 21.78
CA TYR D 519 39.97 -15.73 21.78
C TYR D 519 41.28 -15.29 22.41
N ARG D 520 41.89 -16.12 23.25
CA ARG D 520 43.14 -15.71 23.86
C ARG D 520 44.21 -15.40 22.82
N GLU D 521 44.18 -16.11 21.69
CA GLU D 521 45.14 -15.81 20.64
C GLU D 521 44.81 -14.51 19.94
N ILE D 522 43.53 -14.23 19.71
CA ILE D 522 43.16 -12.95 19.13
C ILE D 522 43.59 -11.81 20.03
N PHE D 523 43.48 -11.99 21.34
CA PHE D 523 43.99 -11.01 22.27
C PHE D 523 45.48 -10.82 22.09
N ASP D 524 46.22 -11.92 22.09
CA ASP D 524 47.68 -11.84 22.00
C ASP D 524 48.14 -11.26 20.68
N ILE D 525 47.27 -11.26 19.67
CA ILE D 525 47.61 -10.63 18.39
C ILE D 525 47.25 -9.16 18.38
N ALA D 526 46.05 -8.83 18.86
CA ALA D 526 45.57 -7.46 18.82
C ALA D 526 46.29 -6.55 19.80
N PHE D 527 46.90 -7.10 20.85
CA PHE D 527 47.65 -6.27 21.77
C PHE D 527 49.04 -6.84 22.03
N PHE E 1 -18.48 -38.24 -25.11
CA PHE E 1 -18.63 -39.24 -26.16
C PHE E 1 -18.87 -40.62 -25.57
N ARG E 2 -19.90 -41.30 -26.10
CA ARG E 2 -20.26 -42.63 -25.60
C ARG E 2 -19.13 -43.64 -25.75
N GLU E 3 -18.13 -43.35 -26.59
CA GLU E 3 -17.01 -44.27 -26.79
C GLU E 3 -16.39 -44.72 -25.47
N ARG E 4 -16.25 -43.78 -24.52
CA ARG E 4 -15.63 -44.12 -23.25
C ARG E 4 -16.64 -44.72 -22.28
N LEU E 5 -17.75 -44.02 -22.05
CA LEU E 5 -18.66 -44.35 -20.97
C LEU E 5 -19.54 -45.56 -21.26
N LYS E 6 -19.81 -45.85 -22.52
CA LYS E 6 -20.65 -47.01 -22.84
C LYS E 6 -19.79 -48.25 -23.04
N GLU E 7 -18.48 -48.09 -23.18
CA GLU E 7 -17.58 -49.22 -23.28
C GLU E 7 -17.01 -49.64 -21.92
N LEU E 8 -16.59 -48.67 -21.11
CA LEU E 8 -16.11 -48.94 -19.76
C LEU E 8 -17.20 -48.57 -18.76
N VAL E 9 -17.09 -49.13 -17.56
CA VAL E 9 -18.18 -49.07 -16.59
C VAL E 9 -18.28 -47.67 -16.00
N VAL E 10 -19.51 -47.27 -15.68
CA VAL E 10 -19.76 -46.06 -14.89
C VAL E 10 -20.93 -46.36 -13.96
N PRO E 11 -20.88 -45.92 -12.69
CA PRO E 11 -22.02 -46.12 -11.80
C PRO E 11 -23.29 -45.45 -12.29
N LYS E 12 -24.42 -45.73 -11.62
CA LYS E 12 -25.71 -45.30 -12.13
C LYS E 12 -25.87 -43.78 -12.03
N HIS E 13 -25.43 -43.20 -10.91
CA HIS E 13 -25.52 -41.75 -10.74
C HIS E 13 -24.78 -41.02 -11.84
N VAL E 14 -23.49 -41.32 -12.01
CA VAL E 14 -22.71 -40.64 -13.04
C VAL E 14 -23.21 -41.01 -14.43
N MET E 15 -23.82 -42.19 -14.58
CA MET E 15 -24.44 -42.52 -15.86
C MET E 15 -25.52 -41.51 -16.20
N ASP E 16 -26.45 -41.28 -15.27
CA ASP E 16 -27.50 -40.29 -15.49
C ASP E 16 -26.90 -38.90 -15.68
N VAL E 17 -25.85 -38.58 -14.92
CA VAL E 17 -25.22 -37.26 -15.02
C VAL E 17 -24.66 -37.04 -16.42
N VAL E 18 -23.87 -38.00 -16.91
CA VAL E 18 -23.30 -37.89 -18.25
C VAL E 18 -24.39 -37.87 -19.32
N ASP E 19 -25.44 -38.68 -19.16
CA ASP E 19 -26.50 -38.72 -20.17
C ASP E 19 -27.23 -37.39 -20.26
N GLU E 20 -27.58 -36.81 -19.10
CA GLU E 20 -28.22 -35.51 -19.11
C GLU E 20 -27.30 -34.43 -19.65
N GLU E 21 -26.02 -34.47 -19.28
CA GLU E 21 -25.06 -33.51 -19.83
C GLU E 21 -24.91 -33.68 -21.33
N LEU E 22 -25.08 -34.91 -21.83
CA LEU E 22 -24.99 -35.17 -23.25
C LEU E 22 -26.18 -34.56 -23.98
N SER E 23 -27.38 -34.73 -23.42
CA SER E 23 -28.55 -34.03 -23.96
C SER E 23 -28.33 -32.52 -23.91
N LYS E 24 -27.68 -32.04 -22.85
CA LYS E 24 -27.43 -30.61 -22.70
C LYS E 24 -26.53 -30.09 -23.81
N LEU E 25 -25.43 -30.79 -24.08
CA LEU E 25 -24.51 -30.37 -25.14
C LEU E 25 -25.07 -30.65 -26.52
N GLY E 26 -26.04 -31.56 -26.65
CA GLY E 26 -26.70 -31.74 -27.92
C GLY E 26 -27.72 -30.66 -28.23
N LEU E 27 -28.32 -30.08 -27.19
CA LEU E 27 -29.20 -28.92 -27.37
C LEU E 27 -28.49 -27.60 -27.10
N LEU E 28 -27.18 -27.62 -26.86
CA LEU E 28 -26.42 -26.44 -26.48
C LEU E 28 -26.30 -25.47 -27.64
N ASP E 29 -25.80 -24.28 -27.34
CA ASP E 29 -25.52 -23.29 -28.37
C ASP E 29 -24.15 -23.56 -28.98
N ASN E 30 -24.12 -23.91 -30.26
CA ASN E 30 -22.88 -24.29 -30.92
C ASN E 30 -21.93 -23.09 -30.99
N HIS E 31 -20.65 -23.38 -30.78
CA HIS E 31 -19.61 -22.35 -30.73
C HIS E 31 -19.95 -21.27 -29.71
N SER E 32 -20.11 -21.69 -28.46
CA SER E 32 -20.42 -20.79 -27.37
C SER E 32 -19.58 -21.14 -26.16
N SER E 33 -19.86 -20.48 -25.04
CA SER E 33 -19.09 -20.70 -23.82
C SER E 33 -19.58 -21.94 -23.07
N GLU E 34 -20.89 -22.08 -22.89
CA GLU E 34 -21.44 -23.22 -22.17
C GLU E 34 -21.21 -24.52 -22.93
N PHE E 35 -21.24 -24.49 -24.26
CA PHE E 35 -20.99 -25.70 -25.04
C PHE E 35 -19.57 -26.21 -24.80
N ASN E 36 -18.59 -25.31 -24.80
CA ASN E 36 -17.21 -25.73 -24.57
C ASN E 36 -17.00 -26.16 -23.13
N VAL E 37 -17.63 -25.46 -22.18
CA VAL E 37 -17.53 -25.86 -20.78
C VAL E 37 -18.08 -27.26 -20.58
N THR E 38 -19.23 -27.55 -21.20
CA THR E 38 -19.80 -28.88 -21.11
C THR E 38 -18.91 -29.90 -21.80
N ARG E 39 -18.26 -29.51 -22.90
CA ARG E 39 -17.36 -30.43 -23.59
C ARG E 39 -16.20 -30.84 -22.69
N ASN E 40 -15.56 -29.87 -22.05
CA ASN E 40 -14.44 -30.20 -21.14
C ASN E 40 -14.92 -31.02 -19.96
N TYR E 41 -16.07 -30.65 -19.39
CA TYR E 41 -16.65 -31.41 -18.29
C TYR E 41 -16.87 -32.87 -18.68
N LEU E 42 -17.61 -33.10 -19.77
CA LEU E 42 -17.91 -34.45 -20.20
C LEU E 42 -16.65 -35.22 -20.58
N ASP E 43 -15.63 -34.53 -21.10
CA ASP E 43 -14.36 -35.18 -21.36
C ASP E 43 -13.78 -35.73 -20.07
N TRP E 44 -13.69 -34.89 -19.04
CA TRP E 44 -13.15 -35.36 -17.75
C TRP E 44 -14.00 -36.48 -17.17
N LEU E 45 -15.33 -36.38 -17.32
CA LEU E 45 -16.23 -37.40 -16.80
C LEU E 45 -15.97 -38.75 -17.45
N THR E 46 -16.17 -38.83 -18.76
CA THR E 46 -15.91 -40.08 -19.49
C THR E 46 -14.48 -40.56 -19.28
N SER E 47 -13.55 -39.64 -19.00
CA SER E 47 -12.17 -40.06 -18.76
C SER E 47 -12.05 -40.80 -17.44
N ILE E 48 -12.64 -40.24 -16.38
CA ILE E 48 -12.43 -40.76 -15.03
C ILE E 48 -13.02 -42.16 -14.87
N PRO E 49 -12.19 -43.20 -14.80
CA PRO E 49 -12.73 -44.54 -14.55
C PRO E 49 -13.17 -44.66 -13.10
N TRP E 50 -14.33 -45.26 -12.90
CA TRP E 50 -14.88 -45.47 -11.56
C TRP E 50 -14.90 -46.94 -11.16
N GLY E 51 -15.46 -47.79 -12.00
CA GLY E 51 -15.42 -49.22 -11.74
C GLY E 51 -14.09 -49.83 -12.15
N LYS E 52 -13.52 -49.32 -13.23
CA LYS E 52 -12.26 -49.84 -13.76
C LYS E 52 -11.13 -49.65 -12.76
N TYR E 53 -10.65 -50.76 -12.20
CA TYR E 53 -9.51 -50.77 -11.29
C TYR E 53 -8.26 -51.21 -12.03
N SER E 54 -7.11 -50.77 -11.54
CA SER E 54 -5.87 -51.46 -11.85
C SER E 54 -5.64 -52.53 -10.78
N ASN E 55 -5.24 -53.72 -11.24
CA ASN E 55 -5.13 -54.86 -10.35
C ASN E 55 -4.04 -54.63 -9.31
N GLU E 56 -4.45 -54.55 -8.04
CA GLU E 56 -3.50 -54.49 -6.95
C GLU E 56 -2.83 -55.85 -6.77
N ASN E 57 -1.69 -55.84 -6.08
CA ASN E 57 -0.89 -57.04 -5.89
C ASN E 57 -1.36 -57.80 -4.67
N LEU E 58 -1.77 -59.06 -4.87
CA LEU E 58 -2.10 -59.95 -3.77
C LEU E 58 -0.94 -60.86 -3.40
N ASP E 59 0.27 -60.55 -3.87
CA ASP E 59 1.46 -61.34 -3.59
C ASP E 59 2.31 -60.58 -2.59
N LEU E 60 2.12 -60.90 -1.30
CA LEU E 60 2.89 -60.24 -0.25
C LEU E 60 4.34 -60.66 -0.25
N ALA E 61 4.64 -61.91 -0.62
CA ALA E 61 6.03 -62.33 -0.77
C ALA E 61 6.71 -61.56 -1.90
N ARG E 62 6.02 -61.41 -3.03
CA ARG E 62 6.55 -60.60 -4.12
C ARG E 62 6.76 -59.15 -3.69
N ALA E 63 5.85 -58.63 -2.86
CA ALA E 63 6.00 -57.25 -2.41
C ALA E 63 7.20 -57.10 -1.48
N GLN E 64 7.35 -58.01 -0.52
CA GLN E 64 8.50 -57.96 0.39
C GLN E 64 9.77 -58.48 -0.26
N ALA E 65 9.70 -58.90 -1.53
CA ALA E 65 10.91 -59.13 -2.31
C ALA E 65 11.26 -57.95 -3.21
N VAL E 66 10.27 -57.20 -3.67
CA VAL E 66 10.55 -56.01 -4.46
C VAL E 66 11.03 -54.88 -3.56
N LEU E 67 10.51 -54.79 -2.34
CA LEU E 67 10.96 -53.76 -1.43
C LEU E 67 12.34 -54.04 -0.85
N GLU E 68 12.93 -55.19 -1.14
CA GLU E 68 14.33 -55.39 -0.80
C GLU E 68 15.22 -54.73 -1.84
N GLU E 69 15.08 -55.13 -3.10
CA GLU E 69 15.89 -54.54 -4.16
C GLU E 69 15.56 -53.08 -4.42
N ASP E 70 14.44 -52.58 -3.92
CA ASP E 70 14.09 -51.18 -4.13
C ASP E 70 14.83 -50.24 -3.19
N HIS E 71 15.30 -50.71 -2.04
CA HIS E 71 15.85 -49.80 -1.04
C HIS E 71 16.94 -50.49 -0.25
N TYR E 72 17.29 -49.93 0.90
CA TYR E 72 18.26 -50.51 1.81
C TYR E 72 17.85 -50.25 3.24
N GLY E 73 18.20 -51.18 4.12
CA GLY E 73 18.08 -50.97 5.55
C GLY E 73 16.68 -50.56 5.97
N MET E 74 16.60 -49.78 7.05
CA MET E 74 15.35 -49.44 7.69
C MET E 74 14.54 -50.71 7.95
N GLU E 75 15.12 -51.58 8.77
CA GLU E 75 14.46 -52.83 9.12
C GLU E 75 13.12 -52.57 9.82
N ASP E 76 13.08 -51.57 10.70
CA ASP E 76 11.84 -51.26 11.39
C ASP E 76 10.77 -50.74 10.43
N VAL E 77 11.17 -49.89 9.47
CA VAL E 77 10.18 -49.36 8.54
C VAL E 77 9.71 -50.45 7.59
N LYS E 78 10.62 -51.31 7.16
CA LYS E 78 10.22 -52.46 6.35
C LYS E 78 9.28 -53.37 7.13
N LYS E 79 9.51 -53.52 8.44
CA LYS E 79 8.62 -54.33 9.27
C LYS E 79 7.24 -53.72 9.34
N ARG E 80 7.16 -52.41 9.59
CA ARG E 80 5.88 -51.72 9.63
C ARG E 80 5.14 -51.89 8.31
N ILE E 81 5.85 -51.71 7.19
CA ILE E 81 5.19 -51.82 5.89
C ILE E 81 4.72 -53.25 5.64
N LEU E 82 5.58 -54.24 5.90
CA LEU E 82 5.22 -55.61 5.58
C LEU E 82 4.10 -56.11 6.48
N GLU E 83 4.03 -55.64 7.73
CA GLU E 83 2.92 -56.02 8.59
C GLU E 83 1.63 -55.31 8.18
N PHE E 84 1.72 -54.02 7.81
CA PHE E 84 0.57 -53.33 7.24
C PHE E 84 0.01 -54.10 6.05
N ILE E 85 0.90 -54.62 5.20
CA ILE E 85 0.45 -55.28 3.99
C ILE E 85 0.03 -56.73 4.23
N ALA E 86 0.64 -57.42 5.19
CA ALA E 86 0.14 -58.73 5.58
C ALA E 86 -1.28 -58.61 6.13
N VAL E 87 -1.54 -57.56 6.91
CA VAL E 87 -2.91 -57.28 7.36
C VAL E 87 -3.82 -57.03 6.17
N SER E 88 -3.43 -56.10 5.29
CA SER E 88 -4.28 -55.77 4.15
C SER E 88 -4.44 -56.93 3.17
N GLN E 89 -3.60 -57.96 3.26
CA GLN E 89 -3.67 -59.10 2.36
C GLN E 89 -4.46 -60.27 2.93
N LEU E 90 -4.32 -60.54 4.23
CA LEU E 90 -5.09 -61.61 4.85
C LEU E 90 -6.56 -61.26 5.00
N ARG E 91 -7.00 -60.13 4.49
CA ARG E 91 -8.40 -59.74 4.49
C ARG E 91 -8.97 -59.86 3.08
N GLY E 92 -10.26 -60.12 2.99
CA GLY E 92 -10.94 -60.26 1.72
C GLY E 92 -10.86 -59.02 0.83
N CYS E 100 1.42 -41.75 7.26
CA CYS E 100 2.24 -40.59 7.54
C CYS E 100 3.68 -41.00 7.78
N PHE E 101 4.59 -40.28 7.14
CA PHE E 101 6.02 -40.54 7.27
C PHE E 101 6.75 -39.25 7.60
N TYR E 102 7.65 -39.35 8.57
CA TYR E 102 8.43 -38.20 9.01
C TYR E 102 9.89 -38.60 9.09
N GLY E 103 10.76 -37.61 9.07
CA GLY E 103 12.16 -37.84 9.26
C GLY E 103 13.04 -36.72 8.74
N PRO E 104 14.35 -36.88 8.93
CA PRO E 104 15.29 -35.92 8.37
C PRO E 104 15.18 -35.89 6.86
N PRO E 105 15.44 -34.75 6.24
CA PRO E 105 15.26 -34.65 4.79
C PRO E 105 16.26 -35.52 4.06
N GLY E 106 15.93 -35.81 2.80
CA GLY E 106 16.81 -36.58 1.95
C GLY E 106 17.23 -37.90 2.56
N VAL E 107 16.26 -38.71 2.99
CA VAL E 107 16.54 -39.97 3.67
C VAL E 107 15.80 -41.14 3.05
N GLY E 108 14.82 -40.89 2.18
CA GLY E 108 14.10 -41.96 1.51
C GLY E 108 12.60 -41.82 1.55
N LYS E 109 12.08 -40.71 2.07
CA LYS E 109 10.64 -40.62 2.32
C LYS E 109 9.83 -40.75 1.04
N THR E 110 10.24 -40.07 -0.02
CA THR E 110 9.50 -40.19 -1.28
C THR E 110 9.92 -41.42 -2.08
N SER E 111 11.14 -41.90 -1.89
CA SER E 111 11.57 -43.07 -2.64
C SER E 111 10.85 -44.32 -2.17
N ILE E 112 10.61 -44.45 -0.87
CA ILE E 112 9.84 -45.57 -0.38
C ILE E 112 8.40 -45.47 -0.84
N ALA E 113 7.87 -44.25 -1.01
CA ALA E 113 6.53 -44.12 -1.55
C ALA E 113 6.48 -44.59 -3.00
N ARG E 114 7.51 -44.24 -3.77
CA ARG E 114 7.62 -44.77 -5.13
C ARG E 114 7.62 -46.31 -5.10
N SER E 115 8.52 -46.89 -4.33
CA SER E 115 8.66 -48.34 -4.30
C SER E 115 7.41 -49.03 -3.75
N ILE E 116 6.65 -48.38 -2.88
CA ILE E 116 5.46 -49.03 -2.35
C ILE E 116 4.29 -48.92 -3.33
N ALA E 117 4.20 -47.81 -4.08
CA ALA E 117 3.27 -47.80 -5.20
C ALA E 117 3.66 -48.83 -6.25
N ARG E 118 4.94 -49.16 -6.33
CA ARG E 118 5.37 -50.23 -7.22
C ARG E 118 4.92 -51.58 -6.70
N ALA E 119 5.12 -51.84 -5.41
CA ALA E 119 4.74 -53.13 -4.83
C ALA E 119 3.23 -53.35 -4.88
N LEU E 120 2.46 -52.29 -4.64
CA LEU E 120 1.00 -52.38 -4.70
C LEU E 120 0.48 -52.36 -6.14
N ASN E 121 1.36 -52.25 -7.13
CA ASN E 121 1.03 -52.31 -8.55
C ASN E 121 0.09 -51.20 -8.99
N ARG E 122 -0.23 -50.28 -8.09
CA ARG E 122 -1.07 -49.14 -8.40
C ARG E 122 -0.25 -48.03 -9.02
N GLU E 123 -0.92 -46.98 -9.45
CA GLU E 123 -0.23 -45.84 -10.04
C GLU E 123 0.58 -45.11 -8.97
N TYR E 124 1.27 -44.06 -9.40
CA TYR E 124 2.20 -43.33 -8.53
C TYR E 124 2.18 -41.86 -8.93
N PHE E 125 1.42 -41.06 -8.17
CA PHE E 125 1.46 -39.62 -8.30
C PHE E 125 1.47 -39.00 -6.92
N ARG E 126 2.11 -37.84 -6.81
CA ARG E 126 2.23 -37.13 -5.56
C ARG E 126 2.37 -35.64 -5.85
N PHE E 127 1.80 -34.82 -4.98
CA PHE E 127 1.96 -33.38 -5.08
C PHE E 127 2.52 -32.87 -3.77
N SER E 128 3.22 -31.74 -3.85
CA SER E 128 3.91 -31.15 -2.71
C SER E 128 3.02 -30.07 -2.12
N VAL E 129 2.44 -30.34 -0.95
CA VAL E 129 1.58 -29.38 -0.29
C VAL E 129 2.41 -28.27 0.34
N ASP E 134 -5.53 -21.71 0.06
CA ASP E 134 -6.61 -21.97 -0.89
C ASP E 134 -6.99 -23.45 -0.89
N VAL E 135 -8.07 -23.77 -1.60
CA VAL E 135 -8.54 -25.15 -1.68
C VAL E 135 -8.72 -25.65 -3.11
N ALA E 136 -8.75 -24.76 -4.11
CA ALA E 136 -8.95 -25.16 -5.49
C ALA E 136 -7.71 -25.76 -6.13
N GLU E 137 -6.54 -25.62 -5.51
CA GLU E 137 -5.37 -26.32 -5.98
C GLU E 137 -5.40 -27.80 -5.63
N ILE E 138 -6.42 -28.24 -4.90
CA ILE E 138 -6.62 -29.65 -4.56
C ILE E 138 -7.94 -30.17 -5.10
N LYS E 139 -9.03 -29.44 -4.86
CA LYS E 139 -10.37 -29.89 -5.23
C LYS E 139 -10.97 -29.11 -6.40
N GLY E 140 -10.54 -27.87 -6.61
CA GLY E 140 -11.06 -27.05 -7.69
C GLY E 140 -12.22 -26.17 -7.25
N HIS E 141 -12.50 -25.17 -8.08
CA HIS E 141 -13.55 -24.20 -7.79
C HIS E 141 -14.90 -24.74 -8.23
N ARG E 142 -15.94 -23.96 -7.96
CA ARG E 142 -17.28 -24.29 -8.43
C ARG E 142 -17.39 -24.05 -9.93
N ARG E 143 -18.12 -24.94 -10.61
CA ARG E 143 -18.27 -24.85 -12.06
C ARG E 143 -19.00 -23.60 -12.51
N THR E 144 -19.62 -22.84 -11.58
CA THR E 144 -20.27 -21.60 -11.96
C THR E 144 -19.27 -20.61 -12.56
N TYR E 145 -18.03 -20.63 -12.08
CA TYR E 145 -16.98 -19.81 -12.69
C TYR E 145 -16.53 -20.45 -13.99
N VAL E 146 -16.27 -19.61 -14.99
CA VAL E 146 -15.72 -20.11 -16.25
C VAL E 146 -14.34 -20.69 -16.03
N GLY E 147 -13.48 -19.95 -15.33
CA GLY E 147 -12.20 -20.50 -14.93
C GLY E 147 -12.37 -21.34 -13.69
N ALA E 148 -12.39 -22.66 -13.86
CA ALA E 148 -12.63 -23.58 -12.77
C ALA E 148 -12.21 -24.98 -13.20
N MET E 149 -11.34 -25.60 -12.42
CA MET E 149 -10.85 -26.94 -12.65
C MET E 149 -11.44 -27.89 -11.63
N PRO E 150 -11.43 -29.20 -11.90
CA PRO E 150 -11.76 -30.16 -10.84
C PRO E 150 -10.55 -30.45 -9.97
N GLY E 151 -9.84 -29.39 -9.60
CA GLY E 151 -8.66 -29.51 -8.76
C GLY E 151 -7.61 -30.41 -9.38
N LYS E 152 -7.01 -31.24 -8.53
CA LYS E 152 -6.06 -32.24 -8.99
C LYS E 152 -6.45 -33.65 -8.56
N ILE E 153 -7.50 -33.82 -7.76
CA ILE E 153 -7.89 -35.17 -7.36
C ILE E 153 -8.30 -35.99 -8.58
N ILE E 154 -9.36 -35.58 -9.25
CA ILE E 154 -9.81 -36.29 -10.45
C ILE E 154 -8.86 -36.03 -11.61
N GLN E 155 -8.21 -34.86 -11.64
CA GLN E 155 -7.23 -34.59 -12.70
C GLN E 155 -6.10 -35.61 -12.69
N CYS E 156 -5.54 -35.88 -11.51
CA CYS E 156 -4.47 -36.86 -11.43
C CYS E 156 -5.00 -38.30 -11.40
N LEU E 157 -6.26 -38.51 -11.00
CA LEU E 157 -6.86 -39.81 -11.23
C LEU E 157 -6.86 -40.15 -12.71
N LYS E 158 -7.17 -39.17 -13.56
CA LYS E 158 -7.10 -39.39 -15.00
C LYS E 158 -5.66 -39.46 -15.48
N LYS E 159 -4.78 -38.65 -14.92
CA LYS E 159 -3.35 -38.74 -15.22
C LYS E 159 -2.75 -40.08 -14.83
N THR E 160 -3.45 -40.85 -14.00
CA THR E 160 -3.08 -42.21 -13.66
C THR E 160 -3.82 -43.25 -14.48
N LYS E 161 -5.05 -42.93 -14.92
CA LYS E 161 -5.86 -43.81 -15.77
C LYS E 161 -6.27 -45.07 -15.02
N THR E 162 -6.71 -44.89 -13.78
CA THR E 162 -7.32 -45.97 -13.00
C THR E 162 -8.04 -45.34 -11.82
N GLU E 163 -8.46 -46.20 -10.88
CA GLU E 163 -9.17 -45.75 -9.69
C GLU E 163 -8.25 -45.47 -8.50
N ASN E 164 -7.07 -46.09 -8.45
CA ASN E 164 -6.19 -46.01 -7.30
C ASN E 164 -4.82 -45.46 -7.70
N PRO E 165 -4.53 -44.18 -7.45
CA PRO E 165 -3.24 -43.62 -7.87
C PRO E 165 -2.17 -43.58 -6.79
N LEU E 166 -2.53 -43.93 -5.55
CA LEU E 166 -1.66 -43.84 -4.38
C LEU E 166 -1.17 -42.40 -4.16
N ILE E 167 -2.15 -41.53 -3.87
CA ILE E 167 -1.85 -40.11 -3.66
C ILE E 167 -0.88 -39.96 -2.50
N LEU E 168 0.08 -39.05 -2.66
CA LEU E 168 1.05 -38.75 -1.61
C LEU E 168 1.14 -37.24 -1.41
N ILE E 169 0.80 -36.81 -0.22
CA ILE E 169 0.88 -35.40 0.16
C ILE E 169 2.25 -35.18 0.76
N ASP E 170 3.20 -34.79 -0.08
CA ASP E 170 4.49 -34.29 0.39
C ASP E 170 4.33 -32.86 0.87
N GLU E 171 5.17 -32.48 1.83
CA GLU E 171 5.17 -31.13 2.38
C GLU E 171 3.83 -30.81 3.03
N VAL E 172 3.23 -31.80 3.69
CA VAL E 172 2.01 -31.58 4.45
C VAL E 172 2.23 -30.53 5.53
N ASP E 173 3.46 -30.42 6.03
CA ASP E 173 3.79 -29.37 6.96
C ASP E 173 3.97 -28.02 6.27
N LYS E 174 4.49 -28.01 5.04
CA LYS E 174 4.81 -26.77 4.35
C LYS E 174 3.59 -26.13 3.70
N ILE E 175 2.43 -26.72 3.85
CA ILE E 175 1.17 -26.11 3.44
C ILE E 175 0.67 -25.35 4.67
N GLY E 176 1.09 -24.10 4.79
CA GLY E 176 0.71 -23.27 5.91
C GLY E 176 0.27 -21.87 5.52
N ASP E 182 -8.27 -21.98 3.26
CA ASP E 182 -8.32 -22.85 4.43
C ASP E 182 -7.76 -24.24 4.12
N PRO E 183 -6.45 -24.41 4.26
CA PRO E 183 -5.87 -25.73 3.99
C PRO E 183 -6.20 -26.76 5.06
N SER E 184 -6.22 -26.37 6.33
CA SER E 184 -6.61 -27.30 7.38
C SER E 184 -8.00 -27.85 7.16
N SER E 185 -8.93 -26.99 6.73
CA SER E 185 -10.28 -27.45 6.42
C SER E 185 -10.27 -28.41 5.24
N ALA E 186 -9.46 -28.13 4.22
CA ALA E 186 -9.38 -29.04 3.09
C ALA E 186 -8.87 -30.41 3.53
N LEU E 187 -7.89 -30.43 4.43
CA LEU E 187 -7.34 -31.70 4.90
C LEU E 187 -8.35 -32.45 5.76
N LEU E 188 -9.09 -31.73 6.62
CA LEU E 188 -10.11 -32.38 7.43
C LEU E 188 -11.31 -32.83 6.61
N GLU E 189 -11.49 -32.25 5.43
CA GLU E 189 -12.49 -32.75 4.50
C GLU E 189 -11.96 -33.92 3.68
N LEU E 190 -10.64 -33.99 3.50
CA LEU E 190 -10.05 -35.08 2.73
C LEU E 190 -9.99 -36.36 3.56
N LEU E 191 -9.31 -36.31 4.70
CA LEU E 191 -9.11 -37.51 5.51
C LEU E 191 -10.45 -38.01 6.05
N ASP E 192 -10.84 -39.21 5.62
CA ASP E 192 -12.15 -39.74 5.97
C ASP E 192 -12.06 -41.17 6.47
N ASN E 198 -16.00 -40.52 1.90
CA ASN E 198 -16.70 -39.69 0.93
C ASN E 198 -16.11 -38.27 0.89
N PHE E 199 -16.14 -37.66 -0.30
CA PHE E 199 -15.60 -36.32 -0.47
C PHE E 199 -16.68 -35.26 -0.59
N LEU E 200 -17.67 -35.48 -1.46
CA LEU E 200 -18.62 -34.46 -1.88
C LEU E 200 -17.87 -33.29 -2.53
N ASP E 201 -17.15 -33.62 -3.61
CA ASP E 201 -16.30 -32.64 -4.26
C ASP E 201 -17.09 -31.45 -4.76
N HIS E 202 -16.43 -30.30 -4.85
CA HIS E 202 -17.06 -29.10 -5.39
C HIS E 202 -17.41 -29.29 -6.86
N TYR E 203 -16.42 -29.62 -7.69
CA TYR E 203 -16.59 -29.61 -9.13
C TYR E 203 -17.51 -30.73 -9.62
N LEU E 204 -17.41 -31.92 -9.02
CA LEU E 204 -18.04 -33.11 -9.55
C LEU E 204 -19.18 -33.54 -8.65
N ASP E 205 -20.32 -33.89 -9.28
CA ASP E 205 -21.45 -34.42 -8.52
C ASP E 205 -21.27 -35.91 -8.22
N VAL E 206 -20.33 -36.58 -8.89
CA VAL E 206 -20.07 -37.99 -8.64
C VAL E 206 -19.30 -38.12 -7.32
N PRO E 207 -19.85 -38.83 -6.33
CA PRO E 207 -19.15 -38.95 -5.05
C PRO E 207 -17.76 -39.52 -5.21
N VAL E 208 -16.74 -38.72 -4.89
CA VAL E 208 -15.36 -39.12 -5.14
C VAL E 208 -15.07 -40.41 -4.40
N ASP E 209 -14.80 -41.47 -5.15
CA ASP E 209 -14.45 -42.76 -4.57
C ASP E 209 -13.11 -42.62 -3.86
N LEU E 210 -13.13 -42.70 -2.53
CA LEU E 210 -11.91 -42.67 -1.74
C LEU E 210 -11.95 -43.65 -0.59
N SER E 211 -12.93 -44.56 -0.55
CA SER E 211 -12.98 -45.59 0.48
C SER E 211 -11.70 -46.40 0.50
N LYS E 212 -11.25 -46.85 -0.67
CA LYS E 212 -10.00 -47.59 -0.80
C LYS E 212 -8.88 -46.76 -1.40
N VAL E 213 -9.20 -45.62 -2.01
CA VAL E 213 -8.16 -44.70 -2.46
C VAL E 213 -7.51 -44.06 -1.24
N LEU E 214 -6.18 -44.10 -1.20
CA LEU E 214 -5.43 -43.82 0.02
C LEU E 214 -4.53 -42.61 -0.19
N PHE E 215 -4.20 -41.97 0.93
CA PHE E 215 -3.32 -40.81 0.94
C PHE E 215 -2.20 -41.08 1.93
N ILE E 216 -0.96 -41.03 1.45
CA ILE E 216 0.21 -41.16 2.30
C ILE E 216 0.84 -39.77 2.38
N CYS E 217 0.96 -39.23 3.59
CA CYS E 217 1.47 -37.88 3.77
C CYS E 217 2.86 -37.93 4.39
N THR E 218 3.58 -36.82 4.28
CA THR E 218 4.96 -36.81 4.73
C THR E 218 5.35 -35.42 5.23
N ALA E 219 6.15 -35.41 6.29
CA ALA E 219 6.72 -34.18 6.83
C ALA E 219 8.06 -34.51 7.46
N ASN E 220 8.63 -33.53 8.17
CA ASN E 220 9.77 -33.75 9.04
C ASN E 220 9.47 -33.52 10.51
N VAL E 221 8.47 -32.71 10.81
CA VAL E 221 8.17 -32.29 12.17
C VAL E 221 6.66 -32.25 12.33
N THR E 222 6.19 -32.65 13.52
CA THR E 222 4.76 -32.74 13.78
C THR E 222 4.20 -31.60 14.60
N ASP E 223 5.06 -30.72 15.14
CA ASP E 223 4.57 -29.61 15.94
C ASP E 223 3.64 -28.70 15.16
N THR E 224 3.83 -28.64 13.84
CA THR E 224 2.87 -27.94 12.99
C THR E 224 1.72 -28.85 12.61
N ILE E 225 1.92 -30.16 12.64
CA ILE E 225 0.90 -31.10 12.17
C ILE E 225 -0.27 -31.09 13.14
N PRO E 226 -1.51 -31.06 12.65
CA PRO E 226 -2.67 -31.08 13.55
C PRO E 226 -3.13 -32.50 13.88
N GLU E 227 -3.74 -32.64 15.04
CA GLU E 227 -4.39 -33.90 15.41
C GLU E 227 -5.45 -34.36 14.41
N PRO E 228 -6.35 -33.50 13.90
CA PRO E 228 -7.31 -33.97 12.89
C PRO E 228 -6.68 -34.67 11.70
N LEU E 229 -5.37 -34.53 11.49
CA LEU E 229 -4.68 -35.26 10.44
C LEU E 229 -3.83 -36.40 10.98
N ARG E 230 -3.11 -36.16 12.09
CA ARG E 230 -2.25 -37.21 12.64
C ARG E 230 -3.07 -38.34 13.23
N ASP E 231 -4.01 -38.03 14.13
CA ASP E 231 -4.85 -39.08 14.70
C ASP E 231 -5.64 -39.81 13.63
N ARG E 232 -5.71 -39.26 12.42
CA ARG E 232 -6.28 -39.92 11.26
C ARG E 232 -5.29 -40.85 10.57
N MET E 233 -4.03 -40.43 10.42
CA MET E 233 -3.03 -41.20 9.71
C MET E 233 -1.92 -41.64 10.66
N GLU E 234 -1.70 -42.95 10.73
CA GLU E 234 -0.61 -43.54 11.51
C GLU E 234 0.70 -42.78 11.29
N MET E 235 1.32 -42.38 12.39
CA MET E 235 2.61 -41.70 12.35
C MET E 235 3.71 -42.73 12.34
N ILE E 236 4.52 -42.72 11.28
CA ILE E 236 5.61 -43.67 11.11
C ILE E 236 6.92 -42.89 11.11
N ASN E 237 7.95 -43.48 11.71
CA ASN E 237 9.26 -42.87 11.75
C ASN E 237 10.10 -43.32 10.56
N VAL E 238 10.92 -42.39 10.06
CA VAL E 238 12.00 -42.72 9.13
C VAL E 238 13.22 -41.96 9.63
N SER E 239 14.23 -42.68 10.09
CA SER E 239 15.41 -42.09 10.68
C SER E 239 16.60 -42.17 9.73
N GLY E 240 17.60 -41.35 10.01
CA GLY E 240 18.78 -41.29 9.18
C GLY E 240 19.61 -42.55 9.25
N TYR E 241 20.82 -42.45 8.74
CA TYR E 241 21.74 -43.58 8.69
C TYR E 241 23.00 -43.25 9.48
N VAL E 242 23.91 -44.22 9.50
CA VAL E 242 25.18 -44.08 10.20
C VAL E 242 26.28 -44.24 9.15
N ALA E 243 27.53 -44.23 9.58
CA ALA E 243 28.64 -44.28 8.63
C ALA E 243 28.54 -45.51 7.74
N GLN E 244 28.42 -46.70 8.34
CA GLN E 244 28.37 -47.92 7.54
C GLN E 244 27.10 -48.00 6.71
N GLU E 245 25.98 -47.54 7.27
CA GLU E 245 24.72 -47.59 6.52
C GLU E 245 24.78 -46.71 5.28
N LYS E 246 25.33 -45.49 5.44
CA LYS E 246 25.51 -44.61 4.30
C LYS E 246 26.48 -45.19 3.29
N LEU E 247 27.57 -45.79 3.77
CA LEU E 247 28.52 -46.41 2.86
C LEU E 247 27.87 -47.52 2.05
N ALA E 248 27.03 -48.32 2.69
CA ALA E 248 26.31 -49.37 1.98
C ALA E 248 25.37 -48.78 0.94
N ILE E 249 24.59 -47.77 1.32
CA ILE E 249 23.65 -47.17 0.37
C ILE E 249 24.40 -46.60 -0.81
N ALA E 250 25.56 -46.00 -0.57
CA ALA E 250 26.31 -45.40 -1.65
C ALA E 250 26.89 -46.45 -2.57
N GLU E 251 27.44 -47.53 -2.02
CA GLU E 251 28.01 -48.57 -2.87
C GLU E 251 26.93 -49.32 -3.63
N ARG E 252 25.71 -49.36 -3.10
CA ARG E 252 24.66 -50.17 -3.72
C ARG E 252 23.85 -49.36 -4.73
N TYR E 253 23.21 -48.30 -4.30
CA TYR E 253 22.27 -47.57 -5.15
C TYR E 253 22.86 -46.31 -5.76
N LEU E 254 23.50 -45.47 -4.93
CA LEU E 254 23.85 -44.12 -5.35
C LEU E 254 24.82 -44.12 -6.53
N VAL E 255 25.93 -44.82 -6.39
CA VAL E 255 26.99 -44.73 -7.39
C VAL E 255 26.56 -45.38 -8.71
N PRO E 256 25.94 -46.57 -8.71
CA PRO E 256 25.38 -47.07 -9.97
C PRO E 256 24.34 -46.14 -10.58
N GLN E 257 23.45 -45.57 -9.78
CA GLN E 257 22.44 -44.66 -10.33
C GLN E 257 23.09 -43.46 -11.00
N ALA E 258 24.08 -42.87 -10.34
CA ALA E 258 24.77 -41.72 -10.91
C ALA E 258 25.57 -42.09 -12.15
N ARG E 259 26.18 -43.27 -12.17
CA ARG E 259 26.84 -43.72 -13.39
C ARG E 259 25.85 -43.85 -14.53
N ALA E 260 24.68 -44.41 -14.25
CA ALA E 260 23.68 -44.59 -15.30
C ALA E 260 23.19 -43.24 -15.82
N LEU E 261 23.13 -42.24 -14.94
CA LEU E 261 22.71 -40.93 -15.39
C LEU E 261 23.81 -40.24 -16.20
N CYS E 262 25.04 -40.23 -15.69
CA CYS E 262 26.17 -39.60 -16.35
C CYS E 262 26.74 -40.44 -17.49
N GLY E 263 26.11 -41.57 -17.82
CA GLY E 263 26.57 -42.40 -18.90
C GLY E 263 27.84 -43.18 -18.64
N LEU E 264 28.54 -42.89 -17.55
CA LEU E 264 29.77 -43.61 -17.23
C LEU E 264 29.47 -45.07 -16.92
N ASP E 265 30.29 -45.95 -17.48
CA ASP E 265 30.19 -47.37 -17.21
C ASP E 265 31.14 -47.75 -16.07
N GLU E 266 30.81 -48.87 -15.40
CA GLU E 266 31.62 -49.32 -14.28
C GLU E 266 33.01 -49.76 -14.71
N SER E 267 33.34 -49.67 -15.99
CA SER E 267 34.66 -50.01 -16.49
C SER E 267 35.62 -48.84 -16.48
N LYS E 268 35.12 -47.61 -16.49
CA LYS E 268 35.98 -46.42 -16.51
C LYS E 268 35.87 -45.56 -15.26
N ALA E 269 34.70 -45.50 -14.64
CA ALA E 269 34.48 -44.68 -13.44
C ALA E 269 34.27 -45.61 -12.26
N LYS E 270 35.33 -45.82 -11.47
CA LYS E 270 35.27 -46.70 -10.31
C LYS E 270 35.76 -45.96 -9.08
N LEU E 271 34.97 -46.00 -8.02
CA LEU E 271 35.26 -45.29 -6.78
C LEU E 271 35.71 -46.30 -5.72
N SER E 272 36.75 -45.96 -4.98
CA SER E 272 37.23 -46.83 -3.92
C SER E 272 36.33 -46.72 -2.69
N SER E 273 36.16 -47.84 -2.00
CA SER E 273 35.31 -47.86 -0.81
C SER E 273 35.87 -46.95 0.27
N ASP E 274 37.19 -46.92 0.44
CA ASP E 274 37.78 -46.02 1.42
C ASP E 274 37.62 -44.57 1.00
N VAL E 275 37.67 -44.30 -0.30
CA VAL E 275 37.33 -42.96 -0.77
C VAL E 275 35.92 -42.60 -0.36
N LEU E 276 34.98 -43.54 -0.49
CA LEU E 276 33.60 -43.26 -0.11
C LEU E 276 33.47 -42.96 1.37
N THR E 277 34.17 -43.73 2.21
CA THR E 277 34.07 -43.47 3.64
C THR E 277 34.72 -42.16 4.02
N LEU E 278 35.86 -41.84 3.38
CA LEU E 278 36.48 -40.54 3.57
C LEU E 278 35.52 -39.43 3.18
N LEU E 279 34.76 -39.64 2.11
CA LEU E 279 33.77 -38.66 1.69
C LEU E 279 32.71 -38.47 2.76
N ILE E 280 32.08 -39.57 3.19
CA ILE E 280 31.05 -39.49 4.22
C ILE E 280 31.57 -38.81 5.48
N LYS E 281 32.85 -38.98 5.79
CA LYS E 281 33.37 -38.41 7.03
C LYS E 281 33.74 -36.94 6.89
N GLN E 282 34.26 -36.52 5.74
CA GLN E 282 34.81 -35.18 5.63
C GLN E 282 33.94 -34.19 4.87
N TYR E 283 33.14 -34.64 3.91
CA TYR E 283 32.48 -33.71 3.00
C TYR E 283 31.01 -33.53 3.28
N CYS E 284 30.47 -34.17 4.31
CA CYS E 284 29.04 -34.13 4.54
C CYS E 284 28.75 -34.08 6.03
N ARG E 285 27.64 -33.47 6.39
CA ARG E 285 27.24 -33.46 7.79
C ARG E 285 25.82 -33.96 8.00
N GLU E 286 24.90 -33.65 7.09
CA GLU E 286 23.50 -34.02 7.26
C GLU E 286 23.34 -35.53 7.45
N SER E 287 22.19 -35.91 7.98
CA SER E 287 21.94 -37.31 8.30
C SER E 287 21.47 -38.12 7.09
N GLY E 288 21.05 -37.47 6.01
CA GLY E 288 20.57 -38.17 4.83
C GLY E 288 21.68 -38.57 3.89
N VAL E 289 21.37 -38.57 2.59
CA VAL E 289 22.36 -38.87 1.58
C VAL E 289 22.34 -37.85 0.45
N ARG E 290 21.70 -36.70 0.67
CA ARG E 290 21.64 -35.67 -0.36
C ARG E 290 23.05 -35.21 -0.74
N ASN E 291 23.80 -34.71 0.24
CA ASN E 291 25.13 -34.23 -0.05
C ASN E 291 26.04 -35.33 -0.57
N LEU E 292 25.85 -36.56 -0.09
CA LEU E 292 26.67 -37.66 -0.58
C LEU E 292 26.39 -37.93 -2.05
N GLN E 293 25.12 -37.91 -2.44
CA GLN E 293 24.77 -38.09 -3.84
C GLN E 293 25.36 -36.98 -4.69
N LYS E 294 25.25 -35.75 -4.23
CA LYS E 294 25.78 -34.64 -5.03
C LYS E 294 27.30 -34.70 -5.11
N GLN E 295 27.97 -35.13 -4.05
CA GLN E 295 29.43 -35.28 -4.12
C GLN E 295 29.83 -36.40 -5.06
N VAL E 296 29.11 -37.52 -5.05
CA VAL E 296 29.52 -38.62 -5.91
C VAL E 296 29.23 -38.29 -7.37
N GLU E 297 28.12 -37.60 -7.65
CA GLU E 297 27.92 -37.23 -9.04
C GLU E 297 28.89 -36.14 -9.46
N LYS E 298 29.33 -35.30 -8.53
CA LYS E 298 30.36 -34.32 -8.84
C LYS E 298 31.65 -35.00 -9.24
N VAL E 299 32.14 -35.92 -8.39
CA VAL E 299 33.39 -36.60 -8.71
C VAL E 299 33.23 -37.44 -9.96
N LEU E 300 32.03 -37.96 -10.22
CA LEU E 300 31.80 -38.74 -11.42
C LEU E 300 31.94 -37.86 -12.66
N ARG E 301 31.31 -36.69 -12.66
CA ARG E 301 31.39 -35.85 -13.85
C ARG E 301 32.78 -35.25 -14.04
N LYS E 302 33.47 -34.93 -12.95
CA LYS E 302 34.84 -34.43 -13.10
C LYS E 302 35.76 -35.52 -13.65
N SER E 303 35.61 -36.76 -13.17
CA SER E 303 36.35 -37.86 -13.78
C SER E 303 35.93 -38.10 -15.22
N ALA E 304 34.65 -37.86 -15.53
CA ALA E 304 34.21 -38.00 -16.91
C ALA E 304 34.95 -37.03 -17.82
N TYR E 305 35.09 -35.78 -17.39
CA TYR E 305 35.86 -34.83 -18.16
C TYR E 305 37.33 -35.23 -18.22
N LYS E 306 37.88 -35.71 -17.10
CA LYS E 306 39.29 -36.11 -17.10
C LYS E 306 39.54 -37.27 -18.06
N ILE E 307 38.51 -38.06 -18.34
CA ILE E 307 38.62 -39.12 -19.35
C ILE E 307 38.49 -38.53 -20.76
N VAL E 308 37.33 -37.94 -21.07
CA VAL E 308 37.04 -37.54 -22.43
C VAL E 308 38.02 -36.48 -22.91
N SER E 309 38.66 -35.77 -21.99
CA SER E 309 39.71 -34.85 -22.38
C SER E 309 41.00 -35.55 -22.77
N GLY E 310 40.98 -36.89 -22.86
CA GLY E 310 42.17 -37.63 -23.21
C GLY E 310 43.23 -37.66 -22.13
N GLU E 311 43.04 -36.94 -21.03
CA GLU E 311 44.06 -36.90 -19.98
C GLU E 311 44.27 -38.27 -19.35
N ALA E 312 43.28 -39.15 -19.46
CA ALA E 312 43.42 -40.53 -18.98
C ALA E 312 42.34 -41.37 -19.63
N GLU E 313 42.72 -42.58 -20.06
CA GLU E 313 41.74 -43.47 -20.66
C GLU E 313 40.79 -44.03 -19.61
N SER E 314 41.29 -44.28 -18.40
CA SER E 314 40.46 -44.72 -17.29
C SER E 314 41.12 -44.27 -16.00
N VAL E 315 40.39 -43.54 -15.18
CA VAL E 315 40.93 -42.96 -13.96
C VAL E 315 40.36 -43.73 -12.78
N GLU E 316 41.16 -43.81 -11.71
CA GLU E 316 40.76 -44.50 -10.49
C GLU E 316 40.87 -43.53 -9.32
N VAL E 317 39.79 -43.43 -8.54
CA VAL E 317 39.65 -42.38 -7.53
C VAL E 317 40.21 -42.93 -6.21
N THR E 318 41.47 -42.80 -6.05
CA THR E 318 42.06 -43.22 -4.80
C THR E 318 42.11 -42.06 -3.82
N PRO E 319 41.98 -42.33 -2.51
CA PRO E 319 42.05 -41.24 -1.53
C PRO E 319 43.35 -40.46 -1.54
N GLU E 320 44.34 -40.86 -2.33
CA GLU E 320 45.53 -40.02 -2.48
C GLU E 320 45.26 -38.83 -3.39
N ASN E 321 44.34 -38.96 -4.35
CA ASN E 321 44.07 -37.93 -5.34
C ASN E 321 42.59 -37.56 -5.32
N LEU E 322 42.05 -37.33 -4.13
CA LEU E 322 40.66 -36.89 -4.03
C LEU E 322 40.54 -35.38 -4.24
N GLN E 323 41.54 -34.63 -3.77
CA GLN E 323 41.52 -33.18 -3.95
C GLN E 323 41.38 -32.81 -5.43
N ASP E 324 42.01 -33.58 -6.32
CA ASP E 324 41.92 -33.29 -7.74
C ASP E 324 40.52 -33.53 -8.30
N PHE E 325 39.60 -34.02 -7.49
CA PHE E 325 38.22 -34.25 -7.91
C PHE E 325 37.22 -33.38 -7.18
N VAL E 326 37.37 -33.22 -5.87
CA VAL E 326 36.36 -32.55 -5.07
C VAL E 326 36.91 -31.33 -4.33
N GLY E 327 38.11 -31.44 -3.77
CA GLY E 327 38.74 -30.34 -3.07
C GLY E 327 39.05 -30.69 -1.64
N LYS E 328 39.48 -29.67 -0.89
CA LYS E 328 39.93 -29.89 0.47
C LYS E 328 38.81 -30.45 1.34
N PRO E 329 39.15 -31.26 2.34
CA PRO E 329 38.13 -31.72 3.28
C PRO E 329 37.44 -30.55 3.96
N VAL E 330 36.11 -30.62 4.00
CA VAL E 330 35.31 -29.50 4.50
C VAL E 330 35.18 -29.56 6.01
N PHE E 331 34.59 -30.63 6.51
CA PHE E 331 34.35 -30.80 7.95
C PHE E 331 35.47 -31.66 8.49
N THR E 332 36.52 -31.03 9.01
CA THR E 332 37.68 -31.75 9.51
C THR E 332 37.77 -31.74 11.03
N VAL E 333 36.70 -31.33 11.72
CA VAL E 333 36.61 -31.47 13.16
C VAL E 333 35.24 -32.07 13.50
N GLU E 334 35.23 -33.03 14.41
CA GLU E 334 33.99 -33.71 14.75
C GLU E 334 33.13 -32.90 15.71
N ARG E 335 33.74 -32.14 16.61
CA ARG E 335 32.98 -31.34 17.56
C ARG E 335 33.89 -30.29 18.16
N MET E 336 33.30 -29.16 18.53
CA MET E 336 34.03 -27.97 18.96
C MET E 336 34.56 -28.07 20.38
N TYR E 337 34.49 -29.24 21.01
CA TYR E 337 35.06 -29.41 22.34
C TYR E 337 35.47 -30.87 22.50
N ASP E 338 36.75 -31.15 22.24
CA ASP E 338 37.27 -32.46 22.53
C ASP E 338 37.53 -32.61 24.03
N VAL E 339 38.10 -31.60 24.65
CA VAL E 339 38.39 -31.61 26.08
C VAL E 339 37.55 -30.50 26.71
N THR E 340 36.46 -30.92 27.34
CA THR E 340 35.47 -30.00 27.87
C THR E 340 36.06 -29.16 29.01
N PRO E 341 35.93 -27.84 28.97
CA PRO E 341 36.33 -27.00 30.11
C PRO E 341 35.29 -27.03 31.21
N PRO E 342 35.51 -26.33 32.33
CA PRO E 342 34.57 -26.44 33.46
C PRO E 342 33.10 -26.25 33.12
N GLY E 343 32.71 -25.12 32.53
CA GLY E 343 31.30 -24.81 32.40
C GLY E 343 30.54 -25.60 31.37
N VAL E 344 31.15 -25.88 30.22
CA VAL E 344 30.43 -26.44 29.09
C VAL E 344 30.13 -27.91 29.33
N VAL E 345 29.05 -28.39 28.72
CA VAL E 345 28.60 -29.76 28.88
C VAL E 345 27.92 -30.20 27.59
N MET E 346 28.33 -31.35 27.06
CA MET E 346 27.74 -31.85 25.83
C MET E 346 26.29 -32.27 26.06
N GLY E 347 25.52 -32.29 24.99
CA GLY E 347 24.13 -32.68 25.07
C GLY E 347 23.62 -33.08 23.72
N LEU E 348 22.61 -33.93 23.71
CA LEU E 348 22.02 -34.39 22.46
C LEU E 348 20.71 -33.66 22.22
N ALA E 349 20.36 -33.49 20.95
CA ALA E 349 19.12 -32.80 20.62
C ALA E 349 18.51 -33.40 19.38
N TRP E 350 17.19 -33.41 19.36
CA TRP E 350 16.40 -33.98 18.26
C TRP E 350 15.93 -32.87 17.32
N THR E 351 16.90 -32.23 16.66
CA THR E 351 16.62 -31.10 15.79
C THR E 351 15.72 -31.53 14.63
N ALA E 352 15.11 -30.53 13.99
CA ALA E 352 14.27 -30.81 12.83
C ALA E 352 15.06 -31.50 11.73
N MET E 353 16.36 -31.26 11.65
CA MET E 353 17.18 -31.90 10.64
C MET E 353 17.67 -33.27 11.07
N GLY E 354 17.49 -33.65 12.32
CA GLY E 354 17.91 -34.93 12.82
C GLY E 354 18.63 -34.77 14.14
N GLY E 355 19.40 -35.79 14.52
CA GLY E 355 20.14 -35.73 15.76
C GLY E 355 21.32 -34.77 15.65
N SER E 356 21.56 -34.04 16.73
CA SER E 356 22.68 -33.10 16.74
C SER E 356 23.30 -33.06 18.12
N THR E 357 24.57 -32.68 18.15
CA THR E 357 25.39 -32.66 19.35
C THR E 357 25.63 -31.20 19.75
N LEU E 358 24.80 -30.69 20.66
CA LEU E 358 24.93 -29.32 21.13
C LEU E 358 25.80 -29.26 22.38
N PHE E 359 26.13 -28.05 22.78
CA PHE E 359 26.93 -27.81 23.98
C PHE E 359 26.30 -26.70 24.80
N VAL E 360 25.95 -27.00 26.03
CA VAL E 360 25.42 -26.00 26.95
C VAL E 360 26.58 -25.32 27.64
N GLU E 361 26.51 -23.99 27.77
CA GLU E 361 27.62 -23.23 28.31
C GLU E 361 27.16 -22.33 29.44
N THR E 362 28.00 -22.21 30.47
CA THR E 362 27.73 -21.33 31.58
C THR E 362 28.95 -20.48 31.87
N SER E 363 28.71 -19.23 32.23
CA SER E 363 29.80 -18.29 32.43
C SER E 363 29.49 -17.38 33.61
N LEU E 364 30.55 -16.98 34.30
CA LEU E 364 30.45 -16.04 35.41
C LEU E 364 30.39 -14.63 34.86
N ARG E 365 29.27 -13.95 35.09
CA ARG E 365 28.97 -12.69 34.44
C ARG E 365 29.36 -11.48 35.25
N ARG E 366 29.09 -11.47 36.55
CA ARG E 366 29.59 -10.44 37.44
C ARG E 366 30.50 -11.08 38.48
N PRO E 367 31.46 -10.32 39.02
CA PRO E 367 32.43 -10.93 39.95
C PRO E 367 31.76 -11.56 41.15
N GLN E 368 32.27 -12.73 41.54
CA GLN E 368 31.63 -13.49 42.60
C GLN E 368 31.82 -12.81 43.95
N ASP E 369 33.06 -12.68 44.40
CA ASP E 369 33.33 -12.11 45.70
C ASP E 369 32.98 -10.62 45.73
N LYS E 370 32.20 -10.23 46.73
CA LYS E 370 31.73 -8.85 46.83
C LYS E 370 31.82 -8.34 48.27
N ASP E 375 20.97 -10.69 51.81
CA ASP E 375 21.39 -12.01 51.37
C ASP E 375 22.23 -11.97 50.09
N LYS E 376 22.14 -10.86 49.36
CA LYS E 376 22.91 -10.66 48.12
C LYS E 376 22.61 -11.78 47.11
N ASP E 377 21.36 -11.77 46.63
CA ASP E 377 20.84 -12.78 45.72
C ASP E 377 21.72 -13.01 44.50
N GLY E 378 21.56 -14.16 43.86
CA GLY E 378 22.15 -14.41 42.57
C GLY E 378 21.14 -14.24 41.45
N SER E 379 21.57 -14.55 40.25
CA SER E 379 20.70 -14.38 39.08
C SER E 379 21.16 -15.33 37.99
N LEU E 380 20.31 -15.48 36.98
CA LEU E 380 20.62 -16.30 35.83
C LEU E 380 20.08 -15.62 34.57
N GLU E 381 20.96 -15.47 33.58
CA GLU E 381 20.59 -14.95 32.28
C GLU E 381 20.63 -16.09 31.28
N VAL E 382 19.59 -16.24 30.48
CA VAL E 382 19.46 -17.37 29.59
C VAL E 382 19.26 -16.86 28.17
N THR E 383 20.10 -17.29 27.24
CA THR E 383 20.00 -16.94 25.84
C THR E 383 19.78 -18.19 25.00
N GLY E 384 19.36 -17.99 23.76
CA GLY E 384 19.11 -19.10 22.88
C GLY E 384 17.71 -19.14 22.28
N GLN E 385 17.06 -17.98 22.17
CA GLN E 385 15.75 -17.84 21.55
C GLN E 385 14.76 -18.87 22.10
N LEU E 386 14.54 -18.80 23.40
CA LEU E 386 13.73 -19.79 24.06
C LEU E 386 12.26 -19.41 24.00
N GLY E 387 11.41 -20.44 24.09
CA GLY E 387 9.99 -20.27 24.27
C GLY E 387 9.63 -20.35 25.74
N GLU E 388 8.33 -20.22 25.99
CA GLU E 388 7.84 -20.20 27.37
C GLU E 388 8.18 -21.49 28.09
N VAL E 389 7.98 -22.63 27.43
CA VAL E 389 8.27 -23.91 28.06
C VAL E 389 9.76 -24.04 28.35
N MET E 390 10.61 -23.51 27.47
CA MET E 390 12.05 -23.64 27.69
C MET E 390 12.54 -22.69 28.78
N LYS E 391 11.99 -21.47 28.83
CA LYS E 391 12.26 -20.61 29.96
C LYS E 391 11.85 -21.28 31.26
N GLU E 392 10.69 -21.94 31.26
CA GLU E 392 10.23 -22.64 32.45
C GLU E 392 11.21 -23.73 32.86
N SER E 393 11.61 -24.57 31.91
CA SER E 393 12.53 -25.66 32.21
C SER E 393 13.87 -25.14 32.68
N ALA E 394 14.33 -24.01 32.14
CA ALA E 394 15.59 -23.43 32.59
C ALA E 394 15.48 -22.91 34.01
N ARG E 395 14.36 -22.25 34.33
CA ARG E 395 14.12 -21.82 35.70
C ARG E 395 14.09 -23.00 36.65
N ILE E 396 13.47 -24.11 36.24
CA ILE E 396 13.35 -25.27 37.12
C ILE E 396 14.71 -25.91 37.32
N ALA E 397 15.51 -25.98 36.26
CA ALA E 397 16.87 -26.47 36.40
C ALA E 397 17.69 -25.58 37.32
N TYR E 398 17.46 -24.27 37.27
CA TYR E 398 18.15 -23.36 38.17
C TYR E 398 17.78 -23.62 39.62
N THR E 399 16.47 -23.75 39.90
CA THR E 399 16.04 -24.09 41.25
C THR E 399 16.65 -25.39 41.72
N PHE E 400 16.60 -26.42 40.88
CA PHE E 400 17.08 -27.73 41.33
C PHE E 400 18.60 -27.75 41.47
N ALA E 401 19.32 -26.96 40.69
CA ALA E 401 20.75 -26.86 40.88
C ALA E 401 21.08 -26.16 42.18
N ARG E 402 20.33 -25.10 42.50
CA ARG E 402 20.47 -24.49 43.82
C ARG E 402 20.21 -25.51 44.92
N ALA E 403 19.19 -26.34 44.75
CA ALA E 403 18.88 -27.38 45.72
C ALA E 403 20.04 -28.37 45.85
N PHE E 404 20.34 -29.08 44.76
CA PHE E 404 21.38 -30.10 44.79
C PHE E 404 22.76 -29.55 45.11
N LEU E 405 22.94 -28.23 45.09
CA LEU E 405 24.14 -27.67 45.65
C LEU E 405 24.01 -27.41 47.15
N MET E 406 22.81 -27.06 47.60
CA MET E 406 22.58 -26.90 49.04
C MET E 406 22.79 -28.22 49.76
N GLN E 407 22.12 -29.28 49.29
CA GLN E 407 22.26 -30.58 49.93
C GLN E 407 23.56 -31.24 49.49
N HIS E 408 24.21 -31.89 50.45
CA HIS E 408 25.50 -32.57 50.31
C HIS E 408 26.61 -31.66 49.83
N ALA E 409 26.41 -30.34 49.85
CA ALA E 409 27.49 -29.40 49.62
C ALA E 409 27.14 -28.06 50.28
N PRO E 410 26.92 -28.04 51.59
CA PRO E 410 26.35 -26.84 52.21
C PRO E 410 27.37 -25.72 52.42
N ALA E 411 28.66 -26.03 52.53
CA ALA E 411 29.66 -25.00 52.67
C ALA E 411 29.76 -24.11 51.44
N ASN E 412 29.07 -24.46 50.36
CA ASN E 412 29.15 -23.74 49.11
C ASN E 412 28.15 -22.59 49.08
N ASP E 413 28.53 -21.51 48.39
CA ASP E 413 27.66 -20.34 48.29
C ASP E 413 27.58 -19.83 46.85
N TYR E 414 27.67 -20.72 45.87
CA TYR E 414 27.90 -20.28 44.50
C TYR E 414 26.58 -20.05 43.76
N LEU E 415 25.74 -21.07 43.66
CA LEU E 415 24.51 -20.94 42.89
C LEU E 415 23.50 -20.02 43.57
N VAL E 416 23.76 -19.60 44.81
CA VAL E 416 22.82 -18.74 45.50
C VAL E 416 23.27 -17.29 45.50
N THR E 417 24.58 -17.04 45.47
CA THR E 417 25.12 -15.71 45.64
C THR E 417 26.05 -15.34 44.51
N SER E 418 25.70 -15.71 43.28
CA SER E 418 26.53 -15.38 42.14
C SER E 418 25.65 -15.21 40.90
N HIS E 419 26.04 -14.27 40.04
CA HIS E 419 25.33 -13.96 38.81
C HIS E 419 25.98 -14.72 37.66
N ILE E 420 25.18 -15.50 36.93
CA ILE E 420 25.71 -16.38 35.92
C ILE E 420 24.88 -16.27 34.66
N HIS E 421 25.55 -16.41 33.52
CA HIS E 421 24.92 -16.44 32.21
C HIS E 421 24.90 -17.88 31.72
N LEU E 422 23.80 -18.25 31.07
CA LEU E 422 23.60 -19.62 30.62
C LEU E 422 23.14 -19.59 29.16
N HIS E 423 23.94 -20.19 28.28
CA HIS E 423 23.60 -20.32 26.88
C HIS E 423 23.24 -21.77 26.60
N VAL E 424 22.08 -21.97 25.97
CA VAL E 424 21.66 -23.27 25.47
C VAL E 424 21.38 -23.12 23.97
N PRO E 425 22.21 -23.71 23.11
CA PRO E 425 22.12 -23.43 21.68
C PRO E 425 20.75 -23.77 21.11
N GLU E 426 20.46 -23.17 19.96
CA GLU E 426 19.11 -23.06 19.44
C GLU E 426 18.68 -24.26 18.60
N GLY E 427 19.33 -25.40 18.79
CA GLY E 427 19.06 -26.55 17.94
C GLY E 427 17.67 -27.14 18.01
N ALA E 428 17.32 -27.74 19.15
CA ALA E 428 16.22 -28.70 19.24
C ALA E 428 14.88 -28.08 18.84
N THR E 429 13.89 -28.95 18.66
CA THR E 429 12.55 -28.54 18.28
C THR E 429 11.86 -27.90 19.48
N PRO E 430 10.67 -27.33 19.27
CA PRO E 430 9.86 -26.93 20.43
C PRO E 430 9.65 -28.04 21.43
N LYS E 431 9.12 -29.19 20.97
CA LYS E 431 8.76 -30.25 21.90
C LYS E 431 9.99 -30.88 22.53
N ASP E 432 11.07 -31.03 21.76
CA ASP E 432 12.31 -31.56 22.31
C ASP E 432 13.04 -30.55 23.16
N GLY E 433 12.63 -29.28 23.11
CA GLY E 433 13.28 -28.20 23.81
C GLY E 433 13.61 -28.45 25.27
N PRO E 434 12.62 -28.86 26.07
CA PRO E 434 12.87 -29.05 27.49
C PRO E 434 13.53 -30.38 27.80
N SER E 435 14.08 -31.02 26.77
CA SER E 435 14.73 -32.30 26.91
C SER E 435 16.17 -32.20 27.40
N ALA E 436 16.60 -31.03 27.86
CA ALA E 436 17.99 -30.83 28.23
C ALA E 436 18.14 -30.31 29.65
N GLY E 437 17.13 -30.48 30.50
CA GLY E 437 17.25 -30.05 31.88
C GLY E 437 18.43 -30.67 32.59
N CYS E 438 18.69 -31.96 32.32
CA CYS E 438 19.85 -32.60 32.93
C CYS E 438 21.14 -31.96 32.45
N THR E 439 21.18 -31.54 31.18
CA THR E 439 22.37 -30.87 30.67
C THR E 439 22.55 -29.52 31.34
N ILE E 440 21.48 -28.76 31.48
CA ILE E 440 21.58 -27.47 32.16
C ILE E 440 22.06 -27.65 33.59
N VAL E 441 21.54 -28.66 34.28
CA VAL E 441 21.90 -28.87 35.67
C VAL E 441 23.35 -29.33 35.80
N THR E 442 23.77 -30.25 34.93
CA THR E 442 25.16 -30.68 34.94
C THR E 442 26.09 -29.52 34.66
N ALA E 443 25.70 -28.64 33.75
CA ALA E 443 26.54 -27.49 33.43
C ALA E 443 26.64 -26.54 34.61
N LEU E 444 25.50 -26.22 35.23
CA LEU E 444 25.52 -25.35 36.40
C LEU E 444 26.39 -25.91 37.51
N LEU E 445 26.26 -27.21 37.79
CA LEU E 445 27.04 -27.80 38.87
C LEU E 445 28.52 -27.91 38.50
N SER E 446 28.82 -28.17 37.24
CA SER E 446 30.22 -28.17 36.81
C SER E 446 30.84 -26.80 37.03
N LEU E 447 30.12 -25.75 36.64
CA LEU E 447 30.61 -24.40 36.89
C LEU E 447 30.78 -24.14 38.36
N ALA E 448 29.81 -24.59 39.17
CA ALA E 448 29.83 -24.31 40.59
C ALA E 448 31.02 -24.96 41.27
N MET E 449 31.16 -26.28 41.10
CA MET E 449 32.26 -27.00 41.71
C MET E 449 33.60 -26.72 41.04
N GLY E 450 33.61 -26.06 39.90
CA GLY E 450 34.86 -25.68 39.29
C GLY E 450 35.68 -26.86 38.80
N ARG E 451 35.01 -27.90 38.30
CA ARG E 451 35.67 -29.08 37.80
C ARG E 451 34.98 -29.49 36.50
N PRO E 452 35.74 -29.94 35.51
CA PRO E 452 35.15 -30.27 34.21
C PRO E 452 34.51 -31.64 34.23
N VAL E 453 33.63 -31.86 33.27
CA VAL E 453 32.96 -33.14 33.10
C VAL E 453 33.85 -34.05 32.27
N ARG E 454 33.70 -35.36 32.46
CA ARG E 454 34.58 -36.34 31.85
C ARG E 454 34.59 -36.23 30.33
N GLN E 455 35.53 -36.92 29.72
CA GLN E 455 35.96 -36.63 28.36
C GLN E 455 34.83 -36.66 27.33
N ASN E 456 34.26 -37.83 27.07
CA ASN E 456 33.27 -37.99 26.01
C ASN E 456 32.00 -38.52 26.64
N LEU E 457 31.16 -37.62 27.12
CA LEU E 457 29.91 -37.97 27.77
C LEU E 457 28.79 -37.09 27.24
N ALA E 458 27.73 -37.71 26.77
CA ALA E 458 26.56 -37.00 26.29
C ALA E 458 25.35 -37.44 27.10
N MET E 459 24.32 -36.61 27.10
CA MET E 459 23.17 -36.91 27.94
C MET E 459 21.96 -36.17 27.43
N THR E 460 20.79 -36.65 27.84
CA THR E 460 19.53 -35.97 27.61
C THR E 460 18.49 -36.56 28.53
N GLY E 461 17.43 -35.81 28.78
CA GLY E 461 16.36 -36.26 29.65
C GLY E 461 15.90 -35.18 30.60
N GLU E 462 14.59 -34.92 30.63
CA GLU E 462 14.09 -33.81 31.43
C GLU E 462 14.38 -34.04 32.91
N VAL E 463 14.22 -32.98 33.69
CA VAL E 463 14.42 -33.00 35.13
C VAL E 463 13.26 -32.26 35.77
N SER E 464 12.63 -32.88 36.76
CA SER E 464 11.56 -32.24 37.50
C SER E 464 12.12 -31.53 38.73
N LEU E 465 11.31 -30.62 39.28
CA LEU E 465 11.74 -29.84 40.44
C LEU E 465 12.19 -30.75 41.57
N THR E 466 11.49 -31.87 41.77
CA THR E 466 11.87 -32.84 42.78
C THR E 466 12.96 -33.80 42.29
N GLY E 467 13.29 -33.77 41.00
CA GLY E 467 14.34 -34.61 40.47
C GLY E 467 13.86 -35.74 39.56
N LYS E 468 12.58 -35.76 39.20
CA LYS E 468 12.09 -36.80 38.30
C LYS E 468 12.65 -36.63 36.91
N ILE E 469 13.50 -37.56 36.49
CA ILE E 469 14.02 -37.57 35.14
C ILE E 469 12.99 -38.25 34.23
N LEU E 470 12.41 -37.49 33.33
CA LEU E 470 11.33 -37.99 32.48
C LEU E 470 11.89 -38.73 31.27
N PRO E 471 11.05 -39.49 30.58
CA PRO E 471 11.47 -40.02 29.27
C PRO E 471 11.22 -38.99 28.18
N VAL E 472 12.14 -38.94 27.22
CA VAL E 472 12.19 -37.89 26.21
C VAL E 472 12.29 -38.52 24.83
N GLY E 473 11.46 -38.03 23.90
CA GLY E 473 11.40 -38.61 22.58
C GLY E 473 12.68 -38.40 21.79
N GLY E 474 12.72 -39.02 20.61
CA GLY E 474 13.86 -38.89 19.73
C GLY E 474 15.08 -39.62 20.23
N ILE E 475 15.05 -40.94 20.21
CA ILE E 475 16.14 -41.75 20.75
C ILE E 475 17.14 -42.12 19.68
N LYS E 476 16.66 -42.62 18.54
CA LYS E 476 17.56 -43.21 17.56
C LYS E 476 18.45 -42.16 16.91
N GLU E 477 17.85 -41.07 16.43
CA GLU E 477 18.65 -40.04 15.80
C GLU E 477 19.60 -39.39 16.80
N LYS E 478 19.19 -39.28 18.06
CA LYS E 478 20.07 -38.70 19.07
C LYS E 478 21.27 -39.60 19.31
N THR E 479 21.05 -40.91 19.41
CA THR E 479 22.16 -41.84 19.54
C THR E 479 23.06 -41.78 18.32
N ILE E 480 22.49 -41.59 17.14
CA ILE E 480 23.31 -41.48 15.93
C ILE E 480 24.16 -40.23 15.98
N ALA E 481 23.58 -39.11 16.40
CA ALA E 481 24.35 -37.89 16.57
C ALA E 481 25.53 -38.13 17.49
N ALA E 482 25.28 -38.82 18.61
CA ALA E 482 26.35 -39.10 19.55
C ALA E 482 27.45 -39.95 18.92
N LYS E 483 27.04 -41.02 18.23
CA LYS E 483 28.02 -41.92 17.63
C LYS E 483 28.81 -41.25 16.51
N ARG E 484 28.21 -40.27 15.84
CA ARG E 484 28.91 -39.54 14.79
C ARG E 484 29.88 -38.53 15.38
N ALA E 485 29.45 -37.81 16.42
CA ALA E 485 30.35 -36.87 17.08
C ALA E 485 31.48 -37.58 17.80
N GLY E 486 31.30 -38.83 18.19
CA GLY E 486 32.35 -39.56 18.86
C GLY E 486 32.18 -39.62 20.37
N VAL E 487 30.97 -39.94 20.81
CA VAL E 487 30.68 -40.03 22.23
C VAL E 487 30.83 -41.48 22.67
N THR E 488 31.52 -41.70 23.78
CA THR E 488 31.76 -43.05 24.27
C THR E 488 30.82 -43.47 25.38
N CYS E 489 30.21 -42.52 26.08
CA CYS E 489 29.31 -42.82 27.20
C CYS E 489 28.09 -41.92 27.09
N ILE E 490 26.92 -42.53 26.94
CA ILE E 490 25.67 -41.79 26.82
C ILE E 490 24.82 -42.11 28.04
N VAL E 491 24.14 -41.09 28.56
CA VAL E 491 23.40 -41.21 29.81
C VAL E 491 21.93 -40.93 29.57
N LEU E 492 21.19 -41.92 29.44
CA LEU E 492 19.79 -41.71 29.07
C LEU E 492 18.88 -42.19 30.20
N PRO E 493 17.71 -41.55 30.37
CA PRO E 493 16.70 -42.06 31.30
C PRO E 493 16.52 -43.57 31.23
N ALA E 494 16.50 -44.22 32.38
CA ALA E 494 16.32 -45.67 32.39
C ALA E 494 14.93 -46.10 31.94
N GLU E 495 14.03 -45.15 31.72
CA GLU E 495 12.69 -45.45 31.23
C GLU E 495 12.63 -45.59 29.70
N ASN E 496 13.77 -45.84 29.06
CA ASN E 496 13.84 -46.01 27.61
C ASN E 496 14.73 -47.19 27.25
N LYS E 497 14.65 -48.26 28.04
CA LYS E 497 15.61 -49.36 27.93
C LYS E 497 15.45 -50.10 26.62
N LYS E 498 14.28 -50.70 26.38
CA LYS E 498 14.09 -51.44 25.14
C LYS E 498 14.15 -50.51 23.93
N ASP E 499 13.65 -49.29 24.09
CA ASP E 499 13.69 -48.32 22.99
C ASP E 499 15.11 -48.01 22.57
N PHE E 500 16.06 -48.07 23.51
CA PHE E 500 17.46 -47.99 23.12
C PHE E 500 17.97 -49.34 22.60
N TYR E 501 17.41 -50.44 23.11
CA TYR E 501 18.03 -51.74 22.90
C TYR E 501 17.74 -52.32 21.52
N ASP E 502 16.57 -52.04 20.96
CA ASP E 502 16.22 -52.68 19.69
C ASP E 502 17.10 -52.24 18.51
N LEU E 503 18.05 -51.34 18.73
CA LEU E 503 18.79 -50.76 17.62
C LEU E 503 19.77 -51.76 17.02
N ALA E 504 20.34 -51.39 15.88
CA ALA E 504 21.22 -52.28 15.15
C ALA E 504 22.53 -52.47 15.91
N ALA E 505 23.34 -53.43 15.42
CA ALA E 505 24.60 -53.73 16.07
C ALA E 505 25.56 -52.55 15.98
N PHE E 506 25.87 -52.12 14.76
CA PHE E 506 26.76 -50.98 14.57
C PHE E 506 26.17 -49.69 15.13
N ILE E 507 24.86 -49.60 15.27
CA ILE E 507 24.25 -48.41 15.83
C ILE E 507 24.47 -48.34 17.33
N THR E 508 24.58 -49.49 18.00
CA THR E 508 24.92 -49.51 19.41
C THR E 508 26.20 -50.32 19.62
N GLU E 509 27.21 -50.03 18.80
CA GLU E 509 28.42 -50.85 18.78
C GLU E 509 29.20 -50.73 20.08
N GLY E 510 29.64 -49.52 20.42
CA GLY E 510 30.58 -49.36 21.51
C GLY E 510 30.23 -48.30 22.54
N LEU E 511 28.95 -48.20 22.90
CA LEU E 511 28.49 -47.20 23.85
C LEU E 511 28.51 -47.75 25.28
N GLU E 512 28.98 -46.94 26.21
CA GLU E 512 29.03 -47.30 27.64
C GLU E 512 27.79 -46.76 28.36
N VAL E 513 26.63 -47.19 27.89
CA VAL E 513 25.38 -46.55 28.29
C VAL E 513 25.14 -46.74 29.77
N HIS E 514 24.63 -45.69 30.42
CA HIS E 514 24.35 -45.68 31.86
C HIS E 514 22.93 -45.16 32.05
N PHE E 515 21.95 -46.06 31.99
CA PHE E 515 20.58 -45.65 32.23
C PHE E 515 20.41 -45.16 33.65
N VAL E 516 19.50 -44.20 33.85
CA VAL E 516 19.34 -43.51 35.13
C VAL E 516 17.88 -43.15 35.35
N GLU E 517 17.55 -42.85 36.61
CA GLU E 517 16.18 -42.52 37.00
C GLU E 517 16.10 -41.24 37.81
N HIS E 518 17.15 -40.95 38.58
CA HIS E 518 17.25 -39.72 39.35
C HIS E 518 18.56 -39.04 39.01
N TYR E 519 18.63 -37.74 39.28
CA TYR E 519 19.84 -37.02 38.91
C TYR E 519 21.04 -37.38 39.77
N ARG E 520 20.82 -38.03 40.92
CA ARG E 520 21.94 -38.40 41.78
C ARG E 520 22.93 -39.30 41.04
N GLU E 521 22.41 -40.32 40.35
CA GLU E 521 23.30 -41.22 39.63
C GLU E 521 23.95 -40.54 38.43
N ILE E 522 23.30 -39.55 37.83
CA ILE E 522 23.98 -38.75 36.80
C ILE E 522 25.17 -38.03 37.41
N PHE E 523 24.97 -37.40 38.57
CA PHE E 523 26.08 -36.74 39.23
C PHE E 523 27.21 -37.71 39.51
N ASP E 524 26.86 -38.91 39.99
CA ASP E 524 27.87 -39.89 40.39
C ASP E 524 28.54 -40.55 39.20
N ILE E 525 27.93 -40.54 38.03
CA ILE E 525 28.58 -41.11 36.86
C ILE E 525 29.38 -40.07 36.10
N ALA E 526 28.94 -38.80 36.10
CA ALA E 526 29.70 -37.76 35.44
C ALA E 526 30.95 -37.38 36.21
N PHE E 527 31.00 -37.71 37.50
CA PHE E 527 32.17 -37.44 38.31
C PHE E 527 32.63 -38.71 39.02
#